data_3KL5
#
_entry.id   3KL5
#
_cell.length_a   137.723
_cell.length_b   194.008
_cell.length_c   65.707
_cell.angle_alpha   90.00
_cell.angle_beta   90.00
_cell.angle_gamma   90.00
#
_symmetry.space_group_name_H-M   'P 21 21 2'
#
loop_
_entity.id
_entity.type
_entity.pdbx_description
1 polymer 'Glucuronoxylanase xynC'
2 branched '4-O-methyl-alpha-D-glucopyranuronic acid-(1-2)-beta-D-xylopyranose-(1-4)-beta-D-xylopyranose'
3 water water
#
_entity_poly.entity_id   1
_entity_poly.type   'polypeptide(L)'
_entity_poly.pdbx_seq_one_letter_code
;MASDVTVNVSAEKQVIRGFGGMNHPAWAGDLTAAQRETAFGNGQNQLGFSILRIHVDENRNNWYKEVETAKSAVKHGAIV
FASPWNPPSDMVETFNRNGDTSAKRLKYNKYAAYAQHLNDFVTFMKNNGVNLYAISVQNEPDYAHEWTWWTPQEILRFMR
ENAGSINARVIAPESFQYLKNLSDPILNDPQALANMDILGTHLYGTQVSQFPYPLFKQKGAGKDLWMTEVYYPNSDTNSA
DRWPEALDVSQHIHNAMVEGDFQAYVWWYIRRSYGPMKEDGTISKRGYNMAHFSKFVRPGYVRIDATKNPNANVYVSAYK
GDNKVVIVAINKSNTGVNQNFVLQNGSASNVSRWITSSSSNLQPGTNLTVSGNHFWAHLPAQSVTTFVVNRLEHHHHHHH
H
;
_entity_poly.pdbx_strand_id   A,B,C,D
#
loop_
_chem_comp.id
_chem_comp.type
_chem_comp.name
_chem_comp.formula
GCV D-saccharide, alpha linking '4-O-methyl-alpha-D-glucopyranuronic acid' 'C7 H12 O7'
XYP D-saccharide, beta linking beta-D-xylopyranose 'C5 H10 O5'
#
# COMPACT_ATOMS: atom_id res chain seq x y z
N SER A 3 10.07 46.65 -5.96
CA SER A 3 8.70 46.18 -6.32
C SER A 3 7.94 45.54 -5.14
N ASP A 4 6.99 44.66 -5.45
CA ASP A 4 6.33 43.88 -4.42
C ASP A 4 6.92 42.50 -4.34
N VAL A 5 7.05 42.01 -3.11
CA VAL A 5 7.31 40.62 -2.84
C VAL A 5 5.98 40.06 -2.34
N THR A 6 5.44 39.07 -3.04
CA THR A 6 4.29 38.34 -2.56
C THR A 6 4.76 37.04 -1.91
N VAL A 7 4.24 36.81 -0.70
CA VAL A 7 4.51 35.61 0.07
C VAL A 7 3.19 34.88 0.29
N ASN A 8 3.01 33.76 -0.39
CA ASN A 8 1.77 33.00 -0.24
C ASN A 8 1.88 31.89 0.80
N VAL A 9 1.32 32.15 1.97
CA VAL A 9 1.39 31.26 3.13
C VAL A 9 0.75 29.86 2.88
N SER A 10 -0.08 29.75 1.86
CA SER A 10 -0.75 28.49 1.58
C SER A 10 -0.06 27.68 0.49
N ALA A 11 0.78 28.32 -0.32
CA ALA A 11 1.48 27.55 -1.35
C ALA A 11 2.69 26.88 -0.72
N GLU A 12 2.46 25.67 -0.22
CA GLU A 12 3.50 24.93 0.51
C GLU A 12 4.39 24.22 -0.48
N LYS A 13 5.69 24.18 -0.18
CA LYS A 13 6.70 23.55 -1.03
C LYS A 13 7.39 22.40 -0.28
N GLN A 14 8.72 22.34 -0.30
CA GLN A 14 9.41 21.23 0.35
C GLN A 14 9.47 21.41 1.87
N VAL A 15 9.46 20.30 2.60
CA VAL A 15 9.64 20.34 4.04
C VAL A 15 11.15 20.36 4.31
N ILE A 16 11.58 21.22 5.24
CA ILE A 16 13.00 21.40 5.54
C ILE A 16 13.44 20.47 6.65
N ARG A 17 14.56 19.77 6.45
CA ARG A 17 15.16 18.90 7.46
C ARG A 17 16.26 19.59 8.23
N GLY A 18 16.93 20.55 7.56
CA GLY A 18 17.93 21.38 8.25
C GLY A 18 19.19 21.74 7.46
N PHE A 19 20.18 22.20 8.21
CA PHE A 19 21.38 22.82 7.64
C PHE A 19 22.53 22.45 8.55
N GLY A 20 23.71 22.23 7.99
CA GLY A 20 24.85 21.96 8.82
C GLY A 20 26.09 21.77 8.02
N GLY A 21 27.01 20.99 8.58
CA GLY A 21 28.30 20.75 7.96
C GLY A 21 28.89 19.40 8.32
N MET A 22 30.14 19.23 7.91
CA MET A 22 30.84 17.97 8.06
C MET A 22 31.79 18.02 9.26
N ASN A 23 32.00 16.87 9.88
CA ASN A 23 33.06 16.71 10.86
C ASN A 23 33.93 15.57 10.39
N HIS A 24 35.25 15.81 10.35
CA HIS A 24 36.21 14.76 9.96
C HIS A 24 37.47 14.82 10.82
N PRO A 25 37.49 14.06 11.93
CA PRO A 25 38.60 14.19 12.86
C PRO A 25 39.94 13.75 12.24
N ALA A 26 39.89 12.73 11.39
CA ALA A 26 41.08 12.25 10.70
C ALA A 26 41.67 13.34 9.80
N TRP A 27 40.87 13.89 8.90
CA TRP A 27 41.38 14.84 7.89
C TRP A 27 41.43 16.29 8.36
N ALA A 28 40.58 16.66 9.32
CA ALA A 28 40.43 18.06 9.71
C ALA A 28 40.68 18.29 11.20
N GLY A 29 40.59 17.22 11.98
CA GLY A 29 40.69 17.33 13.43
C GLY A 29 39.31 17.53 14.02
N ASP A 30 38.95 16.66 14.95
CA ASP A 30 37.65 16.71 15.61
C ASP A 30 37.38 18.09 16.23
N LEU A 31 36.12 18.46 16.33
CA LEU A 31 35.75 19.71 17.00
C LEU A 31 36.05 19.57 18.48
N THR A 32 36.39 20.69 19.11
CA THR A 32 36.60 20.71 20.54
C THR A 32 35.23 20.82 21.19
N ALA A 33 35.15 20.55 22.49
CA ALA A 33 33.89 20.63 23.24
C ALA A 33 33.18 21.97 23.06
N ALA A 34 33.95 23.06 23.10
CA ALA A 34 33.40 24.41 22.94
C ALA A 34 32.88 24.63 21.52
N GLN A 35 33.62 24.12 20.54
CA GLN A 35 33.25 24.23 19.13
C GLN A 35 31.95 23.50 18.79
N ARG A 36 31.70 22.39 19.51
CA ARG A 36 30.46 21.63 19.37
C ARG A 36 29.26 22.43 19.87
N GLU A 37 29.48 23.24 20.90
CA GLU A 37 28.45 24.14 21.38
C GLU A 37 28.15 25.21 20.35
N THR A 38 29.19 25.77 19.76
CA THR A 38 29.05 26.82 18.75
C THR A 38 28.34 26.29 17.50
N ALA A 39 28.61 25.05 17.14
CA ALA A 39 28.04 24.47 15.94
C ALA A 39 26.57 24.12 16.09
N PHE A 40 26.19 23.51 17.21
CA PHE A 40 24.87 22.93 17.28
C PHE A 40 23.90 23.63 18.20
N GLY A 41 24.44 24.41 19.13
CA GLY A 41 23.62 25.27 19.99
C GLY A 41 22.96 26.32 19.11
N ASN A 42 21.74 26.73 19.47
CA ASN A 42 21.12 27.85 18.78
C ASN A 42 20.98 29.09 19.66
N GLY A 43 21.98 29.30 20.51
CA GLY A 43 22.04 30.51 21.32
C GLY A 43 22.74 31.65 20.59
N GLN A 44 22.80 32.81 21.21
CA GLN A 44 23.56 33.93 20.66
C GLN A 44 25.02 33.51 20.38
N ASN A 45 25.57 33.97 19.26
CA ASN A 45 26.92 33.57 18.81
C ASN A 45 27.11 32.09 18.48
N GLN A 46 26.00 31.39 18.26
CA GLN A 46 26.09 29.99 17.82
C GLN A 46 25.37 29.79 16.50
N LEU A 47 25.75 28.72 15.80
CA LEU A 47 25.28 28.48 14.44
C LEU A 47 23.91 27.79 14.30
N GLY A 48 23.48 27.05 15.32
CA GLY A 48 22.19 26.35 15.26
C GLY A 48 22.09 25.38 14.08
N PHE A 49 23.19 24.73 13.77
CA PHE A 49 23.20 23.70 12.75
C PHE A 49 22.34 22.55 13.27
N SER A 50 21.49 22.02 12.40
CA SER A 50 20.53 21.00 12.74
C SER A 50 20.86 19.67 12.08
N ILE A 51 21.97 19.65 11.33
CA ILE A 51 22.43 18.44 10.64
C ILE A 51 23.94 18.31 10.83
N LEU A 52 24.40 17.08 11.02
CA LEU A 52 25.83 16.79 11.05
C LEU A 52 26.13 15.64 10.12
N ARG A 53 27.10 15.86 9.23
CA ARG A 53 27.63 14.77 8.43
C ARG A 53 28.93 14.25 9.03
N ILE A 54 29.06 12.93 9.04
CA ILE A 54 30.30 12.28 9.46
C ILE A 54 30.63 11.22 8.43
N HIS A 55 31.85 10.71 8.46
CA HIS A 55 32.23 9.72 7.44
C HIS A 55 32.26 8.30 8.00
N VAL A 56 31.97 7.32 7.14
CA VAL A 56 32.11 5.93 7.50
C VAL A 56 33.50 5.47 7.10
N ASP A 57 34.38 5.36 8.09
CA ASP A 57 35.73 4.93 7.81
C ASP A 57 35.76 3.50 7.26
N GLU A 58 36.68 3.24 6.33
CA GLU A 58 36.85 1.91 5.77
C GLU A 58 37.42 0.89 6.77
N ASN A 59 37.98 1.43 7.86
CA ASN A 59 38.56 0.61 8.91
C ASN A 59 37.84 0.83 10.24
N ARG A 60 37.05 -0.18 10.64
CA ARG A 60 36.24 -0.12 11.86
C ARG A 60 36.93 0.34 13.14
N ASN A 61 38.25 0.13 13.21
CA ASN A 61 39.01 0.51 14.39
C ASN A 61 39.04 2.03 14.56
N ASN A 62 38.70 2.75 13.48
CA ASN A 62 38.66 4.21 13.50
C ASN A 62 37.29 4.78 13.84
N TRP A 63 36.27 3.95 13.74
CA TRP A 63 34.88 4.36 13.98
C TRP A 63 34.67 5.16 15.29
N TYR A 64 35.26 4.66 16.38
CA TYR A 64 35.16 5.30 17.70
C TYR A 64 35.44 6.81 17.71
N LYS A 65 36.27 7.29 16.77
CA LYS A 65 36.68 8.70 16.72
C LYS A 65 35.54 9.67 16.43
N GLU A 66 34.44 9.16 15.86
CA GLU A 66 33.33 10.01 15.44
C GLU A 66 32.32 10.28 16.55
N VAL A 67 32.43 9.55 17.66
CA VAL A 67 31.35 9.45 18.63
C VAL A 67 31.07 10.71 19.46
N GLU A 68 32.10 11.28 20.09
CA GLU A 68 31.90 12.46 20.96
C GLU A 68 31.15 13.60 20.26
N THR A 69 31.59 13.96 19.05
CA THR A 69 30.99 15.04 18.30
C THR A 69 29.57 14.70 17.85
N ALA A 70 29.37 13.44 17.42
CA ALA A 70 28.04 12.97 17.01
C ALA A 70 27.06 12.97 18.17
N LYS A 71 27.53 12.52 19.33
CA LYS A 71 26.75 12.54 20.57
C LYS A 71 26.33 13.96 20.87
N SER A 72 27.26 14.90 20.67
CA SER A 72 26.98 16.29 21.01
C SER A 72 25.86 16.85 20.14
N ALA A 73 25.91 16.53 18.86
CA ALA A 73 24.93 17.00 17.89
C ALA A 73 23.54 16.50 18.26
N VAL A 74 23.44 15.23 18.65
CA VAL A 74 22.16 14.63 19.02
C VAL A 74 21.61 15.32 20.26
N LYS A 75 22.47 15.44 21.27
CA LYS A 75 22.14 16.16 22.49
C LYS A 75 21.44 17.48 22.16
N HIS A 76 21.87 18.16 21.10
CA HIS A 76 21.30 19.46 20.69
C HIS A 76 20.15 19.36 19.70
N GLY A 77 19.78 18.14 19.32
CA GLY A 77 18.63 17.92 18.45
C GLY A 77 18.98 17.87 16.97
N ALA A 78 20.26 17.80 16.65
CA ALA A 78 20.69 17.69 15.28
C ALA A 78 20.56 16.24 14.87
N ILE A 79 20.22 16.00 13.60
CA ILE A 79 20.25 14.64 13.08
C ILE A 79 21.62 14.38 12.47
N VAL A 80 22.05 13.13 12.52
CA VAL A 80 23.36 12.75 12.02
C VAL A 80 23.25 11.75 10.85
N PHE A 81 24.04 11.97 9.81
CA PHE A 81 24.09 11.00 8.73
C PHE A 81 25.52 10.78 8.34
N ALA A 82 25.75 9.73 7.57
CA ALA A 82 27.12 9.34 7.29
C ALA A 82 27.36 8.97 5.82
N SER A 83 28.58 9.23 5.36
CA SER A 83 28.96 9.00 3.97
C SER A 83 30.26 8.19 3.92
N PRO A 84 30.26 7.09 3.14
CA PRO A 84 31.49 6.31 2.93
C PRO A 84 32.31 6.85 1.74
N TRP A 85 33.64 6.88 1.87
CA TRP A 85 34.50 7.19 0.73
C TRP A 85 35.01 5.90 0.08
N ASN A 86 35.59 5.00 0.89
CA ASN A 86 35.98 3.65 0.42
C ASN A 86 35.41 2.50 1.23
N PRO A 87 35.15 1.35 0.56
CA PRO A 87 34.97 0.09 1.27
C PRO A 87 36.24 -0.28 2.02
N PRO A 88 36.18 -1.26 2.95
CA PRO A 88 37.46 -1.80 3.45
C PRO A 88 38.28 -2.41 2.30
N SER A 89 39.57 -2.11 2.28
CA SER A 89 40.49 -2.48 1.17
C SER A 89 40.32 -3.90 0.58
N ASP A 90 40.13 -4.90 1.44
CA ASP A 90 39.90 -6.27 0.97
C ASP A 90 38.67 -6.42 0.05
N MET A 91 37.83 -5.39 -0.03
CA MET A 91 36.63 -5.46 -0.88
C MET A 91 36.80 -4.72 -2.20
N VAL A 92 37.97 -4.08 -2.33
CA VAL A 92 38.26 -3.20 -3.45
C VAL A 92 39.23 -3.85 -4.45
N GLU A 93 38.96 -3.70 -5.74
CA GLU A 93 39.92 -4.10 -6.76
C GLU A 93 40.23 -2.90 -7.63
N THR A 94 41.38 -2.95 -8.31
CA THR A 94 41.70 -1.98 -9.36
C THR A 94 41.13 -2.52 -10.67
N PHE A 95 41.00 -1.64 -11.66
CA PHE A 95 40.46 -2.02 -12.96
C PHE A 95 40.83 -0.94 -13.96
N ASN A 96 40.73 -1.29 -15.24
CA ASN A 96 41.01 -0.30 -16.28
C ASN A 96 39.79 0.55 -16.59
N ARG A 97 39.83 1.78 -16.09
CA ARG A 97 38.80 2.76 -16.37
C ARG A 97 39.28 3.75 -17.46
N ASN A 98 38.83 3.52 -18.70
CA ASN A 98 39.26 4.32 -19.88
C ASN A 98 40.75 4.63 -19.99
N GLY A 99 41.61 3.66 -19.69
CA GLY A 99 43.06 3.91 -19.74
C GLY A 99 43.72 4.17 -18.40
N ASP A 100 42.92 4.52 -17.39
CA ASP A 100 43.45 4.63 -16.02
C ASP A 100 43.32 3.26 -15.37
N THR A 101 44.47 2.69 -15.02
CA THR A 101 44.53 1.36 -14.38
C THR A 101 44.62 1.43 -12.83
N SER A 102 44.85 2.62 -12.28
CA SER A 102 44.82 2.78 -10.81
C SER A 102 43.37 2.94 -10.25
N ALA A 103 42.38 2.85 -11.14
CA ALA A 103 40.98 3.08 -10.78
C ALA A 103 40.46 1.98 -9.85
N LYS A 104 39.92 2.39 -8.69
CA LYS A 104 39.39 1.45 -7.71
C LYS A 104 37.87 1.25 -7.86
N ARG A 105 37.39 0.02 -7.64
CA ARG A 105 35.96 -0.24 -7.46
C ARG A 105 35.67 -1.34 -6.42
N LEU A 106 34.41 -1.44 -5.99
CA LEU A 106 33.99 -2.52 -5.12
C LEU A 106 33.86 -3.78 -5.97
N LYS A 107 34.38 -4.90 -5.46
CA LYS A 107 34.33 -6.16 -6.18
C LYS A 107 32.88 -6.61 -6.35
N TYR A 108 32.53 -6.99 -7.57
CA TYR A 108 31.17 -7.45 -7.89
C TYR A 108 30.63 -8.54 -6.93
N ASN A 109 31.54 -9.27 -6.29
CA ASN A 109 31.12 -10.35 -5.41
C ASN A 109 31.21 -9.91 -3.94
N LYS A 110 31.37 -8.60 -3.73
CA LYS A 110 31.49 -8.07 -2.37
C LYS A 110 30.32 -7.15 -1.91
N TYR A 111 29.32 -6.98 -2.77
CA TYR A 111 28.21 -6.06 -2.52
C TYR A 111 27.52 -6.35 -1.19
N ALA A 112 27.08 -7.58 -1.02
CA ALA A 112 26.51 -8.01 0.26
C ALA A 112 27.42 -7.69 1.44
N ALA A 113 28.74 -7.88 1.25
CA ALA A 113 29.68 -7.74 2.37
C ALA A 113 29.86 -6.27 2.73
N TYR A 114 29.73 -5.42 1.72
CA TYR A 114 29.81 -3.97 1.89
C TYR A 114 28.53 -3.42 2.54
N ALA A 115 27.38 -3.95 2.13
CA ALA A 115 26.12 -3.64 2.78
C ALA A 115 26.26 -3.92 4.26
N GLN A 116 26.87 -5.05 4.59
CA GLN A 116 27.09 -5.45 5.99
C GLN A 116 28.07 -4.51 6.68
N HIS A 117 29.10 -4.07 5.96
CA HIS A 117 30.03 -3.09 6.51
C HIS A 117 29.27 -1.84 6.94
N LEU A 118 28.42 -1.32 6.06
CA LEU A 118 27.67 -0.10 6.34
C LEU A 118 26.72 -0.31 7.52
N ASN A 119 26.06 -1.46 7.53
CA ASN A 119 25.19 -1.86 8.62
C ASN A 119 25.92 -1.94 9.95
N ASP A 120 27.13 -2.50 9.92
CA ASP A 120 27.94 -2.55 11.12
C ASP A 120 28.16 -1.16 11.70
N PHE A 121 28.36 -0.16 10.84
CA PHE A 121 28.59 1.21 11.29
C PHE A 121 27.34 1.77 11.96
N VAL A 122 26.18 1.53 11.35
CA VAL A 122 24.92 1.98 11.93
C VAL A 122 24.78 1.40 13.35
N THR A 123 24.93 0.08 13.44
CA THR A 123 24.91 -0.66 14.69
C THR A 123 25.93 -0.10 15.70
N PHE A 124 27.15 0.11 15.25
CA PHE A 124 28.19 0.64 16.11
C PHE A 124 27.78 1.99 16.69
N MET A 125 27.36 2.90 15.83
CA MET A 125 26.93 4.24 16.24
C MET A 125 25.78 4.16 17.23
N LYS A 126 24.85 3.23 17.01
CA LYS A 126 23.71 3.05 17.92
C LYS A 126 24.18 2.72 19.34
N ASN A 127 25.09 1.74 19.45
CA ASN A 127 25.65 1.33 20.75
C ASN A 127 26.41 2.43 21.47
N ASN A 128 26.52 3.61 20.86
CA ASN A 128 27.18 4.73 21.50
C ASN A 128 26.21 5.89 21.64
N GLY A 129 24.93 5.57 21.51
CA GLY A 129 23.85 6.52 21.69
C GLY A 129 23.68 7.52 20.55
N VAL A 130 23.94 7.07 19.33
CA VAL A 130 23.68 7.89 18.14
C VAL A 130 22.86 7.11 17.12
N ASN A 131 21.58 7.45 16.98
CA ASN A 131 20.74 6.81 15.98
C ASN A 131 20.92 7.54 14.68
N LEU A 132 21.89 7.07 13.90
CA LEU A 132 22.19 7.62 12.59
C LEU A 132 20.87 7.79 11.83
N TYR A 133 20.61 8.99 11.34
CA TYR A 133 19.41 9.29 10.57
C TYR A 133 19.45 8.62 9.18
N ALA A 134 20.65 8.49 8.63
CA ALA A 134 20.82 8.00 7.26
C ALA A 134 22.25 7.67 6.95
N ILE A 135 22.45 6.79 5.97
CA ILE A 135 23.80 6.41 5.56
C ILE A 135 23.84 6.45 4.04
N SER A 136 24.99 6.82 3.49
CA SER A 136 25.10 6.93 2.03
C SER A 136 25.67 5.66 1.43
N VAL A 137 25.52 5.49 0.12
CA VAL A 137 26.11 4.32 -0.56
C VAL A 137 27.60 4.56 -0.93
N GLN A 138 27.92 5.80 -1.30
CA GLN A 138 29.25 6.19 -1.76
C GLN A 138 29.29 7.69 -1.95
N ASN A 139 30.31 8.33 -1.38
CA ASN A 139 30.59 9.72 -1.70
C ASN A 139 31.19 9.89 -3.08
N GLU A 140 30.52 10.70 -3.89
CA GLU A 140 31.01 11.11 -5.22
C GLU A 140 31.59 9.97 -6.06
N PRO A 141 30.77 8.94 -6.35
CA PRO A 141 31.18 7.80 -7.17
C PRO A 141 31.49 8.17 -8.63
N ASP A 142 31.08 9.35 -9.05
CA ASP A 142 31.34 9.77 -10.44
C ASP A 142 32.51 10.76 -10.51
N TYR A 143 33.32 10.81 -9.45
CA TYR A 143 34.48 11.70 -9.36
C TYR A 143 35.42 11.12 -8.32
N ALA A 144 35.77 9.85 -8.49
CA ALA A 144 36.42 9.08 -7.46
C ALA A 144 37.93 8.86 -7.68
N HIS A 145 38.58 9.80 -8.36
CA HIS A 145 40.01 9.68 -8.71
C HIS A 145 40.85 9.25 -7.49
N GLU A 146 40.46 9.72 -6.31
CA GLU A 146 41.20 9.45 -5.09
C GLU A 146 40.43 8.53 -4.16
N TRP A 147 39.37 7.90 -4.67
CA TRP A 147 38.63 6.89 -3.87
C TRP A 147 38.01 5.79 -4.75
N THR A 148 36.73 5.46 -4.54
CA THR A 148 36.11 4.29 -5.18
C THR A 148 35.05 4.67 -6.22
N TRP A 149 35.30 4.29 -7.47
CA TRP A 149 34.44 4.63 -8.60
C TRP A 149 33.22 3.69 -8.62
N TRP A 150 32.07 4.21 -9.04
CA TRP A 150 30.91 3.38 -9.38
C TRP A 150 30.30 3.93 -10.65
N THR A 151 29.98 3.06 -11.60
CA THR A 151 29.20 3.49 -12.74
C THR A 151 27.72 3.68 -12.31
N PRO A 152 26.92 4.36 -13.15
CA PRO A 152 25.48 4.33 -12.89
C PRO A 152 24.95 2.91 -12.74
N GLN A 153 25.38 1.98 -13.59
CA GLN A 153 24.85 0.61 -13.53
C GLN A 153 25.26 -0.15 -12.27
N GLU A 154 26.45 0.15 -11.76
CA GLU A 154 26.92 -0.51 -10.56
C GLU A 154 26.13 0.00 -9.36
N ILE A 155 25.82 1.30 -9.39
CA ILE A 155 24.99 1.93 -8.36
C ILE A 155 23.57 1.29 -8.41
N LEU A 156 23.00 1.23 -9.61
CA LEU A 156 21.68 0.62 -9.77
C LEU A 156 21.65 -0.76 -9.10
N ARG A 157 22.61 -1.62 -9.46
CA ARG A 157 22.58 -3.00 -9.00
C ARG A 157 22.55 -3.03 -7.47
N PHE A 158 23.41 -2.22 -6.86
CA PHE A 158 23.47 -2.17 -5.40
C PHE A 158 22.15 -1.65 -4.79
N MET A 159 21.50 -0.70 -5.46
CA MET A 159 20.24 -0.15 -4.97
C MET A 159 19.13 -1.17 -5.11
N ARG A 160 19.12 -1.90 -6.22
CA ARG A 160 18.15 -2.98 -6.43
C ARG A 160 18.31 -4.11 -5.43
N GLU A 161 19.56 -4.50 -5.16
CA GLU A 161 19.83 -5.80 -4.55
C GLU A 161 20.34 -5.75 -3.11
N ASN A 162 20.92 -4.63 -2.69
CA ASN A 162 21.62 -4.63 -1.40
C ASN A 162 21.22 -3.54 -0.41
N ALA A 163 20.74 -2.41 -0.94
CA ALA A 163 20.37 -1.26 -0.12
C ALA A 163 19.23 -1.62 0.82
N GLY A 164 18.34 -2.50 0.39
CA GLY A 164 17.21 -2.93 1.20
C GLY A 164 17.64 -3.63 2.48
N SER A 165 18.87 -4.15 2.50
CA SER A 165 19.31 -4.90 3.67
C SER A 165 19.90 -4.00 4.71
N ILE A 166 20.05 -2.72 4.37
CA ILE A 166 20.62 -1.72 5.28
C ILE A 166 19.54 -1.23 6.24
N ASN A 167 19.83 -1.43 7.53
N ASN A 167 19.76 -1.40 7.56
CA ASN A 167 18.96 -1.04 8.64
CA ASN A 167 18.76 -1.07 8.59
C ASN A 167 19.02 0.47 8.91
C ASN A 167 18.58 0.43 8.90
N ALA A 168 18.72 1.27 7.88
CA ALA A 168 18.65 2.75 8.00
C ALA A 168 18.18 3.37 6.68
N ARG A 169 17.91 4.67 6.75
CA ARG A 169 17.59 5.43 5.55
C ARG A 169 18.84 5.44 4.70
N VAL A 170 18.66 5.23 3.40
CA VAL A 170 19.79 5.13 2.49
C VAL A 170 19.79 6.36 1.61
N ILE A 171 20.95 7.05 1.57
CA ILE A 171 21.17 8.15 0.64
C ILE A 171 21.95 7.67 -0.57
N ALA A 172 21.49 8.08 -1.76
CA ALA A 172 22.15 7.78 -3.03
C ALA A 172 21.80 8.83 -4.08
N PRO A 173 22.67 9.08 -5.09
CA PRO A 173 24.03 8.57 -5.33
C PRO A 173 25.17 9.54 -5.00
N GLU A 174 24.88 10.77 -4.58
CA GLU A 174 25.92 11.74 -4.21
C GLU A 174 26.94 12.08 -5.33
N SER A 175 26.41 12.35 -6.53
CA SER A 175 27.18 12.86 -7.64
C SER A 175 27.88 14.11 -7.15
N PHE A 176 29.06 14.40 -7.68
CA PHE A 176 29.79 15.61 -7.27
C PHE A 176 29.11 16.87 -7.83
N GLN A 177 28.35 16.70 -8.92
CA GLN A 177 27.88 17.88 -9.67
C GLN A 177 26.39 17.78 -10.02
N TYR A 178 25.68 16.82 -9.44
CA TYR A 178 24.25 16.64 -9.66
C TYR A 178 24.01 16.28 -11.12
N LEU A 179 24.93 15.46 -11.63
CA LEU A 179 24.79 14.83 -12.95
C LEU A 179 23.68 13.81 -12.96
N LYS A 180 22.59 14.15 -13.64
CA LYS A 180 21.35 13.36 -13.60
C LYS A 180 21.52 11.92 -14.05
N ASN A 181 22.56 11.67 -14.85
CA ASN A 181 22.83 10.33 -15.43
C ASN A 181 23.18 9.31 -14.36
N LEU A 182 23.57 9.81 -13.19
CA LEU A 182 23.95 8.93 -12.11
C LEU A 182 22.73 8.52 -11.30
N SER A 183 21.69 9.34 -11.39
CA SER A 183 20.50 9.14 -10.61
C SER A 183 19.30 8.68 -11.42
N ASP A 184 19.23 9.08 -12.70
CA ASP A 184 18.15 8.63 -13.61
C ASP A 184 17.89 7.11 -13.52
N PRO A 185 18.94 6.27 -13.62
CA PRO A 185 18.65 4.82 -13.60
C PRO A 185 17.83 4.37 -12.37
N ILE A 186 18.20 4.84 -11.18
CA ILE A 186 17.43 4.55 -9.94
C ILE A 186 15.98 5.02 -10.05
N LEU A 187 15.76 6.30 -10.34
CA LEU A 187 14.41 6.84 -10.45
C LEU A 187 13.56 6.10 -11.48
N ASN A 188 14.22 5.50 -12.47
CA ASN A 188 13.51 4.75 -13.49
C ASN A 188 13.34 3.27 -13.20
N ASP A 189 13.70 2.85 -11.99
CA ASP A 189 13.56 1.46 -11.59
C ASP A 189 12.82 1.29 -10.26
N PRO A 190 11.56 0.82 -10.34
CA PRO A 190 10.71 0.73 -9.16
C PRO A 190 11.44 0.11 -7.97
N GLN A 191 12.09 -1.01 -8.20
CA GLN A 191 12.77 -1.74 -7.14
C GLN A 191 13.91 -0.96 -6.50
N ALA A 192 14.73 -0.31 -7.31
CA ALA A 192 15.83 0.51 -6.76
C ALA A 192 15.28 1.74 -6.05
N LEU A 193 14.33 2.41 -6.70
CA LEU A 193 13.65 3.54 -6.10
C LEU A 193 13.12 3.19 -4.71
N ALA A 194 12.49 2.02 -4.58
CA ALA A 194 11.95 1.58 -3.29
C ALA A 194 12.98 1.52 -2.17
N ASN A 195 14.25 1.28 -2.50
CA ASN A 195 15.27 1.18 -1.46
C ASN A 195 16.00 2.46 -1.19
N MET A 196 15.67 3.50 -1.95
CA MET A 196 16.27 4.82 -1.75
C MET A 196 15.30 5.67 -0.94
N ASP A 197 15.80 6.29 0.12
CA ASP A 197 14.99 7.13 0.99
C ASP A 197 15.31 8.59 0.74
N ILE A 198 16.57 8.86 0.43
CA ILE A 198 17.00 10.22 0.16
C ILE A 198 17.84 10.24 -1.09
N LEU A 199 17.45 11.04 -2.07
CA LEU A 199 18.32 11.33 -3.20
C LEU A 199 19.28 12.39 -2.70
N GLY A 200 20.57 12.07 -2.73
CA GLY A 200 21.60 13.00 -2.29
C GLY A 200 22.47 13.47 -3.45
N THR A 201 23.00 14.69 -3.33
CA THR A 201 23.86 15.24 -4.38
C THR A 201 24.79 16.29 -3.85
N HIS A 202 25.87 16.51 -4.59
CA HIS A 202 26.68 17.69 -4.35
C HIS A 202 26.44 18.65 -5.51
N LEU A 203 26.93 19.87 -5.38
CA LEU A 203 26.71 20.88 -6.40
C LEU A 203 28.01 21.59 -6.83
N TYR A 204 29.15 20.87 -6.86
CA TYR A 204 30.40 21.50 -7.31
C TYR A 204 30.40 21.82 -8.83
N GLY A 205 30.28 23.10 -9.14
CA GLY A 205 30.26 23.57 -10.52
C GLY A 205 28.90 23.46 -11.17
N THR A 206 27.86 23.19 -10.38
CA THR A 206 26.54 23.02 -10.97
C THR A 206 25.95 24.39 -11.26
N GLN A 207 25.60 24.65 -12.51
CA GLN A 207 24.88 25.87 -12.87
C GLN A 207 23.44 25.84 -12.39
N VAL A 208 22.91 27.01 -12.05
CA VAL A 208 21.53 27.09 -11.55
C VAL A 208 20.49 26.45 -12.48
N SER A 209 20.74 26.43 -13.79
CA SER A 209 19.81 25.83 -14.75
C SER A 209 19.69 24.32 -14.55
N GLN A 210 20.70 23.72 -13.92
CA GLN A 210 20.74 22.29 -13.66
C GLN A 210 20.22 21.93 -12.24
N PHE A 211 19.77 22.96 -11.51
CA PHE A 211 19.22 22.73 -10.17
C PHE A 211 17.89 21.99 -10.21
N PRO A 212 16.96 22.36 -11.12
CA PRO A 212 15.71 21.59 -11.16
C PRO A 212 15.95 20.15 -11.58
N TYR A 213 15.02 19.25 -11.24
CA TYR A 213 15.14 17.85 -11.63
C TYR A 213 13.76 17.29 -11.90
N PRO A 214 13.24 17.53 -13.13
CA PRO A 214 11.92 17.09 -13.56
C PRO A 214 11.61 15.63 -13.27
N LEU A 215 12.58 14.75 -13.50
CA LEU A 215 12.34 13.33 -13.31
C LEU A 215 12.05 13.04 -11.84
N PHE A 216 12.80 13.71 -10.95
CA PHE A 216 12.56 13.55 -9.53
C PHE A 216 11.15 14.00 -9.14
N LYS A 217 10.70 15.09 -9.72
CA LYS A 217 9.35 15.61 -9.47
C LYS A 217 8.30 14.62 -9.90
N GLN A 218 8.65 13.84 -10.91
CA GLN A 218 7.73 12.92 -11.54
C GLN A 218 7.71 11.56 -10.85
N LYS A 219 8.87 11.06 -10.44
CA LYS A 219 8.91 9.74 -9.83
C LYS A 219 9.25 9.69 -8.35
N GLY A 220 9.66 10.81 -7.77
CA GLY A 220 10.21 10.84 -6.41
C GLY A 220 9.28 11.08 -5.24
N ALA A 221 7.97 10.94 -5.44
CA ALA A 221 7.02 11.10 -4.33
C ALA A 221 7.45 10.25 -3.11
N GLY A 222 7.44 10.87 -1.93
CA GLY A 222 7.82 10.24 -0.67
C GLY A 222 9.33 10.15 -0.45
N LYS A 223 10.11 10.66 -1.39
CA LYS A 223 11.56 10.65 -1.26
C LYS A 223 12.08 12.02 -0.82
N ASP A 224 13.10 12.04 0.04
CA ASP A 224 13.77 13.30 0.38
C ASP A 224 14.75 13.70 -0.70
N LEU A 225 15.06 14.99 -0.75
CA LEU A 225 16.05 15.51 -1.68
C LEU A 225 17.05 16.35 -0.89
N TRP A 226 18.30 15.90 -0.82
CA TRP A 226 19.29 16.50 0.06
C TRP A 226 20.52 16.96 -0.66
N MET A 227 20.98 18.17 -0.35
CA MET A 227 22.29 18.65 -0.76
C MET A 227 23.30 18.30 0.33
N THR A 228 24.06 17.22 0.12
CA THR A 228 24.91 16.66 1.20
C THR A 228 26.34 17.17 1.33
N GLU A 229 26.84 17.93 0.36
CA GLU A 229 28.16 18.55 0.52
C GLU A 229 28.39 19.70 -0.46
N VAL A 230 28.93 20.81 0.07
CA VAL A 230 29.45 21.89 -0.77
C VAL A 230 30.31 22.91 0.00
N TYR A 231 31.19 23.58 -0.71
CA TYR A 231 31.71 24.88 -0.27
C TYR A 231 31.57 25.82 -1.44
N TYR A 232 31.30 27.09 -1.14
CA TYR A 232 30.98 28.05 -2.19
C TYR A 232 31.25 29.43 -1.65
N PRO A 233 31.79 30.34 -2.49
CA PRO A 233 32.12 30.12 -3.91
C PRO A 233 33.50 29.53 -4.17
N ASN A 234 34.29 29.31 -3.11
CA ASN A 234 35.63 28.73 -3.27
C ASN A 234 36.17 28.20 -1.95
N SER A 235 37.36 27.59 -2.00
CA SER A 235 38.08 27.21 -0.79
C SER A 235 39.38 27.99 -0.64
N ASP A 236 39.38 29.26 -1.06
CA ASP A 236 40.55 30.11 -0.87
C ASP A 236 40.91 30.20 0.60
N THR A 237 42.20 30.06 0.89
CA THR A 237 42.72 30.17 2.25
C THR A 237 42.33 31.51 2.87
N ASN A 238 41.76 31.46 4.07
CA ASN A 238 41.30 32.66 4.81
C ASN A 238 40.21 33.54 4.14
N SER A 239 39.44 32.94 3.23
CA SER A 239 38.41 33.68 2.49
C SER A 239 37.12 33.89 3.28
N ALA A 240 37.02 33.26 4.45
CA ALA A 240 35.75 33.15 5.17
C ALA A 240 35.16 34.48 5.59
N ASP A 241 36.02 35.49 5.72
CA ASP A 241 35.55 36.81 6.16
C ASP A 241 35.39 37.85 5.05
N ARG A 242 35.88 37.53 3.85
CA ARG A 242 35.78 38.43 2.71
C ARG A 242 34.33 38.85 2.46
N TRP A 243 34.12 40.17 2.39
CA TRP A 243 32.81 40.74 2.10
C TRP A 243 32.93 41.70 0.91
N PRO A 244 31.94 41.73 -0.02
CA PRO A 244 30.67 40.99 -0.14
C PRO A 244 30.75 39.54 -0.63
N GLU A 245 31.95 38.95 -0.69
CA GLU A 245 32.07 37.59 -1.17
C GLU A 245 31.16 36.60 -0.43
N ALA A 246 31.20 36.63 0.91
CA ALA A 246 30.41 35.77 1.81
C ALA A 246 28.93 35.70 1.44
N LEU A 247 28.42 36.81 0.92
CA LEU A 247 27.04 36.89 0.46
C LEU A 247 26.70 35.87 -0.63
N ASP A 248 27.73 35.31 -1.27
CA ASP A 248 27.52 34.25 -2.23
C ASP A 248 26.95 33.01 -1.54
N VAL A 249 27.36 32.79 -0.29
CA VAL A 249 26.89 31.64 0.46
C VAL A 249 25.37 31.64 0.59
N SER A 250 24.81 32.76 0.99
CA SER A 250 23.38 32.74 1.22
C SER A 250 22.63 32.71 -0.12
N GLN A 251 23.26 33.23 -1.17
CA GLN A 251 22.62 33.18 -2.49
C GLN A 251 22.60 31.77 -3.01
N HIS A 252 23.66 31.03 -2.72
CA HIS A 252 23.73 29.65 -3.09
C HIS A 252 22.62 28.84 -2.40
N ILE A 253 22.52 29.00 -1.06
CA ILE A 253 21.44 28.38 -0.30
C ILE A 253 20.09 28.81 -0.87
N HIS A 254 19.98 30.08 -1.24
CA HIS A 254 18.72 30.55 -1.80
C HIS A 254 18.40 29.73 -3.04
N ASN A 255 19.40 29.45 -3.87
CA ASN A 255 19.15 28.73 -5.11
C ASN A 255 18.81 27.24 -4.86
N ALA A 256 19.47 26.66 -3.85
CA ALA A 256 19.23 25.28 -3.47
C ALA A 256 17.80 25.13 -3.03
N MET A 257 17.32 26.07 -2.21
CA MET A 257 15.96 26.00 -1.67
C MET A 257 14.96 26.30 -2.76
N VAL A 258 15.24 27.33 -3.52
CA VAL A 258 14.22 27.88 -4.38
C VAL A 258 14.21 27.20 -5.74
N GLU A 259 15.36 26.80 -6.23
CA GLU A 259 15.44 26.21 -7.57
C GLU A 259 15.60 24.70 -7.49
N GLY A 260 16.37 24.23 -6.52
CA GLY A 260 16.63 22.81 -6.37
C GLY A 260 15.58 22.14 -5.53
N ASP A 261 14.81 22.92 -4.78
CA ASP A 261 13.81 22.36 -3.87
C ASP A 261 14.45 21.40 -2.83
N PHE A 262 15.70 21.65 -2.48
CA PHE A 262 16.40 20.82 -1.52
C PHE A 262 15.85 20.97 -0.13
N GLN A 263 16.08 19.94 0.67
CA GLN A 263 15.45 19.84 1.98
C GLN A 263 16.52 19.85 3.02
N ALA A 264 17.76 19.71 2.56
CA ALA A 264 18.92 19.83 3.43
C ALA A 264 20.05 20.50 2.68
N TYR A 265 20.82 21.30 3.40
CA TYR A 265 21.98 21.95 2.82
C TYR A 265 23.14 21.72 3.77
N VAL A 266 24.12 20.95 3.34
CA VAL A 266 25.23 20.54 4.19
C VAL A 266 26.57 21.05 3.65
N TRP A 267 27.31 21.76 4.49
CA TRP A 267 28.60 22.27 4.08
C TRP A 267 29.63 21.19 4.25
N TRP A 268 30.83 21.47 3.77
CA TRP A 268 31.99 20.62 3.99
C TRP A 268 32.44 20.96 5.41
N TYR A 269 33.73 20.74 5.71
CA TYR A 269 34.29 21.00 7.03
C TYR A 269 33.61 22.18 7.70
N ILE A 270 33.06 21.94 8.89
CA ILE A 270 32.50 23.00 9.70
C ILE A 270 33.57 24.05 10.00
N ARG A 271 34.70 23.60 10.53
CA ARG A 271 35.79 24.48 10.98
C ARG A 271 36.90 24.52 9.95
N ARG A 272 37.10 25.68 9.34
CA ARG A 272 38.12 25.87 8.30
C ARG A 272 38.25 27.35 7.92
N SER A 273 39.41 27.73 7.39
CA SER A 273 39.69 29.12 7.08
C SER A 273 38.73 29.64 6.03
N TYR A 274 38.06 28.74 5.33
CA TYR A 274 37.00 29.11 4.37
C TYR A 274 35.61 28.58 4.76
N GLY A 275 35.48 28.13 6.01
CA GLY A 275 34.22 27.53 6.46
C GLY A 275 33.37 28.43 7.33
N PRO A 276 32.19 27.93 7.76
CA PRO A 276 31.31 28.69 8.63
C PRO A 276 31.95 29.03 9.97
N MET A 277 32.85 28.15 10.41
CA MET A 277 33.58 28.38 11.63
C MET A 277 35.04 28.56 11.30
N LYS A 278 35.62 29.65 11.83
CA LYS A 278 37.03 29.92 11.68
C LYS A 278 37.83 29.04 12.62
N GLU A 279 39.14 29.01 12.43
CA GLU A 279 40.07 28.21 13.22
C GLU A 279 40.18 28.65 14.69
N ASP A 280 39.91 29.92 14.98
CA ASP A 280 39.88 30.37 16.36
C ASP A 280 38.55 30.01 17.04
N GLY A 281 37.70 29.28 16.31
CA GLY A 281 36.39 28.87 16.83
C GLY A 281 35.29 29.93 16.84
N THR A 282 35.48 31.02 16.10
CA THR A 282 34.43 32.03 15.97
C THR A 282 33.74 31.87 14.63
N ILE A 283 32.59 32.51 14.49
CA ILE A 283 31.81 32.39 13.28
C ILE A 283 32.30 33.37 12.22
N SER A 284 32.52 32.85 11.02
CA SER A 284 32.97 33.65 9.88
C SER A 284 31.80 34.38 9.25
N LYS A 285 32.09 35.20 8.25
CA LYS A 285 31.03 35.90 7.53
C LYS A 285 30.24 34.88 6.69
N ARG A 286 30.93 33.89 6.16
CA ARG A 286 30.28 32.74 5.55
C ARG A 286 29.33 32.04 6.53
N GLY A 287 29.78 31.87 7.77
CA GLY A 287 28.97 31.28 8.83
C GLY A 287 27.67 32.03 9.05
N TYR A 288 27.75 33.33 9.24
CA TYR A 288 26.58 34.13 9.52
C TYR A 288 25.59 34.08 8.35
N ASN A 289 26.12 33.91 7.13
CA ASN A 289 25.28 33.76 5.95
C ASN A 289 24.46 32.46 6.02
N MET A 290 25.10 31.37 6.42
CA MET A 290 24.38 30.13 6.74
C MET A 290 23.40 30.29 7.90
N ALA A 291 23.82 31.02 8.95
CA ALA A 291 22.99 31.20 10.14
C ALA A 291 21.66 31.86 9.80
N HIS A 292 21.64 32.67 8.75
CA HIS A 292 20.45 33.43 8.38
C HIS A 292 19.35 32.45 7.96
N PHE A 293 19.78 31.25 7.61
CA PHE A 293 18.88 30.15 7.38
C PHE A 293 18.82 29.25 8.60
N SER A 294 19.98 28.76 9.04
CA SER A 294 20.01 27.65 9.98
C SER A 294 19.40 27.97 11.32
N LYS A 295 19.59 29.20 11.77
CA LYS A 295 19.11 29.62 13.09
C LYS A 295 17.62 29.83 13.15
N PHE A 296 17.00 30.06 11.99
CA PHE A 296 15.58 30.46 11.95
C PHE A 296 14.69 29.42 11.25
N VAL A 297 15.22 28.79 10.21
CA VAL A 297 14.50 27.73 9.51
C VAL A 297 14.78 26.40 10.20
N ARG A 298 13.98 26.11 11.22
CA ARG A 298 14.22 24.92 12.01
C ARG A 298 13.69 23.67 11.28
N PRO A 299 14.18 22.48 11.66
CA PRO A 299 13.65 21.22 11.11
C PRO A 299 12.12 21.15 11.27
N GLY A 300 11.42 20.81 10.22
CA GLY A 300 9.97 20.80 10.30
C GLY A 300 9.34 21.95 9.52
N TYR A 301 10.03 23.09 9.45
CA TYR A 301 9.52 24.22 8.71
C TYR A 301 9.28 23.82 7.26
N VAL A 302 8.40 24.57 6.59
CA VAL A 302 8.08 24.27 5.20
C VAL A 302 8.38 25.49 4.34
N ARG A 303 8.99 25.28 3.20
CA ARG A 303 9.17 26.41 2.30
C ARG A 303 7.83 26.79 1.70
N ILE A 304 7.58 28.09 1.55
CA ILE A 304 6.36 28.54 0.93
C ILE A 304 6.67 29.48 -0.23
N ASP A 305 5.71 29.63 -1.15
CA ASP A 305 5.96 30.41 -2.37
C ASP A 305 6.15 31.88 -2.02
N ALA A 306 7.10 32.50 -2.70
CA ALA A 306 7.48 33.88 -2.44
C ALA A 306 8.24 34.33 -3.67
N THR A 307 7.94 35.56 -4.09
CA THR A 307 8.60 36.19 -5.24
C THR A 307 10.10 36.09 -5.09
N LYS A 308 10.74 35.25 -5.92
CA LYS A 308 12.13 34.85 -5.64
C LYS A 308 13.15 35.95 -5.89
N ASN A 309 12.87 36.82 -6.85
CA ASN A 309 13.87 37.74 -7.32
C ASN A 309 13.23 39.02 -7.83
N PRO A 310 12.69 39.85 -6.90
CA PRO A 310 11.80 40.97 -7.21
C PRO A 310 12.54 42.28 -7.62
N ASN A 311 13.86 42.31 -7.50
CA ASN A 311 14.68 43.40 -8.01
C ASN A 311 16.06 42.87 -8.35
N ALA A 312 16.76 43.56 -9.23
CA ALA A 312 18.11 43.13 -9.60
C ALA A 312 18.92 42.87 -8.34
N ASN A 313 19.42 41.65 -8.22
CA ASN A 313 20.36 41.33 -7.15
C ASN A 313 19.72 41.22 -5.76
N VAL A 314 18.40 41.22 -5.74
CA VAL A 314 17.63 41.00 -4.56
C VAL A 314 17.01 39.62 -4.68
N TYR A 315 17.30 38.77 -3.70
CA TYR A 315 16.79 37.40 -3.71
C TYR A 315 16.00 37.09 -2.46
N VAL A 316 14.81 36.54 -2.63
CA VAL A 316 13.90 36.26 -1.51
C VAL A 316 13.38 34.82 -1.47
N SER A 317 13.39 34.22 -0.28
CA SER A 317 12.73 32.94 0.00
C SER A 317 12.01 32.97 1.35
N ALA A 318 10.93 32.20 1.46
CA ALA A 318 10.08 32.22 2.65
C ALA A 318 9.75 30.81 3.14
N TYR A 319 9.56 30.68 4.46
CA TYR A 319 9.25 29.40 5.09
C TYR A 319 8.27 29.63 6.21
N LYS A 320 7.45 28.63 6.50
CA LYS A 320 6.54 28.72 7.64
C LYS A 320 6.75 27.54 8.57
N GLY A 321 6.52 27.78 9.85
CA GLY A 321 6.62 26.73 10.86
C GLY A 321 6.52 27.33 12.24
N ASP A 322 5.99 26.56 13.18
CA ASP A 322 5.86 26.99 14.57
C ASP A 322 5.19 28.38 14.70
N ASN A 323 4.13 28.60 13.92
CA ASN A 323 3.41 29.89 13.91
C ASN A 323 4.14 31.11 13.37
N LYS A 324 5.32 30.89 12.78
CA LYS A 324 6.04 32.02 12.22
C LYS A 324 6.17 31.86 10.74
N VAL A 325 6.32 32.99 10.06
CA VAL A 325 6.77 33.00 8.68
C VAL A 325 8.18 33.58 8.72
N VAL A 326 9.11 32.90 8.08
CA VAL A 326 10.49 33.35 8.00
C VAL A 326 10.78 33.76 6.56
N ILE A 327 11.34 34.95 6.40
CA ILE A 327 11.67 35.47 5.09
C ILE A 327 13.14 35.78 5.10
N VAL A 328 13.87 35.27 4.10
CA VAL A 328 15.29 35.61 3.97
C VAL A 328 15.46 36.47 2.71
N ALA A 329 15.94 37.70 2.90
CA ALA A 329 16.06 38.69 1.83
C ALA A 329 17.52 39.10 1.64
N ILE A 330 18.07 38.75 0.48
CA ILE A 330 19.48 38.99 0.21
C ILE A 330 19.59 40.12 -0.81
N ASN A 331 20.29 41.20 -0.44
CA ASN A 331 20.52 42.30 -1.36
C ASN A 331 21.98 42.36 -1.76
N LYS A 332 22.22 41.91 -2.99
CA LYS A 332 23.58 41.75 -3.48
C LYS A 332 24.06 42.97 -4.24
N SER A 333 23.25 44.01 -4.28
CA SER A 333 23.66 45.19 -5.03
C SER A 333 24.37 46.18 -4.11
N ASN A 334 24.88 47.24 -4.71
CA ASN A 334 25.62 48.27 -4.01
C ASN A 334 24.70 49.41 -3.67
N THR A 335 23.41 49.11 -3.62
CA THR A 335 22.40 50.13 -3.33
C THR A 335 21.24 49.60 -2.47
N GLY A 336 20.92 50.33 -1.41
CA GLY A 336 19.81 49.94 -0.56
C GLY A 336 18.52 49.96 -1.33
N VAL A 337 17.68 48.93 -1.17
CA VAL A 337 16.37 48.97 -1.81
C VAL A 337 15.30 48.92 -0.74
N ASN A 338 14.19 49.57 -1.03
CA ASN A 338 13.01 49.42 -0.21
C ASN A 338 12.13 48.34 -0.81
N GLN A 339 11.85 47.31 0.00
CA GLN A 339 11.04 46.19 -0.47
C GLN A 339 9.73 46.11 0.28
N ASN A 340 8.65 45.87 -0.46
CA ASN A 340 7.32 45.74 0.12
C ASN A 340 6.91 44.27 0.14
N PHE A 341 6.54 43.75 1.30
CA PHE A 341 6.29 42.33 1.46
C PHE A 341 4.82 42.10 1.72
N VAL A 342 4.15 41.39 0.83
CA VAL A 342 2.71 41.17 0.94
C VAL A 342 2.44 39.73 1.33
N LEU A 343 1.67 39.54 2.41
CA LEU A 343 1.29 38.19 2.86
C LEU A 343 -0.09 37.81 2.35
N GLN A 344 -0.15 36.76 1.54
CA GLN A 344 -1.41 36.23 1.05
C GLN A 344 -1.82 35.02 1.89
N ASN A 345 -3.14 34.82 1.99
CA ASN A 345 -3.79 33.72 2.74
C ASN A 345 -3.31 33.59 4.19
N GLY A 346 -3.07 34.74 4.81
CA GLY A 346 -2.53 34.77 6.16
C GLY A 346 -2.35 36.21 6.63
N SER A 347 -2.56 36.41 7.92
CA SER A 347 -2.45 37.73 8.52
C SER A 347 -1.47 37.69 9.69
N ALA A 348 -0.76 38.80 9.89
CA ALA A 348 0.29 38.87 10.89
C ALA A 348 0.29 40.21 11.65
N SER A 349 1.27 40.38 12.54
CA SER A 349 1.32 41.54 13.42
C SER A 349 2.70 42.20 13.50
N ASN A 350 3.59 41.59 14.28
CA ASN A 350 4.91 42.14 14.52
C ASN A 350 5.98 41.42 13.70
N VAL A 351 7.00 42.16 13.24
CA VAL A 351 8.09 41.56 12.49
C VAL A 351 9.44 41.91 13.12
N SER A 352 10.22 40.88 13.46
CA SER A 352 11.60 41.07 13.93
C SER A 352 12.54 40.73 12.80
N ARG A 353 13.82 41.07 12.98
CA ARG A 353 14.83 40.90 11.92
C ARG A 353 16.26 40.97 12.40
N TRP A 354 17.13 40.29 11.67
CA TRP A 354 18.55 40.37 11.92
C TRP A 354 19.27 40.61 10.60
N ILE A 355 20.31 41.43 10.63
CA ILE A 355 21.00 41.80 9.40
C ILE A 355 22.47 41.43 9.44
N THR A 356 23.00 41.03 8.30
CA THR A 356 24.43 40.86 8.20
C THR A 356 24.96 41.67 7.03
N SER A 357 26.03 42.42 7.28
CA SER A 357 26.60 43.32 6.29
C SER A 357 28.10 43.36 6.49
N SER A 358 28.76 44.30 5.81
CA SER A 358 30.23 44.47 5.90
C SER A 358 30.70 44.62 7.37
N SER A 359 29.86 45.31 8.14
CA SER A 359 30.20 45.86 9.43
C SER A 359 29.46 45.24 10.60
N SER A 360 28.46 44.40 10.33
CA SER A 360 27.64 43.79 11.39
C SER A 360 27.36 42.31 11.17
N ASN A 361 27.21 41.54 12.26
CA ASN A 361 26.83 40.13 12.19
C ASN A 361 25.51 39.82 12.91
N LEU A 362 24.56 39.28 12.16
CA LEU A 362 23.24 38.92 12.70
C LEU A 362 22.76 39.89 13.73
N GLN A 363 22.64 41.14 13.33
CA GLN A 363 22.42 42.20 14.27
C GLN A 363 20.99 42.68 14.18
N PRO A 364 20.28 42.70 15.33
CA PRO A 364 18.87 43.07 15.36
C PRO A 364 18.61 44.41 14.69
N GLY A 365 17.56 44.47 13.89
CA GLY A 365 17.15 45.71 13.30
C GLY A 365 15.95 46.18 14.06
N THR A 366 15.38 47.30 13.65
CA THR A 366 14.20 47.77 14.34
C THR A 366 13.05 46.85 13.97
N ASN A 367 12.15 46.63 14.93
CA ASN A 367 10.90 45.92 14.69
C ASN A 367 10.05 46.67 13.69
N LEU A 368 9.20 45.94 12.97
CA LEU A 368 8.28 46.52 12.00
C LEU A 368 6.91 45.94 12.26
N THR A 369 5.87 46.63 11.82
CA THR A 369 4.51 46.19 12.08
C THR A 369 3.74 46.04 10.77
N VAL A 370 2.81 45.08 10.74
CA VAL A 370 2.07 44.76 9.51
C VAL A 370 0.84 45.65 9.33
N SER A 371 0.78 46.32 8.18
CA SER A 371 -0.34 47.18 7.81
C SER A 371 -1.25 46.39 6.89
N GLY A 372 -2.30 45.80 7.46
CA GLY A 372 -3.19 44.93 6.69
C GLY A 372 -2.50 43.61 6.37
N ASN A 373 -2.06 43.47 5.14
CA ASN A 373 -1.38 42.25 4.74
C ASN A 373 0.06 42.48 4.28
N HIS A 374 0.66 43.59 4.67
CA HIS A 374 1.98 43.93 4.17
C HIS A 374 2.85 44.75 5.13
N PHE A 375 4.12 44.89 4.77
CA PHE A 375 5.06 45.75 5.46
C PHE A 375 6.23 46.10 4.54
N TRP A 376 6.71 47.34 4.67
CA TRP A 376 7.88 47.81 3.95
C TRP A 376 9.10 47.56 4.82
N ALA A 377 10.22 47.25 4.17
CA ALA A 377 11.48 47.14 4.87
C ALA A 377 12.57 47.57 3.93
N HIS A 378 13.60 48.18 4.50
CA HIS A 378 14.70 48.62 3.71
C HIS A 378 15.74 47.52 3.70
N LEU A 379 16.28 47.19 2.53
CA LEU A 379 17.32 46.16 2.47
C LEU A 379 18.66 46.80 2.19
N PRO A 380 19.49 46.97 3.24
CA PRO A 380 20.76 47.65 3.08
C PRO A 380 21.56 47.09 1.91
N ALA A 381 22.47 47.91 1.38
CA ALA A 381 23.35 47.46 0.30
C ALA A 381 24.22 46.33 0.82
N GLN A 382 24.57 45.42 -0.09
CA GLN A 382 25.33 44.19 0.22
C GLN A 382 24.98 43.59 1.58
N SER A 383 23.69 43.27 1.77
CA SER A 383 23.21 42.73 3.04
C SER A 383 22.32 41.49 2.89
N VAL A 384 22.32 40.65 3.93
CA VAL A 384 21.30 39.62 4.11
C VAL A 384 20.47 39.91 5.37
N THR A 385 19.16 39.92 5.22
CA THR A 385 18.24 40.03 6.33
C THR A 385 17.38 38.76 6.46
N THR A 386 17.09 38.36 7.69
CA THR A 386 16.07 37.40 7.97
C THR A 386 14.98 38.11 8.76
N PHE A 387 13.78 38.16 8.19
CA PHE A 387 12.58 38.55 8.92
C PHE A 387 11.91 37.36 9.62
N VAL A 388 11.46 37.58 10.84
CA VAL A 388 10.63 36.62 11.53
C VAL A 388 9.29 37.28 11.80
N VAL A 389 8.26 36.74 11.18
CA VAL A 389 6.91 37.30 11.24
C VAL A 389 6.05 36.45 12.17
N ASN A 390 5.47 37.07 13.20
CA ASN A 390 4.48 36.40 14.05
C ASN A 390 3.05 36.49 13.55
N ARG A 391 2.37 35.33 13.65
CA ARG A 391 0.97 35.18 13.23
C ARG A 391 0.03 35.17 14.43
N SER B 3 -13.50 -14.30 14.74
CA SER B 3 -12.22 -14.88 15.29
C SER B 3 -11.95 -14.50 16.79
N ASP B 4 -11.85 -15.52 17.63
CA ASP B 4 -11.64 -15.49 19.10
C ASP B 4 -10.86 -14.32 19.72
N VAL B 5 -11.32 -13.87 20.88
CA VAL B 5 -10.52 -13.06 21.79
C VAL B 5 -9.93 -13.99 22.85
N THR B 6 -8.60 -13.98 23.00
CA THR B 6 -7.97 -14.71 24.09
C THR B 6 -7.57 -13.76 25.19
N VAL B 7 -8.03 -14.05 26.40
CA VAL B 7 -7.67 -13.24 27.57
C VAL B 7 -6.81 -14.09 28.50
N ASN B 8 -5.53 -13.77 28.60
CA ASN B 8 -4.65 -14.54 29.47
C ASN B 8 -4.49 -13.92 30.85
N VAL B 9 -5.14 -14.53 31.82
CA VAL B 9 -5.21 -14.00 33.17
C VAL B 9 -3.85 -13.92 33.87
N SER B 10 -2.85 -14.60 33.33
CA SER B 10 -1.53 -14.65 33.95
C SER B 10 -0.52 -13.71 33.32
N ALA B 11 -0.78 -13.26 32.10
CA ALA B 11 0.13 -12.33 31.44
C ALA B 11 -0.17 -10.93 31.96
N GLU B 12 0.50 -10.54 33.03
CA GLU B 12 0.23 -9.28 33.69
C GLU B 12 1.03 -8.17 33.04
N LYS B 13 0.41 -6.99 32.89
CA LYS B 13 1.03 -5.84 32.21
C LYS B 13 1.21 -4.67 33.19
N GLN B 14 0.86 -3.45 32.82
CA GLN B 14 0.99 -2.32 33.74
C GLN B 14 -0.08 -2.33 34.84
N VAL B 15 0.28 -1.77 36.00
CA VAL B 15 -0.67 -1.59 37.09
C VAL B 15 -1.35 -0.24 36.93
N ILE B 16 -2.65 -0.22 37.13
CA ILE B 16 -3.46 0.94 36.84
C ILE B 16 -3.57 1.82 38.07
N ARG B 17 -3.27 3.11 37.90
CA ARG B 17 -3.52 4.10 38.93
C ARG B 17 -4.89 4.75 38.85
N GLY B 18 -5.45 4.87 37.65
CA GLY B 18 -6.82 5.42 37.46
C GLY B 18 -7.06 6.36 36.29
N PHE B 19 -8.19 7.06 36.35
CA PHE B 19 -8.75 7.82 35.26
C PHE B 19 -9.38 9.05 35.86
N GLY B 20 -9.25 10.20 35.19
CA GLY B 20 -9.94 11.39 35.65
C GLY B 20 -9.80 12.57 34.73
N GLY B 21 -9.87 13.76 35.31
CA GLY B 21 -9.74 14.98 34.55
C GLY B 21 -9.22 16.15 35.36
N MET B 22 -9.23 17.32 34.74
CA MET B 22 -8.65 18.50 35.33
C MET B 22 -9.74 19.36 35.98
N ASN B 23 -9.33 20.11 36.99
CA ASN B 23 -10.16 21.17 37.54
C ASN B 23 -9.35 22.45 37.48
N HIS B 24 -9.95 23.49 36.93
CA HIS B 24 -9.29 24.81 36.88
C HIS B 24 -10.29 25.92 37.17
N PRO B 25 -10.41 26.33 38.46
CA PRO B 25 -11.45 27.28 38.83
C PRO B 25 -11.23 28.64 38.16
N ALA B 26 -9.96 29.04 38.00
CA ALA B 26 -9.60 30.29 37.31
C ALA B 26 -10.09 30.31 35.85
N TRP B 27 -9.67 29.31 35.06
CA TRP B 27 -9.95 29.29 33.62
C TRP B 27 -11.29 28.67 33.25
N ALA B 28 -11.84 27.81 34.09
CA ALA B 28 -13.03 27.07 33.74
C ALA B 28 -14.17 27.26 34.73
N GLY B 29 -13.84 27.72 35.93
CA GLY B 29 -14.79 27.79 37.02
C GLY B 29 -14.83 26.49 37.79
N ASP B 30 -14.62 26.58 39.10
CA ASP B 30 -14.56 25.42 39.99
C ASP B 30 -15.84 24.59 39.85
N LEU B 31 -15.72 23.29 40.10
CA LEU B 31 -16.89 22.42 40.15
C LEU B 31 -17.80 22.81 41.33
N THR B 32 -19.10 22.63 41.14
CA THR B 32 -20.02 22.85 42.24
C THR B 32 -19.97 21.60 43.10
N ALA B 33 -20.49 21.70 44.32
CA ALA B 33 -20.57 20.55 45.25
C ALA B 33 -21.20 19.30 44.63
N ALA B 34 -22.31 19.49 43.92
CA ALA B 34 -23.03 18.39 43.25
C ALA B 34 -22.18 17.76 42.14
N GLN B 35 -21.49 18.62 41.39
CA GLN B 35 -20.59 18.20 40.32
C GLN B 35 -19.39 17.38 40.81
N ARG B 36 -18.92 17.70 42.02
CA ARG B 36 -17.84 16.94 42.67
C ARG B 36 -18.31 15.53 42.98
N GLU B 37 -19.57 15.39 43.34
CA GLU B 37 -20.17 14.08 43.57
C GLU B 37 -20.22 13.28 42.27
N THR B 38 -20.70 13.92 41.21
CA THR B 38 -20.83 13.29 39.91
C THR B 38 -19.45 12.85 39.37
N ALA B 39 -18.43 13.65 39.61
CA ALA B 39 -17.09 13.36 39.13
C ALA B 39 -16.41 12.22 39.88
N PHE B 40 -16.43 12.25 41.21
CA PHE B 40 -15.63 11.29 41.99
C PHE B 40 -16.38 10.14 42.67
N GLY B 41 -17.68 10.31 42.87
CA GLY B 41 -18.51 9.20 43.33
C GLY B 41 -18.55 8.11 42.27
N ASN B 42 -18.57 6.86 42.71
CA ASN B 42 -18.78 5.77 41.78
C ASN B 42 -20.14 5.13 41.89
N GLY B 43 -21.17 5.95 42.09
CA GLY B 43 -22.53 5.45 42.13
C GLY B 43 -23.18 5.54 40.78
N GLN B 44 -24.44 5.13 40.69
CA GLN B 44 -25.18 5.24 39.45
C GLN B 44 -25.23 6.71 39.04
N ASN B 45 -25.15 6.98 37.73
CA ASN B 45 -25.06 8.35 37.20
C ASN B 45 -23.84 9.17 37.62
N GLN B 46 -22.78 8.50 38.07
CA GLN B 46 -21.52 9.19 38.40
C GLN B 46 -20.32 8.58 37.66
N LEU B 47 -19.24 9.34 37.57
CA LEU B 47 -18.14 8.99 36.71
C LEU B 47 -17.09 8.09 37.33
N GLY B 48 -16.99 8.08 38.66
CA GLY B 48 -16.01 7.25 39.32
C GLY B 48 -14.60 7.58 38.91
N PHE B 49 -14.33 8.85 38.70
CA PHE B 49 -12.99 9.26 38.39
C PHE B 49 -12.15 9.02 39.63
N SER B 50 -10.94 8.52 39.43
CA SER B 50 -10.05 8.15 40.52
C SER B 50 -8.78 9.02 40.55
N ILE B 51 -8.72 9.99 39.64
CA ILE B 51 -7.58 10.89 39.58
C ILE B 51 -8.11 12.28 39.36
N LEU B 52 -7.48 13.27 39.97
CA LEU B 52 -7.81 14.68 39.77
C LEU B 52 -6.52 15.42 39.51
N ARG B 53 -6.54 16.22 38.44
CA ARG B 53 -5.43 17.10 38.15
C ARG B 53 -5.85 18.50 38.49
N ILE B 54 -4.94 19.23 39.13
CA ILE B 54 -5.13 20.64 39.42
C ILE B 54 -3.86 21.37 39.02
N HIS B 55 -3.91 22.70 38.96
CA HIS B 55 -2.72 23.44 38.55
C HIS B 55 -2.10 24.16 39.72
N VAL B 56 -0.78 24.25 39.67
CA VAL B 56 -0.01 25.06 40.60
C VAL B 56 0.07 26.49 40.08
N ASP B 57 -0.73 27.37 40.65
CA ASP B 57 -0.70 28.76 40.25
C ASP B 57 0.66 29.40 40.53
N GLU B 58 1.05 30.34 39.66
CA GLU B 58 2.33 31.05 39.84
C GLU B 58 2.28 32.07 41.00
N ASN B 59 1.06 32.41 41.40
CA ASN B 59 0.80 33.31 42.51
C ASN B 59 0.13 32.59 43.69
N ARG B 60 0.89 32.36 44.76
CA ARG B 60 0.41 31.66 45.98
C ARG B 60 -0.91 32.14 46.56
N ASN B 61 -1.26 33.40 46.34
CA ASN B 61 -2.51 33.95 46.86
C ASN B 61 -3.73 33.31 46.20
N ASN B 62 -3.50 32.60 45.11
CA ASN B 62 -4.56 31.90 44.38
C ASN B 62 -4.72 30.43 44.78
N TRP B 63 -3.67 29.87 45.38
CA TRP B 63 -3.63 28.47 45.79
C TRP B 63 -4.89 27.99 46.51
N TYR B 64 -5.38 28.81 47.44
CA TYR B 64 -6.57 28.48 48.23
C TYR B 64 -7.78 28.05 47.38
N LYS B 65 -7.86 28.50 46.14
CA LYS B 65 -9.05 28.26 45.29
C LYS B 65 -9.20 26.79 44.87
N GLU B 66 -8.12 26.01 45.01
CA GLU B 66 -8.09 24.61 44.57
C GLU B 66 -8.60 23.63 45.62
N VAL B 67 -8.71 24.11 46.86
CA VAL B 67 -8.86 23.24 48.04
C VAL B 67 -10.17 22.44 48.12
N GLU B 68 -11.31 23.11 48.01
CA GLU B 68 -12.61 22.44 48.17
C GLU B 68 -12.77 21.22 47.27
N THR B 69 -12.47 21.41 45.98
CA THR B 69 -12.60 20.35 44.98
C THR B 69 -11.59 19.24 45.23
N ALA B 70 -10.35 19.61 45.54
CA ALA B 70 -9.30 18.63 45.88
C ALA B 70 -9.67 17.82 47.12
N LYS B 71 -10.17 18.50 48.16
CA LYS B 71 -10.68 17.84 49.36
C LYS B 71 -11.77 16.82 49.03
N SER B 72 -12.67 17.20 48.15
CA SER B 72 -13.76 16.32 47.77
C SER B 72 -13.24 15.05 47.09
N ALA B 73 -12.22 15.21 46.24
CA ALA B 73 -11.66 14.09 45.50
C ALA B 73 -11.05 13.06 46.43
N VAL B 74 -10.26 13.55 47.40
CA VAL B 74 -9.60 12.69 48.39
C VAL B 74 -10.63 11.94 49.26
N LYS B 75 -11.61 12.68 49.77
CA LYS B 75 -12.78 12.12 50.45
C LYS B 75 -13.35 10.90 49.72
N HIS B 76 -13.32 10.90 48.38
CA HIS B 76 -13.88 9.79 47.59
C HIS B 76 -12.85 8.77 47.15
N GLY B 77 -11.60 8.95 47.57
CA GLY B 77 -10.53 8.01 47.28
C GLY B 77 -9.73 8.30 46.04
N ALA B 78 -9.94 9.45 45.42
CA ALA B 78 -9.17 9.81 44.23
C ALA B 78 -7.82 10.33 44.69
N ILE B 79 -6.79 10.10 43.91
CA ILE B 79 -5.53 10.75 44.15
C ILE B 79 -5.48 12.09 43.38
N VAL B 80 -4.71 13.04 43.90
CA VAL B 80 -4.62 14.35 43.31
C VAL B 80 -3.18 14.66 42.94
N PHE B 81 -3.00 15.23 41.76
CA PHE B 81 -1.70 15.70 41.37
C PHE B 81 -1.83 17.06 40.76
N ALA B 82 -0.69 17.75 40.63
CA ALA B 82 -0.70 19.13 40.17
C ALA B 82 0.42 19.44 39.18
N SER B 83 0.10 20.38 38.29
CA SER B 83 0.93 20.75 37.16
C SER B 83 1.11 22.28 37.15
N PRO B 84 2.36 22.74 37.04
CA PRO B 84 2.68 24.16 36.84
C PRO B 84 2.67 24.58 35.37
N TRP B 85 2.14 25.76 35.08
CA TRP B 85 2.26 26.35 33.73
C TRP B 85 3.42 27.35 33.71
N ASN B 86 3.46 28.24 34.70
CA ASN B 86 4.55 29.23 34.83
C ASN B 86 5.13 29.29 36.22
N PRO B 87 6.45 29.52 36.32
CA PRO B 87 7.02 29.95 37.60
C PRO B 87 6.45 31.33 38.01
N PRO B 88 6.61 31.73 39.29
CA PRO B 88 6.32 33.15 39.57
C PRO B 88 7.17 34.10 38.70
N SER B 89 6.54 35.16 38.20
CA SER B 89 7.14 36.06 37.19
C SER B 89 8.56 36.52 37.47
N ASP B 90 8.89 36.80 38.73
CA ASP B 90 10.26 37.19 39.07
C ASP B 90 11.30 36.12 38.76
N MET B 91 10.87 34.91 38.38
CA MET B 91 11.81 33.83 38.10
C MET B 91 12.00 33.60 36.61
N VAL B 92 11.22 34.35 35.84
CA VAL B 92 11.10 34.14 34.42
C VAL B 92 11.83 35.25 33.67
N GLU B 93 12.61 34.88 32.65
CA GLU B 93 13.15 35.86 31.70
C GLU B 93 12.67 35.58 30.27
N THR B 94 12.69 36.61 29.43
CA THR B 94 12.49 36.40 28.00
C THR B 94 13.83 36.06 27.39
N PHE B 95 13.79 35.45 26.20
CA PHE B 95 14.98 35.09 25.45
C PHE B 95 14.65 34.88 23.98
N ASN B 96 15.68 34.86 23.14
CA ASN B 96 15.45 34.66 21.71
C ASN B 96 15.43 33.17 21.39
N ARG B 97 14.22 32.66 21.15
CA ARG B 97 14.01 31.29 20.73
C ARG B 97 13.70 31.23 19.24
N ASN B 98 14.74 30.91 18.46
CA ASN B 98 14.64 30.85 17.01
C ASN B 98 13.95 32.05 16.34
N GLY B 99 14.23 33.26 16.80
CA GLY B 99 13.61 34.45 16.22
C GLY B 99 12.39 34.99 16.94
N ASP B 100 11.81 34.18 17.82
CA ASP B 100 10.79 34.67 18.74
C ASP B 100 11.49 35.22 20.01
N THR B 101 11.29 36.51 20.28
CA THR B 101 11.90 37.19 21.42
C THR B 101 10.95 37.35 22.60
N SER B 102 9.68 37.00 22.41
CA SER B 102 8.72 36.99 23.52
C SER B 102 8.76 35.66 24.30
N ALA B 103 9.68 34.77 23.94
CA ALA B 103 9.77 33.44 24.54
C ALA B 103 10.22 33.52 26.01
N LYS B 104 9.45 32.87 26.89
CA LYS B 104 9.74 32.87 28.33
C LYS B 104 10.43 31.57 28.76
N ARG B 105 11.38 31.69 29.69
CA ARG B 105 11.99 30.52 30.35
C ARG B 105 12.33 30.84 31.81
N LEU B 106 12.58 29.79 32.59
CA LEU B 106 13.02 29.95 33.98
C LEU B 106 14.49 30.35 33.98
N LYS B 107 14.82 31.37 34.77
CA LYS B 107 16.21 31.84 34.85
C LYS B 107 17.10 30.72 35.36
N TYR B 108 18.24 30.55 34.71
CA TYR B 108 19.20 29.49 35.07
C TYR B 108 19.64 29.54 36.53
N ASN B 109 19.49 30.69 37.17
CA ASN B 109 19.92 30.83 38.55
C ASN B 109 18.72 30.80 39.50
N LYS B 110 17.57 30.38 38.99
CA LYS B 110 16.35 30.33 39.79
C LYS B 110 15.78 28.92 39.94
N TYR B 111 16.53 27.90 39.53
CA TYR B 111 16.06 26.50 39.61
C TYR B 111 15.71 26.09 41.05
N ALA B 112 16.70 26.22 41.94
CA ALA B 112 16.49 26.00 43.36
C ALA B 112 15.24 26.73 43.87
N ALA B 113 15.08 27.98 43.46
CA ALA B 113 13.98 28.80 43.97
C ALA B 113 12.63 28.27 43.47
N TYR B 114 12.67 27.65 42.28
CA TYR B 114 11.46 27.18 41.65
C TYR B 114 11.08 25.83 42.24
N ALA B 115 12.11 25.03 42.57
CA ALA B 115 11.88 23.77 43.31
C ALA B 115 11.18 24.10 44.62
N GLN B 116 11.63 25.18 45.27
CA GLN B 116 11.04 25.63 46.53
C GLN B 116 9.61 26.10 46.33
N HIS B 117 9.37 26.81 45.23
CA HIS B 117 8.02 27.26 44.91
C HIS B 117 7.06 26.07 44.86
N LEU B 118 7.47 24.99 44.17
CA LEU B 118 6.62 23.80 44.01
C LEU B 118 6.42 23.12 45.36
N ASN B 119 7.52 23.00 46.11
CA ASN B 119 7.48 22.45 47.45
C ASN B 119 6.50 23.14 48.34
N ASP B 120 6.56 24.46 48.34
CA ASP B 120 5.62 25.20 49.14
C ASP B 120 4.20 24.79 48.80
N PHE B 121 3.94 24.48 47.53
CA PHE B 121 2.59 24.08 47.12
C PHE B 121 2.17 22.74 47.73
N VAL B 122 3.09 21.78 47.74
CA VAL B 122 2.86 20.47 48.36
C VAL B 122 2.52 20.67 49.82
N THR B 123 3.37 21.42 50.51
CA THR B 123 3.21 21.76 51.92
C THR B 123 1.86 22.43 52.17
N PHE B 124 1.51 23.38 51.29
CA PHE B 124 0.28 24.14 51.45
C PHE B 124 -0.90 23.21 51.35
N MET B 125 -0.86 22.32 50.36
CA MET B 125 -1.96 21.39 50.13
C MET B 125 -2.13 20.41 51.31
N LYS B 126 -1.00 19.98 51.86
CA LYS B 126 -1.01 19.12 53.03
C LYS B 126 -1.79 19.81 54.15
N ASN B 127 -1.44 21.06 54.44
CA ASN B 127 -2.09 21.81 55.54
C ASN B 127 -3.58 22.03 55.34
N ASN B 128 -4.11 21.48 54.26
CA ASN B 128 -5.53 21.59 54.02
C ASN B 128 -6.13 20.22 53.85
N GLY B 129 -5.35 19.20 54.17
CA GLY B 129 -5.86 17.85 54.21
C GLY B 129 -5.89 17.20 52.86
N VAL B 130 -4.90 17.52 52.02
CA VAL B 130 -4.71 16.88 50.74
C VAL B 130 -3.24 16.50 50.59
N ASN B 131 -2.95 15.20 50.64
CA ASN B 131 -1.60 14.72 50.39
C ASN B 131 -1.45 14.51 48.89
N LEU B 132 -0.98 15.55 48.20
CA LEU B 132 -0.70 15.47 46.75
C LEU B 132 0.10 14.23 46.45
N TYR B 133 -0.44 13.42 45.55
CA TYR B 133 0.22 12.22 45.12
C TYR B 133 1.51 12.53 44.36
N ALA B 134 1.52 13.62 43.61
CA ALA B 134 2.62 13.97 42.70
C ALA B 134 2.54 15.39 42.18
N ILE B 135 3.69 15.90 41.75
CA ILE B 135 3.77 17.23 41.22
C ILE B 135 4.62 17.21 39.96
N SER B 136 4.27 18.04 38.99
CA SER B 136 5.01 18.09 37.75
C SER B 136 6.10 19.17 37.76
N VAL B 137 7.11 19.01 36.90
CA VAL B 137 8.13 20.05 36.70
C VAL B 137 7.64 21.24 35.86
N GLN B 138 6.83 20.95 34.85
CA GLN B 138 6.34 21.93 33.86
C GLN B 138 5.32 21.31 32.90
N ASN B 139 4.14 21.90 32.82
CA ASN B 139 3.19 21.59 31.75
C ASN B 139 3.71 21.99 30.39
N GLU B 140 3.76 21.00 29.48
CA GLU B 140 4.13 21.20 28.08
C GLU B 140 5.26 22.20 27.80
N PRO B 141 6.47 21.91 28.31
CA PRO B 141 7.63 22.75 28.12
C PRO B 141 8.10 22.84 26.68
N ASP B 142 7.57 21.98 25.82
CA ASP B 142 8.01 21.94 24.42
C ASP B 142 6.93 22.49 23.52
N TYR B 143 6.00 23.22 24.12
CA TYR B 143 4.92 23.85 23.41
C TYR B 143 4.43 25.03 24.24
N ALA B 144 5.36 25.88 24.65
CA ALA B 144 5.11 26.87 25.69
C ALA B 144 4.88 28.31 25.20
N HIS B 145 4.33 28.47 24.00
CA HIS B 145 4.12 29.78 23.38
C HIS B 145 3.44 30.75 24.33
N GLU B 146 2.52 30.22 25.14
CA GLU B 146 1.76 31.03 26.07
C GLU B 146 2.15 30.80 27.52
N TRP B 147 3.29 30.13 27.73
CA TRP B 147 3.84 29.95 29.08
C TRP B 147 5.36 29.82 29.08
N THR B 148 5.89 28.83 29.79
CA THR B 148 7.33 28.79 30.05
C THR B 148 8.01 27.62 29.33
N TRP B 149 8.95 27.97 28.44
CA TRP B 149 9.69 26.99 27.65
C TRP B 149 10.82 26.36 28.41
N TRP B 150 11.04 25.07 28.20
CA TRP B 150 12.27 24.46 28.68
C TRP B 150 12.80 23.59 27.57
N THR B 151 14.10 23.65 27.31
CA THR B 151 14.73 22.72 26.38
C THR B 151 14.89 21.36 27.08
N PRO B 152 15.16 20.29 26.30
CA PRO B 152 15.50 19.02 26.93
C PRO B 152 16.64 19.15 27.94
N GLN B 153 17.68 19.89 27.58
CA GLN B 153 18.83 20.06 28.50
C GLN B 153 18.47 20.83 29.78
N GLU B 154 17.60 21.82 29.66
CA GLU B 154 17.19 22.58 30.84
C GLU B 154 16.38 21.69 31.78
N ILE B 155 15.56 20.80 31.20
CA ILE B 155 14.79 19.83 31.97
C ILE B 155 15.74 18.85 32.65
N LEU B 156 16.75 18.38 31.93
CA LEU B 156 17.71 17.43 32.48
C LEU B 156 18.37 18.03 33.71
N ARG B 157 18.85 19.26 33.58
CA ARG B 157 19.61 19.91 34.65
C ARG B 157 18.75 19.94 35.89
N PHE B 158 17.52 20.40 35.74
CA PHE B 158 16.62 20.44 36.87
C PHE B 158 16.36 19.05 37.46
N MET B 159 16.21 18.04 36.60
CA MET B 159 15.96 16.67 37.07
C MET B 159 17.16 16.12 37.86
N ARG B 160 18.36 16.37 37.34
CA ARG B 160 19.62 15.98 37.99
C ARG B 160 19.83 16.69 39.33
N GLU B 161 19.48 17.96 39.40
CA GLU B 161 20.01 18.83 40.47
C GLU B 161 18.97 19.38 41.42
N ASN B 162 17.69 19.28 41.11
CA ASN B 162 16.69 19.99 41.90
C ASN B 162 15.47 19.19 42.29
N ALA B 163 15.09 18.25 41.42
CA ALA B 163 13.89 17.45 41.62
C ALA B 163 14.02 16.66 42.90
N GLY B 164 15.25 16.19 43.18
CA GLY B 164 15.57 15.44 44.40
C GLY B 164 15.13 16.15 45.67
N SER B 165 15.06 17.48 45.62
CA SER B 165 14.72 18.24 46.81
C SER B 165 13.21 18.39 46.99
N ILE B 166 12.45 17.81 46.06
CA ILE B 166 10.98 17.94 46.07
C ILE B 166 10.33 16.85 46.90
N ASN B 167 9.41 17.28 47.76
CA ASN B 167 8.77 16.47 48.81
C ASN B 167 7.64 15.68 48.28
N ALA B 168 7.86 15.08 47.13
CA ALA B 168 6.77 14.38 46.50
C ALA B 168 7.21 13.61 45.29
N ARG B 169 6.31 12.80 44.78
CA ARG B 169 6.53 12.13 43.53
C ARG B 169 6.60 13.19 42.41
N VAL B 170 7.64 13.11 41.61
CA VAL B 170 7.89 14.10 40.60
C VAL B 170 7.47 13.55 39.22
N ILE B 171 6.62 14.31 38.53
CA ILE B 171 6.26 14.00 37.15
C ILE B 171 7.09 14.86 36.21
N ALA B 172 7.67 14.21 35.20
CA ALA B 172 8.36 14.89 34.11
C ALA B 172 8.24 14.04 32.82
N PRO B 173 8.38 14.66 31.61
CA PRO B 173 8.48 16.09 31.30
C PRO B 173 7.22 16.71 30.73
N GLU B 174 6.15 15.94 30.55
CA GLU B 174 4.87 16.42 30.04
C GLU B 174 4.92 17.08 28.65
N SER B 175 5.51 16.37 27.68
CA SER B 175 5.53 16.82 26.30
C SER B 175 4.11 16.93 25.79
N PHE B 176 3.85 17.88 24.90
CA PHE B 176 2.49 17.98 24.41
C PHE B 176 2.12 16.78 23.54
N GLN B 177 3.12 16.14 22.96
CA GLN B 177 2.87 15.18 21.89
C GLN B 177 3.67 13.90 22.08
N TYR B 178 4.27 13.73 23.26
CA TYR B 178 5.03 12.52 23.58
C TYR B 178 6.25 12.41 22.69
N LEU B 179 6.82 13.58 22.36
CA LEU B 179 8.11 13.70 21.69
C LEU B 179 9.21 13.15 22.56
N LYS B 180 9.80 12.05 22.12
CA LYS B 180 10.73 11.29 22.94
C LYS B 180 12.00 12.07 23.25
N ASN B 181 12.30 13.07 22.42
CA ASN B 181 13.53 13.87 22.55
C ASN B 181 13.55 14.70 23.85
N LEU B 182 12.38 14.89 24.44
CA LEU B 182 12.25 15.65 25.66
C LEU B 182 12.46 14.76 26.87
N SER B 183 12.28 13.47 26.67
CA SER B 183 12.37 12.48 27.75
C SER B 183 13.60 11.55 27.66
N ASP B 184 14.10 11.31 26.46
CA ASP B 184 15.31 10.52 26.28
C ASP B 184 16.47 10.97 27.21
N PRO B 185 16.79 12.28 27.23
CA PRO B 185 17.92 12.68 28.08
C PRO B 185 17.78 12.20 29.53
N ILE B 186 16.60 12.35 30.13
CA ILE B 186 16.36 11.86 31.49
C ILE B 186 16.59 10.35 31.60
N LEU B 187 16.01 9.59 30.67
CA LEU B 187 16.08 8.13 30.79
C LEU B 187 17.52 7.63 30.66
N ASN B 188 18.34 8.39 29.94
CA ASN B 188 19.72 8.04 29.69
C ASN B 188 20.69 8.54 30.77
N ASP B 189 20.16 9.13 31.85
CA ASP B 189 21.01 9.69 32.89
C ASP B 189 20.60 9.20 34.26
N PRO B 190 21.39 8.27 34.82
CA PRO B 190 21.04 7.57 36.07
C PRO B 190 20.58 8.51 37.18
N GLN B 191 21.27 9.63 37.32
CA GLN B 191 20.97 10.59 38.37
C GLN B 191 19.62 11.28 38.19
N ALA B 192 19.30 11.64 36.95
CA ALA B 192 18.05 12.33 36.65
C ALA B 192 16.91 11.32 36.68
N LEU B 193 17.15 10.16 36.09
CA LEU B 193 16.21 9.05 36.20
C LEU B 193 15.83 8.80 37.66
N ALA B 194 16.82 8.77 38.56
CA ALA B 194 16.58 8.53 39.98
C ALA B 194 15.60 9.52 40.63
N ASN B 195 15.55 10.76 40.13
CA ASN B 195 14.67 11.77 40.73
C ASN B 195 13.30 11.90 40.05
N MET B 196 13.08 11.10 39.00
CA MET B 196 11.78 11.06 38.34
C MET B 196 11.03 9.84 38.82
N ASP B 197 9.79 10.04 39.24
CA ASP B 197 8.96 8.94 39.74
C ASP B 197 7.95 8.53 38.69
N ILE B 198 7.45 9.51 37.95
CA ILE B 198 6.47 9.27 36.92
C ILE B 198 6.91 9.96 35.66
N LEU B 199 7.05 9.20 34.58
CA LEU B 199 7.15 9.83 33.24
C LEU B 199 5.75 10.23 32.82
N GLY B 200 5.57 11.54 32.63
CA GLY B 200 4.26 12.09 32.23
C GLY B 200 4.33 12.58 30.79
N THR B 201 3.21 12.44 30.06
CA THR B 201 3.12 12.97 28.69
C THR B 201 1.72 13.35 28.32
N HIS B 202 1.60 14.19 27.30
CA HIS B 202 0.30 14.39 26.65
C HIS B 202 0.36 13.72 25.30
N LEU B 203 -0.76 13.64 24.61
CA LEU B 203 -0.82 12.96 23.34
C LEU B 203 -1.55 13.76 22.25
N TYR B 204 -1.33 15.07 22.21
CA TYR B 204 -2.00 15.92 21.21
C TYR B 204 -1.37 15.73 19.84
N GLY B 205 -2.07 14.99 18.99
CA GLY B 205 -1.64 14.73 17.64
C GLY B 205 -0.65 13.59 17.56
N THR B 206 -0.55 12.80 18.63
CA THR B 206 0.34 11.65 18.64
C THR B 206 -0.32 10.50 17.90
N GLN B 207 0.32 10.07 16.81
CA GLN B 207 -0.06 8.85 16.09
C GLN B 207 0.19 7.60 16.94
N VAL B 208 -0.68 6.60 16.77
CA VAL B 208 -0.59 5.34 17.50
C VAL B 208 0.78 4.67 17.39
N SER B 209 1.47 4.83 16.26
CA SER B 209 2.82 4.28 16.07
C SER B 209 3.79 4.86 17.07
N GLN B 210 3.51 6.05 17.60
CA GLN B 210 4.42 6.73 18.52
C GLN B 210 4.06 6.46 19.98
N PHE B 211 3.07 5.61 20.20
CA PHE B 211 2.65 5.31 21.57
C PHE B 211 3.66 4.42 22.28
N PRO B 212 4.17 3.36 21.63
CA PRO B 212 5.20 2.56 22.32
C PRO B 212 6.46 3.38 22.60
N TYR B 213 7.14 3.06 23.70
CA TYR B 213 8.38 3.74 24.06
C TYR B 213 9.47 2.76 24.50
N PRO B 214 10.20 2.18 23.54
CA PRO B 214 11.24 1.18 23.80
C PRO B 214 12.20 1.57 24.89
N LEU B 215 12.71 2.79 24.82
CA LEU B 215 13.69 3.25 25.81
C LEU B 215 13.13 3.14 27.22
N PHE B 216 11.88 3.54 27.41
CA PHE B 216 11.27 3.45 28.72
C PHE B 216 11.16 2.01 29.20
N LYS B 217 10.87 1.09 28.28
CA LYS B 217 10.79 -0.34 28.62
C LYS B 217 12.16 -0.82 29.12
N GLN B 218 13.21 -0.26 28.51
CA GLN B 218 14.56 -0.68 28.76
C GLN B 218 15.12 -0.05 30.03
N LYS B 219 14.84 1.22 30.28
CA LYS B 219 15.46 1.88 31.41
C LYS B 219 14.52 2.24 32.54
N GLY B 220 13.22 2.11 32.31
CA GLY B 220 12.21 2.66 33.24
C GLY B 220 11.66 1.78 34.36
N ALA B 221 12.36 0.70 34.66
CA ALA B 221 11.91 -0.18 35.75
C ALA B 221 11.63 0.63 37.03
N GLY B 222 10.48 0.38 37.64
CA GLY B 222 10.12 1.05 38.90
C GLY B 222 9.46 2.42 38.68
N LYS B 223 9.43 2.89 37.44
CA LYS B 223 8.85 4.19 37.14
C LYS B 223 7.41 4.03 36.67
N ASP B 224 6.55 4.97 37.04
CA ASP B 224 5.19 5.02 36.49
C ASP B 224 5.18 5.69 35.10
N LEU B 225 4.19 5.35 34.29
CA LEU B 225 4.00 5.99 32.99
C LEU B 225 2.58 6.58 32.92
N TRP B 226 2.49 7.90 32.87
CA TRP B 226 1.18 8.56 32.97
C TRP B 226 0.79 9.40 31.77
N MET B 227 -0.44 9.26 31.31
CA MET B 227 -1.01 10.19 30.34
C MET B 227 -1.74 11.30 31.08
N THR B 228 -1.11 12.45 31.21
CA THR B 228 -1.60 13.47 32.14
C THR B 228 -2.54 14.54 31.60
N GLU B 229 -2.70 14.61 30.27
CA GLU B 229 -3.69 15.52 29.70
C GLU B 229 -4.05 15.17 28.25
N VAL B 230 -5.36 15.16 27.97
CA VAL B 230 -5.85 15.11 26.61
C VAL B 230 -7.33 15.46 26.49
N TYR B 231 -7.71 15.97 25.31
CA TYR B 231 -9.07 15.85 24.83
C TYR B 231 -9.02 15.23 23.44
N TYR B 232 -10.05 14.48 23.09
CA TYR B 232 -10.04 13.71 21.87
C TYR B 232 -11.46 13.37 21.51
N PRO B 233 -11.80 13.40 20.20
CA PRO B 233 -10.94 13.76 19.10
C PRO B 233 -10.84 15.25 18.81
N ASN B 234 -11.63 16.07 19.48
CA ASN B 234 -11.57 17.52 19.30
C ASN B 234 -12.12 18.30 20.50
N SER B 235 -12.00 19.62 20.45
CA SER B 235 -12.68 20.46 21.41
C SER B 235 -13.84 21.28 20.79
N ASP B 236 -14.52 20.69 19.82
CA ASP B 236 -15.65 21.37 19.18
C ASP B 236 -16.70 21.71 20.22
N THR B 237 -17.19 22.95 20.15
CA THR B 237 -18.25 23.40 21.03
C THR B 237 -19.45 22.48 20.93
N ASN B 238 -19.92 21.99 22.08
CA ASN B 238 -21.08 21.11 22.19
C ASN B 238 -20.95 19.74 21.52
N SER B 239 -19.72 19.25 21.38
CA SER B 239 -19.50 17.99 20.67
C SER B 239 -19.70 16.79 21.56
N ALA B 240 -19.78 17.03 22.87
CA ALA B 240 -19.71 15.95 23.88
C ALA B 240 -20.75 14.87 23.73
N ASP B 241 -21.86 15.16 23.06
CA ASP B 241 -22.92 14.17 22.87
C ASP B 241 -23.01 13.56 21.46
N ARG B 242 -22.18 14.04 20.54
CA ARG B 242 -22.19 13.54 19.17
C ARG B 242 -21.85 12.06 19.13
N TRP B 243 -22.71 11.28 18.49
CA TRP B 243 -22.52 9.84 18.30
C TRP B 243 -22.52 9.52 16.79
N PRO B 244 -21.57 8.69 16.33
N PRO B 244 -21.56 8.73 16.29
CA PRO B 244 -20.65 7.94 17.17
CA PRO B 244 -20.35 8.30 16.96
C PRO B 244 -19.27 8.57 17.44
C PRO B 244 -19.47 9.51 17.11
N GLU B 245 -19.16 9.88 17.37
N GLU B 245 -18.25 9.30 17.49
CA GLU B 245 -17.86 10.50 17.62
CA GLU B 245 -17.36 10.41 17.75
C GLU B 245 -17.28 10.20 19.01
C GLU B 245 -17.13 10.43 19.23
N ALA B 246 -18.16 10.10 20.01
CA ALA B 246 -17.85 9.82 21.41
C ALA B 246 -17.08 8.53 21.56
N LEU B 247 -17.42 7.51 20.75
CA LEU B 247 -16.67 6.26 20.70
C LEU B 247 -15.19 6.44 20.44
N ASP B 248 -14.80 7.56 19.86
CA ASP B 248 -13.40 7.88 19.70
C ASP B 248 -12.68 7.97 21.03
N VAL B 249 -13.40 8.44 22.04
CA VAL B 249 -12.85 8.56 23.38
C VAL B 249 -12.41 7.23 23.93
N SER B 250 -13.24 6.21 23.83
CA SER B 250 -12.86 4.94 24.43
C SER B 250 -11.79 4.24 23.62
N GLN B 251 -11.80 4.47 22.30
CA GLN B 251 -10.77 3.92 21.42
C GLN B 251 -9.42 4.54 21.72
N HIS B 252 -9.45 5.80 22.06
CA HIS B 252 -8.23 6.49 22.45
C HIS B 252 -7.64 5.94 23.77
N ILE B 253 -8.50 5.79 24.76
CA ILE B 253 -8.12 5.12 25.97
C ILE B 253 -7.63 3.69 25.68
N HIS B 254 -8.31 2.98 24.80
CA HIS B 254 -7.86 1.68 24.44
C HIS B 254 -6.40 1.72 23.94
N ASN B 255 -6.08 2.68 23.09
CA ASN B 255 -4.72 2.74 22.58
C ASN B 255 -3.70 3.13 23.63
N ALA B 256 -4.10 4.03 24.51
CA ALA B 256 -3.27 4.42 25.63
C ALA B 256 -2.89 3.20 26.51
N MET B 257 -3.89 2.37 26.84
CA MET B 257 -3.68 1.23 27.70
C MET B 257 -2.90 0.14 26.96
N VAL B 258 -3.31 -0.14 25.74
CA VAL B 258 -2.81 -1.30 25.06
C VAL B 258 -1.50 -1.02 24.35
N GLU B 259 -1.35 0.17 23.77
CA GLU B 259 -0.19 0.45 22.93
C GLU B 259 0.82 1.27 23.69
N GLY B 260 0.33 2.15 24.55
CA GLY B 260 1.20 3.03 25.29
C GLY B 260 1.55 2.48 26.65
N ASP B 261 0.81 1.47 27.08
CA ASP B 261 1.02 0.86 28.39
C ASP B 261 0.92 1.90 29.51
N PHE B 262 0.04 2.89 29.34
CA PHE B 262 -0.13 3.95 30.33
C PHE B 262 -0.86 3.44 31.54
N GLN B 263 -0.62 4.08 32.67
CA GLN B 263 -1.18 3.62 33.93
C GLN B 263 -2.20 4.60 34.44
N ALA B 264 -2.23 5.76 33.81
CA ALA B 264 -3.22 6.77 34.14
C ALA B 264 -3.61 7.48 32.86
N TYR B 265 -4.89 7.84 32.78
CA TYR B 265 -5.39 8.58 31.66
C TYR B 265 -6.22 9.71 32.22
N VAL B 266 -5.72 10.92 32.04
CA VAL B 266 -6.33 12.11 32.57
C VAL B 266 -6.81 13.07 31.48
N TRP B 267 -8.09 13.39 31.52
CA TRP B 267 -8.69 14.31 30.57
C TRP B 267 -8.35 15.73 30.95
N TRP B 268 -8.65 16.68 30.06
CA TRP B 268 -8.60 18.12 30.38
C TRP B 268 -9.84 18.44 31.22
N TYR B 269 -10.27 19.70 31.24
CA TYR B 269 -11.45 20.12 31.98
C TYR B 269 -12.52 19.02 32.10
N ILE B 270 -12.83 18.64 33.34
CA ILE B 270 -13.88 17.68 33.62
C ILE B 270 -15.22 18.17 33.08
N ARG B 271 -15.56 19.42 33.36
CA ARG B 271 -16.85 20.03 32.95
C ARG B 271 -16.62 20.99 31.80
N ARG B 272 -17.16 20.65 30.63
CA ARG B 272 -17.05 21.46 29.40
C ARG B 272 -17.99 20.90 28.33
N SER B 273 -18.35 21.72 27.35
CA SER B 273 -19.26 21.32 26.30
C SER B 273 -18.70 20.16 25.44
N TYR B 274 -17.39 19.97 25.48
CA TYR B 274 -16.74 18.84 24.85
C TYR B 274 -16.11 17.85 25.87
N GLY B 275 -16.46 17.97 27.14
CA GLY B 275 -15.87 17.16 28.20
C GLY B 275 -16.76 16.01 28.68
N PRO B 276 -16.27 15.23 29.66
CA PRO B 276 -17.01 14.10 30.20
C PRO B 276 -18.27 14.56 30.92
N MET B 277 -18.18 15.77 31.49
CA MET B 277 -19.31 16.36 32.15
C MET B 277 -19.77 17.60 31.39
N LYS B 278 -21.06 17.61 31.07
CA LYS B 278 -21.67 18.74 30.40
C LYS B 278 -21.84 19.88 31.39
N GLU B 279 -22.12 21.08 30.85
CA GLU B 279 -22.34 22.30 31.65
C GLU B 279 -23.56 22.23 32.57
N ASP B 280 -24.58 21.45 32.20
CA ASP B 280 -25.71 21.25 33.10
C ASP B 280 -25.41 20.22 34.18
N GLY B 281 -24.16 19.76 34.23
CA GLY B 281 -23.71 18.81 35.25
C GLY B 281 -24.13 17.37 35.02
N THR B 282 -24.60 17.05 33.83
CA THR B 282 -24.87 15.66 33.50
C THR B 282 -23.71 15.06 32.70
N ILE B 283 -23.74 13.74 32.57
CA ILE B 283 -22.67 13.03 31.88
C ILE B 283 -22.93 13.02 30.37
N SER B 284 -21.93 13.46 29.63
CA SER B 284 -21.95 13.42 28.17
C SER B 284 -21.69 12.02 27.65
N LYS B 285 -21.89 11.86 26.35
CA LYS B 285 -21.58 10.59 25.70
C LYS B 285 -20.08 10.32 25.79
N ARG B 286 -19.28 11.38 25.73
CA ARG B 286 -17.84 11.24 25.96
C ARG B 286 -17.58 10.75 27.38
N GLY B 287 -18.35 11.27 28.36
CA GLY B 287 -18.26 10.85 29.75
C GLY B 287 -18.46 9.36 29.92
N TYR B 288 -19.55 8.86 29.37
CA TYR B 288 -19.85 7.44 29.49
C TYR B 288 -18.78 6.57 28.84
N ASN B 289 -18.15 7.08 27.79
CA ASN B 289 -17.05 6.37 27.19
C ASN B 289 -15.92 6.20 28.21
N MET B 290 -15.59 7.26 28.93
CA MET B 290 -14.57 7.21 29.97
C MET B 290 -15.00 6.30 31.14
N ALA B 291 -16.26 6.44 31.54
CA ALA B 291 -16.88 5.59 32.55
C ALA B 291 -16.71 4.08 32.31
N HIS B 292 -16.68 3.66 31.05
CA HIS B 292 -16.59 2.23 30.76
C HIS B 292 -15.27 1.69 31.23
N PHE B 293 -14.33 2.59 31.49
CA PHE B 293 -13.07 2.25 32.08
C PHE B 293 -13.06 2.67 33.54
N SER B 294 -13.42 3.91 33.83
CA SER B 294 -13.07 4.46 35.12
C SER B 294 -13.92 3.86 36.24
N LYS B 295 -15.16 3.48 35.93
CA LYS B 295 -16.04 2.93 36.93
C LYS B 295 -15.68 1.47 37.28
N PHE B 296 -15.01 0.78 36.37
CA PHE B 296 -14.80 -0.65 36.51
C PHE B 296 -13.35 -1.00 36.70
N VAL B 297 -12.44 -0.21 36.13
CA VAL B 297 -11.01 -0.49 36.27
C VAL B 297 -10.52 0.37 37.42
N ARG B 298 -10.64 -0.19 38.61
CA ARG B 298 -10.30 0.57 39.80
C ARG B 298 -8.79 0.64 40.00
N PRO B 299 -8.32 1.68 40.69
CA PRO B 299 -6.91 1.72 41.08
C PRO B 299 -6.49 0.38 41.71
N GLY B 300 -5.35 -0.13 41.29
CA GLY B 300 -4.88 -1.40 41.79
C GLY B 300 -5.03 -2.51 40.77
N TYR B 301 -6.08 -2.42 39.93
CA TYR B 301 -6.27 -3.40 38.85
C TYR B 301 -5.04 -3.47 37.96
N VAL B 302 -4.86 -4.60 37.31
CA VAL B 302 -3.71 -4.81 36.43
C VAL B 302 -4.25 -5.14 35.06
N ARG B 303 -3.59 -4.64 34.02
CA ARG B 303 -3.99 -4.95 32.68
C ARG B 303 -3.46 -6.33 32.41
N ILE B 304 -4.25 -7.15 31.72
CA ILE B 304 -3.75 -8.44 31.27
C ILE B 304 -3.85 -8.58 29.74
N ASP B 305 -3.09 -9.51 29.18
CA ASP B 305 -3.04 -9.69 27.75
C ASP B 305 -4.38 -10.12 27.22
N ALA B 306 -4.73 -9.57 26.06
CA ALA B 306 -6.01 -9.86 25.43
C ALA B 306 -5.88 -9.47 23.98
N THR B 307 -6.40 -10.31 23.08
CA THR B 307 -6.44 -10.01 21.65
C THR B 307 -7.00 -8.61 21.45
N LYS B 308 -6.12 -7.69 21.07
CA LYS B 308 -6.47 -6.28 21.03
C LYS B 308 -7.44 -5.85 19.95
N ASN B 309 -7.48 -6.55 18.82
CA ASN B 309 -8.22 -6.08 17.67
C ASN B 309 -8.67 -7.25 16.81
N PRO B 310 -9.62 -8.03 17.32
CA PRO B 310 -9.94 -9.34 16.74
C PRO B 310 -10.84 -9.31 15.51
N ASN B 311 -11.48 -8.18 15.23
CA ASN B 311 -12.20 -7.95 13.99
C ASN B 311 -12.03 -6.51 13.61
N ALA B 312 -12.23 -6.17 12.35
CA ALA B 312 -12.24 -4.81 11.92
C ALA B 312 -13.12 -3.95 12.83
N ASN B 313 -12.55 -2.89 13.38
CA ASN B 313 -13.26 -1.87 14.15
C ASN B 313 -13.74 -2.36 15.52
N VAL B 314 -13.26 -3.53 15.91
CA VAL B 314 -13.52 -4.10 17.20
C VAL B 314 -12.22 -4.03 18.03
N TYR B 315 -12.28 -3.35 19.17
CA TYR B 315 -11.10 -3.17 19.99
C TYR B 315 -11.31 -3.68 21.41
N VAL B 316 -10.35 -4.45 21.90
CA VAL B 316 -10.52 -5.18 23.17
C VAL B 316 -9.35 -4.99 24.11
N SER B 317 -9.64 -4.68 25.36
CA SER B 317 -8.61 -4.73 26.42
C SER B 317 -9.19 -5.38 27.65
N ALA B 318 -8.29 -5.90 28.49
CA ALA B 318 -8.71 -6.65 29.67
C ALA B 318 -7.87 -6.29 30.89
N TYR B 319 -8.49 -6.39 32.06
CA TYR B 319 -7.83 -6.07 33.32
C TYR B 319 -8.28 -7.05 34.39
N LYS B 320 -7.41 -7.32 35.35
CA LYS B 320 -7.86 -8.08 36.54
C LYS B 320 -7.64 -7.34 37.85
N GLY B 321 -8.56 -7.55 38.78
CA GLY B 321 -8.38 -7.06 40.12
C GLY B 321 -9.56 -7.47 40.94
N ASP B 322 -9.36 -7.53 42.27
CA ASP B 322 -10.43 -7.75 43.22
C ASP B 322 -11.27 -9.00 42.85
N ASN B 323 -10.58 -10.02 42.36
CA ASN B 323 -11.22 -11.25 41.84
C ASN B 323 -12.05 -11.18 40.56
N LYS B 324 -12.02 -10.04 39.88
CA LYS B 324 -12.80 -9.95 38.66
C LYS B 324 -11.85 -9.84 37.48
N VAL B 325 -12.33 -10.24 36.31
CA VAL B 325 -11.70 -9.83 35.08
C VAL B 325 -12.64 -8.81 34.45
N VAL B 326 -12.08 -7.67 34.07
CA VAL B 326 -12.83 -6.63 33.33
C VAL B 326 -12.39 -6.57 31.86
N ILE B 327 -13.36 -6.62 30.98
CA ILE B 327 -13.11 -6.61 29.54
C ILE B 327 -13.86 -5.43 28.94
N VAL B 328 -13.14 -4.57 28.21
CA VAL B 328 -13.78 -3.47 27.48
C VAL B 328 -13.76 -3.73 25.97
N ALA B 329 -14.94 -3.88 25.40
CA ALA B 329 -15.10 -4.25 23.99
C ALA B 329 -15.79 -3.11 23.20
N ILE B 330 -15.05 -2.49 22.31
CA ILE B 330 -15.54 -1.35 21.55
C ILE B 330 -15.79 -1.78 20.13
N ASN B 331 -17.04 -1.72 19.70
CA ASN B 331 -17.42 -1.95 18.32
C ASN B 331 -17.67 -0.64 17.56
N LYS B 332 -16.72 -0.26 16.75
CA LYS B 332 -16.85 0.98 15.99
C LYS B 332 -17.47 0.85 14.62
N SER B 333 -17.96 -0.33 14.26
CA SER B 333 -18.50 -0.51 12.94
C SER B 333 -19.97 -0.25 12.99
N ASN B 334 -20.58 -0.33 11.82
CA ASN B 334 -22.03 -0.12 11.66
C ASN B 334 -22.79 -1.42 11.65
N THR B 335 -22.16 -2.48 12.14
CA THR B 335 -22.74 -3.81 12.11
C THR B 335 -22.48 -4.49 13.45
N GLY B 336 -23.46 -5.23 13.97
CA GLY B 336 -23.26 -6.02 15.17
C GLY B 336 -22.31 -7.16 14.89
N VAL B 337 -21.41 -7.47 15.82
CA VAL B 337 -20.59 -8.66 15.68
C VAL B 337 -20.76 -9.55 16.87
N ASN B 338 -20.69 -10.85 16.62
CA ASN B 338 -20.64 -11.81 17.69
C ASN B 338 -19.19 -12.09 17.98
N GLN B 339 -18.80 -11.92 19.25
CA GLN B 339 -17.43 -12.12 19.64
C GLN B 339 -17.35 -13.24 20.65
N ASN B 340 -16.34 -14.10 20.50
CA ASN B 340 -16.13 -15.21 21.41
C ASN B 340 -14.94 -14.91 22.31
N PHE B 341 -15.15 -14.93 23.62
CA PHE B 341 -14.08 -14.60 24.55
C PHE B 341 -13.61 -15.84 25.25
N VAL B 342 -12.31 -16.11 25.18
CA VAL B 342 -11.70 -17.31 25.77
C VAL B 342 -10.75 -16.90 26.90
N LEU B 343 -10.99 -17.44 28.09
CA LEU B 343 -10.16 -17.17 29.27
C LEU B 343 -9.13 -18.28 29.45
N GLN B 344 -7.86 -17.91 29.36
CA GLN B 344 -6.76 -18.81 29.63
C GLN B 344 -6.20 -18.60 31.02
N ASN B 345 -5.66 -19.70 31.59
CA ASN B 345 -5.08 -19.73 32.94
C ASN B 345 -6.01 -19.17 34.02
N GLY B 346 -7.31 -19.45 33.90
CA GLY B 346 -8.31 -18.94 34.80
C GLY B 346 -9.69 -19.41 34.38
N SER B 347 -10.56 -19.62 35.36
CA SER B 347 -11.90 -20.13 35.13
C SER B 347 -12.91 -19.19 35.79
N ALA B 348 -14.10 -19.08 35.21
CA ALA B 348 -15.08 -18.09 35.68
C ALA B 348 -16.49 -18.64 35.64
N SER B 349 -17.47 -17.82 36.01
CA SER B 349 -18.84 -18.29 36.10
C SER B 349 -19.85 -17.36 35.44
N ASN B 350 -20.20 -16.28 36.13
CA ASN B 350 -21.20 -15.35 35.63
C ASN B 350 -20.51 -14.12 35.04
N VAL B 351 -21.12 -13.54 34.01
CA VAL B 351 -20.63 -12.30 33.39
C VAL B 351 -21.73 -11.26 33.35
N SER B 352 -21.44 -10.09 33.91
CA SER B 352 -22.32 -8.93 33.78
C SER B 352 -21.73 -7.98 32.72
N ARG B 353 -22.58 -7.16 32.09
N ARG B 353 -22.58 -7.14 32.11
CA ARG B 353 -22.15 -6.25 31.02
CA ARG B 353 -22.12 -6.23 31.05
C ARG B 353 -23.03 -5.01 30.96
C ARG B 353 -23.01 -5.01 30.92
N TRP B 354 -22.40 -3.83 30.84
CA TRP B 354 -23.12 -2.57 30.54
C TRP B 354 -22.76 -2.07 29.13
N ILE B 355 -23.71 -1.44 28.45
CA ILE B 355 -23.50 -1.02 27.06
C ILE B 355 -23.76 0.46 26.89
N THR B 356 -22.98 1.12 26.04
CA THR B 356 -23.33 2.46 25.65
C THR B 356 -23.40 2.57 24.14
N SER B 357 -24.50 3.15 23.67
CA SER B 357 -24.76 3.23 22.23
C SER B 357 -25.37 4.58 21.90
N SER B 358 -25.88 4.71 20.69
CA SER B 358 -26.53 5.95 20.24
C SER B 358 -27.68 6.29 21.18
N SER B 359 -28.33 5.25 21.67
CA SER B 359 -29.61 5.33 22.36
C SER B 359 -29.64 5.01 23.86
N SER B 360 -28.52 4.56 24.43
CA SER B 360 -28.49 4.13 25.83
C SER B 360 -27.16 4.50 26.47
N ASN B 361 -27.18 4.76 27.77
CA ASN B 361 -25.95 5.04 28.52
C ASN B 361 -25.72 4.01 29.63
N LEU B 362 -24.54 3.41 29.64
CA LEU B 362 -24.12 2.41 30.63
C LEU B 362 -25.27 1.54 31.06
N GLN B 363 -25.89 0.89 30.11
CA GLN B 363 -27.13 0.23 30.37
C GLN B 363 -26.93 -1.26 30.50
N PRO B 364 -27.40 -1.84 31.63
CA PRO B 364 -27.18 -3.27 31.89
C PRO B 364 -27.73 -4.12 30.77
N GLY B 365 -26.94 -5.10 30.35
CA GLY B 365 -27.37 -6.06 29.35
C GLY B 365 -27.69 -7.33 30.10
N THR B 366 -28.11 -8.35 29.36
CA THR B 366 -28.46 -9.60 30.00
C THR B 366 -27.17 -10.24 30.51
N ASN B 367 -27.28 -10.96 31.62
CA ASN B 367 -26.16 -11.71 32.14
C ASN B 367 -25.80 -12.82 31.17
N LEU B 368 -24.54 -13.26 31.22
CA LEU B 368 -24.08 -14.39 30.40
C LEU B 368 -23.32 -15.33 31.30
N THR B 369 -23.21 -16.58 30.89
CA THR B 369 -22.56 -17.59 31.72
C THR B 369 -21.42 -18.25 30.95
N VAL B 370 -20.36 -18.64 31.68
CA VAL B 370 -19.17 -19.19 31.07
C VAL B 370 -19.30 -20.70 30.83
N SER B 371 -19.09 -21.09 29.58
CA SER B 371 -19.10 -22.49 29.15
C SER B 371 -17.67 -23.00 29.06
N GLY B 372 -17.18 -23.62 30.12
CA GLY B 372 -15.81 -24.07 30.17
C GLY B 372 -14.92 -22.87 30.40
N ASN B 373 -14.21 -22.47 29.36
CA ASN B 373 -13.34 -21.32 29.47
C ASN B 373 -13.72 -20.18 28.56
N HIS B 374 -14.99 -20.12 28.14
CA HIS B 374 -15.39 -19.11 27.19
C HIS B 374 -16.85 -18.68 27.25
N PHE B 375 -17.15 -17.57 26.57
CA PHE B 375 -18.50 -17.10 26.37
C PHE B 375 -18.62 -16.26 25.08
N TRP B 376 -19.77 -16.37 24.43
CA TRP B 376 -20.08 -15.54 23.30
C TRP B 376 -20.84 -14.32 23.78
N ALA B 377 -20.57 -13.18 23.15
CA ALA B 377 -21.37 -12.00 23.38
C ALA B 377 -21.56 -11.26 22.07
N HIS B 378 -22.70 -10.62 21.92
CA HIS B 378 -22.99 -9.85 20.74
C HIS B 378 -22.61 -8.39 21.02
N LEU B 379 -21.83 -7.77 20.15
CA LEU B 379 -21.39 -6.40 20.37
C LEU B 379 -22.16 -5.53 19.39
N PRO B 380 -23.18 -4.83 19.89
CA PRO B 380 -24.03 -4.03 19.04
C PRO B 380 -23.24 -3.06 18.20
N ALA B 381 -23.86 -2.61 17.12
CA ALA B 381 -23.22 -1.68 16.22
C ALA B 381 -22.94 -0.38 16.95
N GLN B 382 -21.86 0.30 16.59
CA GLN B 382 -21.44 1.55 17.24
C GLN B 382 -21.50 1.56 18.78
N SER B 383 -21.14 0.46 19.42
CA SER B 383 -21.28 0.36 20.87
C SER B 383 -19.97 0.14 21.62
N VAL B 384 -19.98 0.52 22.91
CA VAL B 384 -18.94 0.06 23.88
C VAL B 384 -19.58 -0.77 24.99
N THR B 385 -18.97 -1.90 25.27
CA THR B 385 -19.41 -2.78 26.32
C THR B 385 -18.29 -3.00 27.32
N THR B 386 -18.63 -2.98 28.60
CA THR B 386 -17.71 -3.44 29.63
C THR B 386 -18.27 -4.73 30.23
N PHE B 387 -17.55 -5.83 30.06
CA PHE B 387 -17.88 -7.07 30.74
C PHE B 387 -17.20 -7.16 32.11
N VAL B 388 -17.98 -7.59 33.11
CA VAL B 388 -17.41 -7.93 34.42
C VAL B 388 -17.57 -9.41 34.67
N VAL B 389 -16.43 -10.09 34.75
CA VAL B 389 -16.39 -11.53 34.90
C VAL B 389 -15.95 -11.94 36.32
N ASN B 390 -16.82 -12.68 37.02
CA ASN B 390 -16.48 -13.26 38.33
C ASN B 390 -15.74 -14.56 38.14
N ARG B 391 -14.47 -14.59 38.54
CA ARG B 391 -13.64 -15.79 38.35
C ARG B 391 -13.67 -16.75 39.53
N LEU B 392 -12.95 -17.87 39.38
CA LEU B 392 -12.75 -18.91 40.41
C LEU B 392 -11.28 -19.27 40.55
N SER C 3 23.21 -10.90 6.73
CA SER C 3 23.19 -12.27 7.33
C SER C 3 22.28 -12.45 8.56
N ASP C 4 22.21 -11.46 9.45
CA ASP C 4 21.25 -11.62 10.55
C ASP C 4 19.88 -11.07 10.22
N VAL C 5 18.88 -11.90 10.46
CA VAL C 5 17.50 -11.48 10.48
C VAL C 5 17.10 -11.35 11.93
N THR C 6 16.73 -10.14 12.34
CA THR C 6 16.18 -9.93 13.67
C THR C 6 14.65 -9.96 13.63
N VAL C 7 14.05 -10.76 14.49
CA VAL C 7 12.62 -10.84 14.59
C VAL C 7 12.22 -10.41 16.01
N ASN C 8 11.64 -9.22 16.14
CA ASN C 8 11.27 -8.73 17.47
C ASN C 8 9.82 -9.03 17.80
N VAL C 9 9.64 -10.00 18.68
CA VAL C 9 8.33 -10.53 19.02
C VAL C 9 7.42 -9.49 19.72
N SER C 10 8.03 -8.40 20.18
CA SER C 10 7.27 -7.39 20.88
C SER C 10 6.88 -6.19 20.01
N ALA C 11 7.60 -5.96 18.92
CA ALA C 11 7.23 -4.88 18.01
C ALA C 11 6.06 -5.31 17.13
N GLU C 12 4.85 -5.12 17.66
CA GLU C 12 3.63 -5.53 17.00
C GLU C 12 3.23 -4.51 15.94
N LYS C 13 2.73 -5.00 14.80
CA LYS C 13 2.33 -4.14 13.67
C LYS C 13 0.82 -4.26 13.36
N GLN C 14 0.46 -4.52 12.12
CA GLN C 14 -0.95 -4.62 11.79
C GLN C 14 -1.48 -5.98 12.15
N VAL C 15 -2.76 -6.07 12.47
CA VAL C 15 -3.42 -7.34 12.72
C VAL C 15 -3.94 -7.84 11.40
N ILE C 16 -3.74 -9.13 11.14
CA ILE C 16 -4.10 -9.77 9.89
C ILE C 16 -5.50 -10.32 9.89
N ARG C 17 -6.28 -9.97 8.88
CA ARG C 17 -7.62 -10.53 8.72
C ARG C 17 -7.64 -11.75 7.84
N GLY C 18 -6.67 -11.85 6.94
CA GLY C 18 -6.59 -13.00 6.05
C GLY C 18 -6.25 -12.76 4.59
N PHE C 19 -6.44 -13.80 3.78
CA PHE C 19 -5.98 -13.90 2.41
C PHE C 19 -7.02 -14.68 1.65
N GLY C 20 -7.21 -14.33 0.38
CA GLY C 20 -8.14 -15.07 -0.46
C GLY C 20 -8.27 -14.52 -1.86
N GLY C 21 -9.44 -14.69 -2.44
CA GLY C 21 -9.67 -14.31 -3.81
C GLY C 21 -11.12 -14.06 -4.10
N MET C 22 -11.41 -13.84 -5.37
CA MET C 22 -12.74 -13.50 -5.83
C MET C 22 -13.47 -14.72 -6.39
N ASN C 23 -14.79 -14.70 -6.28
CA ASN C 23 -15.64 -15.64 -6.97
C ASN C 23 -16.63 -14.85 -7.80
N HIS C 24 -16.74 -15.17 -9.08
CA HIS C 24 -17.70 -14.49 -9.97
C HIS C 24 -18.35 -15.51 -10.90
N PRO C 25 -19.52 -16.03 -10.50
CA PRO C 25 -20.12 -17.11 -11.29
C PRO C 25 -20.54 -16.63 -12.67
N ALA C 26 -21.01 -15.39 -12.76
CA ALA C 26 -21.40 -14.80 -14.03
C ALA C 26 -20.22 -14.74 -15.00
N TRP C 27 -19.12 -14.11 -14.59
CA TRP C 27 -17.97 -13.85 -15.48
C TRP C 27 -16.96 -14.99 -15.58
N ALA C 28 -16.88 -15.82 -14.56
CA ALA C 28 -15.84 -16.84 -14.50
C ALA C 28 -16.39 -18.24 -14.31
N GLY C 29 -17.65 -18.32 -13.88
CA GLY C 29 -18.27 -19.60 -13.54
C GLY C 29 -18.02 -19.93 -12.08
N ASP C 30 -19.08 -20.25 -11.36
CA ASP C 30 -19.02 -20.53 -9.94
C ASP C 30 -18.07 -21.68 -9.67
N LEU C 31 -17.48 -21.70 -8.49
CA LEU C 31 -16.65 -22.83 -8.10
C LEU C 31 -17.52 -24.08 -7.95
N THR C 32 -16.93 -25.24 -8.22
CA THR C 32 -17.63 -26.51 -7.97
C THR C 32 -17.45 -26.84 -6.50
N ALA C 33 -18.29 -27.74 -5.99
CA ALA C 33 -18.24 -28.16 -4.60
C ALA C 33 -16.83 -28.56 -4.16
N ALA C 34 -16.13 -29.32 -5.00
CA ALA C 34 -14.78 -29.77 -4.69
C ALA C 34 -13.79 -28.61 -4.63
N GLN C 35 -13.98 -27.66 -5.53
CA GLN C 35 -13.15 -26.46 -5.60
C GLN C 35 -13.30 -25.58 -4.37
N ARG C 36 -14.51 -25.55 -3.82
CA ARG C 36 -14.77 -24.80 -2.59
C ARG C 36 -13.99 -25.39 -1.41
N GLU C 37 -13.84 -26.71 -1.42
CA GLU C 37 -13.03 -27.38 -0.43
C GLU C 37 -11.56 -26.99 -0.57
N THR C 38 -11.08 -27.00 -1.81
CA THR C 38 -9.69 -26.68 -2.10
C THR C 38 -9.37 -25.20 -1.75
N ALA C 39 -10.33 -24.33 -1.98
CA ALA C 39 -10.16 -22.92 -1.71
C ALA C 39 -10.17 -22.58 -0.21
N PHE C 40 -11.13 -23.12 0.54
CA PHE C 40 -11.31 -22.65 1.92
C PHE C 40 -10.89 -23.61 3.04
N GLY C 41 -10.80 -24.88 2.72
CA GLY C 41 -10.21 -25.85 3.62
C GLY C 41 -8.76 -25.52 3.86
N ASN C 42 -8.27 -25.82 5.07
CA ASN C 42 -6.86 -25.70 5.34
C ASN C 42 -6.18 -27.03 5.56
N GLY C 43 -6.61 -28.03 4.79
CA GLY C 43 -5.97 -29.33 4.82
C GLY C 43 -4.80 -29.44 3.86
N GLN C 44 -4.16 -30.60 3.84
CA GLN C 44 -3.14 -30.88 2.83
C GLN C 44 -3.76 -30.71 1.42
N ASN C 45 -3.01 -30.07 0.52
CA ASN C 45 -3.47 -29.80 -0.85
C ASN C 45 -4.65 -28.85 -0.94
N GLN C 46 -4.82 -28.03 0.09
CA GLN C 46 -5.84 -26.98 0.04
C GLN C 46 -5.22 -25.62 0.39
N LEU C 47 -5.92 -24.55 0.00
CA LEU C 47 -5.35 -23.21 0.04
C LEU C 47 -5.48 -22.48 1.38
N GLY C 48 -6.49 -22.85 2.17
CA GLY C 48 -6.74 -22.21 3.47
C GLY C 48 -6.98 -20.71 3.34
N PHE C 49 -7.69 -20.33 2.28
CA PHE C 49 -8.10 -18.97 2.08
C PHE C 49 -9.08 -18.63 3.19
N SER C 50 -8.88 -17.49 3.81
CA SER C 50 -9.70 -17.05 4.94
C SER C 50 -10.60 -15.83 4.57
N ILE C 51 -10.53 -15.39 3.32
CA ILE C 51 -11.36 -14.30 2.84
C ILE C 51 -11.98 -14.65 1.50
N LEU C 52 -13.23 -14.30 1.29
CA LEU C 52 -13.85 -14.45 -0.01
C LEU C 52 -14.47 -13.14 -0.47
N ARG C 53 -14.09 -12.71 -1.68
CA ARG C 53 -14.76 -11.58 -2.30
C ARG C 53 -15.79 -12.06 -3.29
N ILE C 54 -16.95 -11.43 -3.27
CA ILE C 54 -17.98 -11.68 -4.24
C ILE C 54 -18.46 -10.32 -4.78
N HIS C 55 -19.26 -10.31 -5.83
CA HIS C 55 -19.74 -9.04 -6.36
C HIS C 55 -21.22 -8.80 -6.03
N VAL C 56 -21.57 -7.53 -5.89
CA VAL C 56 -22.96 -7.12 -5.75
C VAL C 56 -23.52 -6.82 -7.13
N ASP C 57 -24.28 -7.75 -7.68
CA ASP C 57 -24.90 -7.55 -8.98
C ASP C 57 -25.88 -6.40 -9.00
N GLU C 58 -25.90 -5.65 -10.10
CA GLU C 58 -26.81 -4.51 -10.24
C GLU C 58 -28.28 -4.95 -10.36
N ASN C 59 -28.48 -6.22 -10.65
CA ASN C 59 -29.80 -6.79 -10.78
C ASN C 59 -30.03 -7.88 -9.73
N ARG C 60 -30.91 -7.59 -8.77
CA ARG C 60 -31.24 -8.46 -7.62
C ARG C 60 -31.58 -9.91 -7.98
N ASN C 61 -32.15 -10.12 -9.16
CA ASN C 61 -32.54 -11.46 -9.58
C ASN C 61 -31.33 -12.36 -9.80
N ASN C 62 -30.14 -11.76 -9.82
CA ASN C 62 -28.91 -12.51 -9.97
C ASN C 62 -28.23 -12.83 -8.65
N TRP C 63 -28.61 -12.11 -7.60
CA TRP C 63 -28.04 -12.27 -6.26
C TRP C 63 -27.93 -13.73 -5.81
N TYR C 64 -29.00 -14.49 -5.98
CA TYR C 64 -29.04 -15.89 -5.57
C TYR C 64 -27.84 -16.75 -6.03
N LYS C 65 -27.16 -16.33 -7.08
CA LYS C 65 -26.10 -17.13 -7.68
C LYS C 65 -24.85 -17.18 -6.80
N GLU C 66 -24.75 -16.24 -5.87
CA GLU C 66 -23.56 -16.10 -5.05
C GLU C 66 -23.57 -16.96 -3.80
N VAL C 67 -24.74 -17.51 -3.47
CA VAL C 67 -25.02 -18.09 -2.15
C VAL C 67 -24.23 -19.37 -1.81
N GLU C 68 -24.25 -20.37 -2.69
CA GLU C 68 -23.62 -21.66 -2.39
C GLU C 68 -22.16 -21.55 -2.02
N THR C 69 -21.42 -20.76 -2.80
CA THR C 69 -19.99 -20.59 -2.60
C THR C 69 -19.71 -19.74 -1.36
N ALA C 70 -20.54 -18.73 -1.14
CA ALA C 70 -20.41 -17.88 0.05
C ALA C 70 -20.71 -18.69 1.31
N LYS C 71 -21.75 -19.50 1.26
CA LYS C 71 -22.11 -20.41 2.35
C LYS C 71 -20.96 -21.33 2.67
N SER C 72 -20.31 -21.85 1.64
CA SER C 72 -19.19 -22.76 1.81
C SER C 72 -18.05 -22.09 2.55
N ALA C 73 -17.77 -20.84 2.17
CA ALA C 73 -16.66 -20.10 2.75
C ALA C 73 -16.86 -19.88 4.25
N VAL C 74 -18.07 -19.49 4.62
CA VAL C 74 -18.42 -19.27 6.02
C VAL C 74 -18.29 -20.55 6.82
N LYS C 75 -18.93 -21.62 6.35
CA LYS C 75 -18.77 -22.96 6.89
C LYS C 75 -17.31 -23.29 7.27
N HIS C 76 -16.34 -22.78 6.52
CA HIS C 76 -14.92 -23.08 6.78
C HIS C 76 -14.20 -21.98 7.57
N GLY C 77 -14.94 -20.95 7.98
CA GLY C 77 -14.41 -19.87 8.80
C GLY C 77 -13.88 -18.67 8.03
N ALA C 78 -14.14 -18.62 6.73
CA ALA C 78 -13.73 -17.45 5.93
C ALA C 78 -14.75 -16.34 6.06
N ILE C 79 -14.28 -15.11 6.07
CA ILE C 79 -15.17 -13.98 6.04
C ILE C 79 -15.48 -13.61 4.59
N VAL C 80 -16.65 -13.03 4.37
CA VAL C 80 -17.10 -12.71 3.04
C VAL C 80 -17.38 -11.23 2.96
N PHE C 81 -16.85 -10.59 1.92
CA PHE C 81 -17.22 -9.22 1.65
C PHE C 81 -17.66 -9.09 0.19
N ALA C 82 -18.26 -7.95 -0.13
CA ALA C 82 -18.85 -7.74 -1.44
C ALA C 82 -18.56 -6.38 -2.04
N SER C 83 -18.47 -6.38 -3.37
CA SER C 83 -18.11 -5.22 -4.16
C SER C 83 -19.14 -5.01 -5.27
N PRO C 84 -19.64 -3.78 -5.42
CA PRO C 84 -20.52 -3.44 -6.50
C PRO C 84 -19.76 -2.92 -7.75
N TRP C 85 -20.17 -3.35 -8.94
CA TRP C 85 -19.62 -2.76 -10.18
C TRP C 85 -20.52 -1.63 -10.71
N ASN C 86 -21.82 -1.90 -10.79
CA ASN C 86 -22.82 -0.88 -11.16
C ASN C 86 -24.00 -0.80 -10.21
N PRO C 87 -24.56 0.41 -10.02
CA PRO C 87 -25.90 0.54 -9.45
C PRO C 87 -26.94 -0.09 -10.38
N PRO C 88 -28.17 -0.31 -9.88
CA PRO C 88 -29.22 -0.71 -10.84
C PRO C 88 -29.42 0.38 -11.88
N SER C 89 -29.61 -0.03 -13.12
CA SER C 89 -29.64 0.88 -14.27
C SER C 89 -30.49 2.14 -14.12
N ASP C 90 -31.65 2.03 -13.48
CA ASP C 90 -32.48 3.21 -13.25
C ASP C 90 -31.83 4.28 -12.38
N MET C 91 -30.66 3.98 -11.83
CA MET C 91 -29.94 4.94 -10.97
C MET C 91 -28.76 5.58 -11.65
N VAL C 92 -28.50 5.11 -12.87
CA VAL C 92 -27.32 5.48 -13.62
C VAL C 92 -27.68 6.43 -14.75
N GLU C 93 -26.90 7.48 -14.91
CA GLU C 93 -26.96 8.31 -16.12
C GLU C 93 -25.62 8.27 -16.88
N THR C 94 -25.66 8.56 -18.18
CA THR C 94 -24.46 8.85 -18.95
C THR C 94 -24.11 10.32 -18.76
N PHE C 95 -22.87 10.68 -19.04
CA PHE C 95 -22.42 12.06 -18.96
C PHE C 95 -21.15 12.23 -19.80
N ASN C 96 -20.78 13.47 -20.10
CA ASN C 96 -19.58 13.71 -20.86
C ASN C 96 -18.36 13.79 -19.96
N ARG C 97 -17.59 12.71 -19.98
CA ARG C 97 -16.35 12.62 -19.23
C ARG C 97 -15.16 12.82 -20.15
N ASN C 98 -14.66 14.06 -20.19
CA ASN C 98 -13.55 14.49 -21.07
C ASN C 98 -13.72 14.05 -22.54
N GLY C 99 -14.91 14.18 -23.09
CA GLY C 99 -15.13 13.77 -24.47
C GLY C 99 -15.69 12.37 -24.66
N ASP C 100 -15.63 11.54 -23.64
CA ASP C 100 -16.33 10.28 -23.70
C ASP C 100 -17.77 10.48 -23.21
N THR C 101 -18.75 10.23 -24.08
CA THR C 101 -20.15 10.44 -23.73
C THR C 101 -20.86 9.16 -23.32
N SER C 102 -20.18 8.02 -23.46
CA SER C 102 -20.73 6.77 -22.95
C SER C 102 -20.43 6.53 -21.45
N ALA C 103 -19.83 7.51 -20.80
CA ALA C 103 -19.42 7.40 -19.40
C ALA C 103 -20.62 7.37 -18.45
N LYS C 104 -20.68 6.33 -17.62
CA LYS C 104 -21.77 6.15 -16.68
C LYS C 104 -21.42 6.67 -15.28
N ARG C 105 -22.39 7.28 -14.61
CA ARG C 105 -22.25 7.60 -13.19
C ARG C 105 -23.57 7.44 -12.44
N LEU C 106 -23.51 7.44 -11.10
CA LEU C 106 -24.72 7.40 -10.26
C LEU C 106 -25.34 8.79 -10.24
N LYS C 107 -26.65 8.86 -10.48
CA LYS C 107 -27.36 10.13 -10.46
C LYS C 107 -27.22 10.82 -9.11
N TYR C 108 -26.91 12.11 -9.13
CA TYR C 108 -26.70 12.87 -7.94
C TYR C 108 -27.88 12.84 -6.96
N ASN C 109 -29.06 12.50 -7.47
CA ASN C 109 -30.26 12.45 -6.63
C ASN C 109 -30.62 11.00 -6.32
N LYS C 110 -29.69 10.08 -6.54
CA LYS C 110 -29.91 8.67 -6.27
C LYS C 110 -28.99 8.06 -5.18
N TYR C 111 -28.21 8.90 -4.51
CA TYR C 111 -27.24 8.41 -3.52
C TYR C 111 -27.88 7.62 -2.37
N ALA C 112 -28.86 8.22 -1.71
CA ALA C 112 -29.70 7.50 -0.75
C ALA C 112 -30.26 6.19 -1.29
N ALA C 113 -30.75 6.19 -2.52
CA ALA C 113 -31.39 5.00 -3.09
C ALA C 113 -30.39 3.89 -3.32
N TYR C 114 -29.13 4.29 -3.55
CA TYR C 114 -28.08 3.34 -3.86
C TYR C 114 -27.57 2.76 -2.56
N ALA C 115 -27.46 3.62 -1.54
CA ALA C 115 -27.14 3.18 -0.19
C ALA C 115 -28.14 2.11 0.22
N GLN C 116 -29.41 2.31 -0.11
CA GLN C 116 -30.47 1.35 0.16
C GLN C 116 -30.27 0.07 -0.62
N HIS C 117 -29.84 0.21 -1.88
CA HIS C 117 -29.59 -0.94 -2.72
C HIS C 117 -28.55 -1.86 -2.14
N LEU C 118 -27.47 -1.27 -1.65
CA LEU C 118 -26.39 -2.00 -0.96
C LEU C 118 -26.88 -2.65 0.34
N ASN C 119 -27.67 -1.90 1.11
CA ASN C 119 -28.30 -2.41 2.31
C ASN C 119 -29.19 -3.61 2.02
N ASP C 120 -29.85 -3.61 0.85
CA ASP C 120 -30.70 -4.75 0.44
C ASP C 120 -29.86 -5.98 0.19
N PHE C 121 -28.69 -5.82 -0.38
CA PHE C 121 -27.84 -6.97 -0.64
C PHE C 121 -27.35 -7.60 0.66
N VAL C 122 -26.96 -6.76 1.62
CA VAL C 122 -26.56 -7.22 2.95
C VAL C 122 -27.69 -8.04 3.58
N THR C 123 -28.88 -7.48 3.58
CA THR C 123 -30.09 -8.13 4.08
C THR C 123 -30.35 -9.43 3.36
N PHE C 124 -30.22 -9.43 2.04
CA PHE C 124 -30.49 -10.63 1.27
C PHE C 124 -29.54 -11.74 1.66
N MET C 125 -28.26 -11.39 1.78
CA MET C 125 -27.24 -12.39 2.07
C MET C 125 -27.43 -12.96 3.46
N LYS C 126 -27.87 -12.12 4.39
CA LYS C 126 -28.16 -12.55 5.75
C LYS C 126 -29.24 -13.64 5.77
N ASN C 127 -30.35 -13.38 5.06
CA ASN C 127 -31.44 -14.35 4.96
C ASN C 127 -31.05 -15.66 4.31
N ASN C 128 -29.78 -15.80 3.93
CA ASN C 128 -29.31 -17.02 3.33
C ASN C 128 -28.16 -17.57 4.14
N GLY C 129 -28.03 -17.03 5.35
CA GLY C 129 -27.06 -17.50 6.31
C GLY C 129 -25.64 -17.07 5.98
N VAL C 130 -25.49 -15.84 5.50
CA VAL C 130 -24.18 -15.25 5.29
C VAL C 130 -24.16 -13.83 5.86
N ASN C 131 -23.46 -13.63 6.97
CA ASN C 131 -23.30 -12.29 7.52
C ASN C 131 -22.11 -11.62 6.84
N LEU C 132 -22.38 -10.89 5.76
CA LEU C 132 -21.34 -10.16 5.07
C LEU C 132 -20.51 -9.35 6.05
N TYR C 133 -19.20 -9.52 5.97
CA TYR C 133 -18.29 -8.80 6.82
C TYR C 133 -18.20 -7.33 6.45
N ALA C 134 -18.28 -7.04 5.16
CA ALA C 134 -18.17 -5.67 4.66
C ALA C 134 -18.68 -5.55 3.23
N ILE C 135 -19.00 -4.32 2.85
CA ILE C 135 -19.48 -4.02 1.52
C ILE C 135 -18.79 -2.77 1.02
N SER C 136 -18.45 -2.76 -0.27
CA SER C 136 -17.76 -1.61 -0.85
C SER C 136 -18.72 -0.56 -1.45
N VAL C 137 -18.28 0.68 -1.54
CA VAL C 137 -19.05 1.71 -2.24
C VAL C 137 -19.06 1.54 -3.77
N GLN C 138 -17.90 1.18 -4.33
CA GLN C 138 -17.66 1.08 -5.77
C GLN C 138 -16.32 0.42 -6.03
N ASN C 139 -16.33 -0.64 -6.83
CA ASN C 139 -15.08 -1.13 -7.43
C ASN C 139 -14.46 -0.14 -8.43
N GLU C 140 -13.19 0.20 -8.20
CA GLU C 140 -12.38 1.00 -9.10
C GLU C 140 -13.10 2.19 -9.75
N PRO C 141 -13.58 3.13 -8.92
CA PRO C 141 -14.27 4.31 -9.43
C PRO C 141 -13.37 5.26 -10.20
N ASP C 142 -12.07 5.05 -10.14
CA ASP C 142 -11.16 5.94 -10.80
C ASP C 142 -10.54 5.26 -12.03
N TYR C 143 -11.22 4.20 -12.48
CA TYR C 143 -10.81 3.43 -13.64
C TYR C 143 -12.01 2.69 -14.19
N ALA C 144 -13.09 3.44 -14.39
CA ALA C 144 -14.40 2.87 -14.63
C ALA C 144 -14.87 2.86 -16.09
N HIS C 145 -13.92 2.79 -17.03
CA HIS C 145 -14.23 2.86 -18.47
C HIS C 145 -15.38 1.92 -18.82
N GLU C 146 -15.39 0.76 -18.20
CA GLU C 146 -16.41 -0.25 -18.46
C GLU C 146 -17.46 -0.38 -17.33
N TRP C 147 -17.49 0.57 -16.40
CA TRP C 147 -18.52 0.58 -15.34
C TRP C 147 -18.87 1.98 -14.87
N THR C 148 -18.90 2.22 -13.56
CA THR C 148 -19.40 3.48 -13.02
C THR C 148 -18.31 4.39 -12.40
N TRP C 149 -18.09 5.55 -13.00
CA TRP C 149 -17.09 6.51 -12.55
C TRP C 149 -17.60 7.24 -11.32
N TRP C 150 -16.68 7.63 -10.44
CA TRP C 150 -16.93 8.54 -9.34
C TRP C 150 -15.71 9.40 -9.20
N THR C 151 -15.87 10.70 -9.09
CA THR C 151 -14.74 11.56 -8.77
C THR C 151 -14.46 11.47 -7.27
N PRO C 152 -13.30 12.00 -6.81
CA PRO C 152 -13.08 12.03 -5.37
C PRO C 152 -14.20 12.73 -4.64
N GLN C 153 -14.69 13.84 -5.19
CA GLN C 153 -15.71 14.63 -4.51
C GLN C 153 -17.06 13.95 -4.42
N GLU C 154 -17.39 13.15 -5.41
CA GLU C 154 -18.61 12.38 -5.40
C GLU C 154 -18.51 11.28 -4.35
N ILE C 155 -17.32 10.69 -4.22
CA ILE C 155 -17.07 9.63 -3.25
C ILE C 155 -17.21 10.26 -1.86
N LEU C 156 -16.62 11.43 -1.68
CA LEU C 156 -16.68 12.12 -0.41
C LEU C 156 -18.10 12.42 0.02
N ARG C 157 -18.91 12.96 -0.90
CA ARG C 157 -20.30 13.22 -0.60
C ARG C 157 -21.02 11.98 -0.10
N PHE C 158 -20.86 10.86 -0.80
CA PHE C 158 -21.53 9.64 -0.40
C PHE C 158 -21.02 9.16 0.97
N MET C 159 -19.74 9.36 1.26
CA MET C 159 -19.15 8.89 2.50
C MET C 159 -19.63 9.73 3.68
N ARG C 160 -19.77 11.04 3.46
CA ARG C 160 -20.34 11.95 4.43
C ARG C 160 -21.81 11.75 4.67
N GLU C 161 -22.57 11.43 3.63
CA GLU C 161 -24.03 11.57 3.70
C GLU C 161 -24.82 10.29 3.62
N ASN C 162 -24.20 9.20 3.17
CA ASN C 162 -24.97 8.01 2.85
C ASN C 162 -24.44 6.71 3.42
N ALA C 163 -23.11 6.61 3.53
CA ALA C 163 -22.45 5.40 4.00
C ALA C 163 -22.90 5.03 5.43
N GLY C 164 -23.15 6.06 6.24
CA GLY C 164 -23.71 5.90 7.60
C GLY C 164 -24.99 5.09 7.64
N SER C 165 -25.74 5.05 6.56
CA SER C 165 -27.03 4.39 6.60
C SER C 165 -26.88 2.93 6.19
N ILE C 166 -25.66 2.53 5.86
CA ILE C 166 -25.38 1.15 5.47
C ILE C 166 -25.16 0.30 6.70
N ASN C 167 -26.00 -0.70 6.88
CA ASN C 167 -25.88 -1.52 8.07
C ASN C 167 -24.85 -2.64 7.91
N ALA C 168 -23.62 -2.22 7.62
CA ALA C 168 -22.45 -3.10 7.52
C ALA C 168 -21.18 -2.26 7.57
N ARG C 169 -20.05 -2.95 7.70
CA ARG C 169 -18.76 -2.34 7.50
C ARG C 169 -18.66 -1.85 6.08
N VAL C 170 -18.24 -0.61 5.93
CA VAL C 170 -18.12 0.01 4.62
C VAL C 170 -16.65 0.10 4.16
N ILE C 171 -16.36 -0.48 3.00
CA ILE C 171 -15.07 -0.35 2.31
C ILE C 171 -15.11 0.77 1.27
N ALA C 172 -14.12 1.65 1.32
CA ALA C 172 -13.95 2.71 0.35
C ALA C 172 -12.48 3.06 0.27
N PRO C 173 -12.01 3.61 -0.89
CA PRO C 173 -12.68 3.83 -2.19
C PRO C 173 -12.32 2.82 -3.31
N GLU C 174 -11.40 1.89 -3.07
CA GLU C 174 -11.00 0.88 -4.05
C GLU C 174 -10.43 1.45 -5.37
N SER C 175 -9.49 2.38 -5.25
CA SER C 175 -8.70 2.82 -6.37
C SER C 175 -8.02 1.64 -7.05
N PHE C 176 -7.81 1.74 -8.36
CA PHE C 176 -7.24 0.63 -9.09
C PHE C 176 -5.74 0.53 -8.80
N GLN C 177 -5.16 1.66 -8.42
CA GLN C 177 -3.73 1.79 -8.30
C GLN C 177 -3.27 2.41 -6.98
N TYR C 178 -4.18 2.59 -6.03
CA TYR C 178 -3.87 3.14 -4.72
C TYR C 178 -3.49 4.60 -4.83
N LEU C 179 -4.16 5.28 -5.76
CA LEU C 179 -4.00 6.71 -5.95
C LEU C 179 -4.57 7.47 -4.78
N LYS C 180 -3.69 8.16 -4.04
CA LYS C 180 -4.06 8.74 -2.75
C LYS C 180 -5.10 9.84 -2.87
N ASN C 181 -5.24 10.40 -4.06
CA ASN C 181 -6.15 11.51 -4.29
C ASN C 181 -7.60 11.07 -4.22
N LEU C 182 -7.82 9.77 -4.32
CA LEU C 182 -9.17 9.25 -4.21
C LEU C 182 -9.57 9.06 -2.76
N SER C 183 -8.58 8.97 -1.88
CA SER C 183 -8.81 8.62 -0.49
C SER C 183 -8.46 9.77 0.46
N ASP C 184 -7.53 10.64 0.06
CA ASP C 184 -7.17 11.81 0.85
C ASP C 184 -8.42 12.57 1.32
N PRO C 185 -9.33 12.93 0.40
CA PRO C 185 -10.52 13.68 0.85
C PRO C 185 -11.29 13.03 2.02
N ILE C 186 -11.50 11.72 1.97
CA ILE C 186 -12.13 11.02 3.10
C ILE C 186 -11.33 11.15 4.40
N LEU C 187 -10.06 10.80 4.36
CA LEU C 187 -9.22 10.86 5.54
C LEU C 187 -9.15 12.25 6.17
N ASN C 188 -9.32 13.28 5.34
CA ASN C 188 -9.29 14.66 5.77
C ASN C 188 -10.64 15.22 6.21
N ASP C 189 -11.68 14.39 6.23
CA ASP C 189 -12.99 14.81 6.67
C ASP C 189 -13.52 13.92 7.77
N PRO C 190 -13.53 14.44 9.01
CA PRO C 190 -13.96 13.66 10.15
C PRO C 190 -15.26 12.91 9.90
N GLN C 191 -16.22 13.57 9.28
CA GLN C 191 -17.54 12.96 9.12
C GLN C 191 -17.54 11.81 8.13
N ALA C 192 -16.78 11.95 7.06
CA ALA C 192 -16.64 10.87 6.09
C ALA C 192 -15.79 9.74 6.63
N LEU C 193 -14.68 10.11 7.26
CA LEU C 193 -13.85 9.18 7.99
C LEU C 193 -14.66 8.30 8.95
N ALA C 194 -15.54 8.91 9.73
CA ALA C 194 -16.41 8.19 10.64
C ALA C 194 -17.22 7.08 9.98
N ASN C 195 -17.61 7.26 8.72
CA ASN C 195 -18.43 6.25 8.05
C ASN C 195 -17.69 5.18 7.30
N MET C 196 -16.37 5.33 7.22
CA MET C 196 -15.50 4.35 6.59
C MET C 196 -14.92 3.40 7.64
N ASP C 197 -15.05 2.11 7.42
CA ASP C 197 -14.53 1.14 8.36
C ASP C 197 -13.22 0.53 7.86
N ILE C 198 -13.17 0.29 6.56
CA ILE C 198 -12.01 -0.25 5.91
C ILE C 198 -11.63 0.66 4.74
N LEU C 199 -10.39 1.13 4.72
CA LEU C 199 -9.81 1.72 3.50
C LEU C 199 -9.40 0.58 2.61
N GLY C 200 -10.06 0.43 1.47
CA GLY C 200 -9.74 -0.60 0.49
C GLY C 200 -9.02 -0.03 -0.71
N THR C 201 -8.14 -0.83 -1.31
CA THR C 201 -7.42 -0.42 -2.53
C THR C 201 -7.00 -1.58 -3.40
N HIS C 202 -6.78 -1.31 -4.68
CA HIS C 202 -6.10 -2.29 -5.53
C HIS C 202 -4.68 -1.78 -5.76
N LEU C 203 -3.82 -2.63 -6.32
CA LEU C 203 -2.43 -2.25 -6.55
C LEU C 203 -1.96 -2.49 -8.01
N TYR C 204 -2.85 -2.33 -8.98
CA TYR C 204 -2.48 -2.53 -10.40
C TYR C 204 -1.52 -1.46 -10.89
N GLY C 205 -0.25 -1.81 -10.96
CA GLY C 205 0.77 -0.91 -11.42
C GLY C 205 1.32 -0.03 -10.35
N THR C 206 0.98 -0.32 -9.09
CA THR C 206 1.52 0.45 -7.98
C THR C 206 2.97 0.06 -7.69
N GLN C 207 3.88 1.01 -7.80
CA GLN C 207 5.27 0.81 -7.39
C GLN C 207 5.37 0.73 -5.86
N VAL C 208 6.35 -0.02 -5.36
CA VAL C 208 6.53 -0.23 -3.92
C VAL C 208 6.69 1.09 -3.17
N SER C 209 7.20 2.14 -3.82
CA SER C 209 7.40 3.42 -3.11
C SER C 209 6.07 4.07 -2.78
N GLN C 210 5.01 3.61 -3.42
CA GLN C 210 3.67 4.15 -3.22
C GLN C 210 2.83 3.27 -2.31
N PHE C 211 3.44 2.22 -1.77
CA PHE C 211 2.78 1.37 -0.79
C PHE C 211 2.53 2.06 0.54
N PRO C 212 3.52 2.78 1.10
CA PRO C 212 3.21 3.48 2.35
C PRO C 212 2.15 4.56 2.16
N TYR C 213 1.43 4.87 3.22
CA TYR C 213 0.41 5.90 3.20
C TYR C 213 0.44 6.70 4.49
N PRO C 214 1.34 7.70 4.57
CA PRO C 214 1.53 8.54 5.78
C PRO C 214 0.22 9.12 6.33
N LEU C 215 -0.61 9.68 5.45
CA LEU C 215 -1.86 10.24 5.88
C LEU C 215 -2.71 9.21 6.64
N PHE C 216 -2.78 7.99 6.12
CA PHE C 216 -3.52 6.93 6.81
C PHE C 216 -2.98 6.61 8.19
N LYS C 217 -1.67 6.58 8.35
CA LYS C 217 -1.02 6.39 9.64
C LYS C 217 -1.39 7.49 10.62
N GLN C 218 -1.60 8.69 10.09
CA GLN C 218 -1.88 9.87 10.89
C GLN C 218 -3.37 9.95 11.27
N LYS C 219 -4.25 9.65 10.33
CA LYS C 219 -5.67 9.87 10.58
C LYS C 219 -6.51 8.60 10.68
N GLY C 220 -5.93 7.45 10.39
CA GLY C 220 -6.71 6.23 10.29
C GLY C 220 -6.84 5.34 11.52
N ALA C 221 -6.56 5.87 12.72
CA ALA C 221 -6.72 5.05 13.92
C ALA C 221 -8.09 4.39 13.98
N GLY C 222 -8.11 3.09 14.21
CA GLY C 222 -9.38 2.38 14.29
C GLY C 222 -9.95 1.88 12.97
N LYS C 223 -9.20 2.11 11.90
CA LYS C 223 -9.67 1.74 10.58
C LYS C 223 -8.85 0.54 10.09
N ASP C 224 -9.48 -0.36 9.35
CA ASP C 224 -8.74 -1.40 8.67
C ASP C 224 -8.15 -0.90 7.34
N LEU C 225 -7.06 -1.55 6.91
CA LEU C 225 -6.47 -1.32 5.61
C LEU C 225 -6.44 -2.61 4.79
N TRP C 226 -7.17 -2.65 3.71
CA TRP C 226 -7.29 -3.89 2.95
C TRP C 226 -6.84 -3.76 1.49
N MET C 227 -6.11 -4.76 1.01
CA MET C 227 -5.85 -4.92 -0.43
C MET C 227 -6.92 -5.82 -1.05
N THR C 228 -7.93 -5.23 -1.69
CA THR C 228 -9.11 -6.00 -2.07
C THR C 228 -9.12 -6.67 -3.44
N GLU C 229 -8.16 -6.33 -4.31
CA GLU C 229 -8.02 -7.05 -5.60
C GLU C 229 -6.67 -6.89 -6.26
N VAL C 230 -6.13 -8.01 -6.75
CA VAL C 230 -4.93 -8.01 -7.57
C VAL C 230 -4.68 -9.33 -8.27
N TYR C 231 -3.99 -9.26 -9.40
CA TYR C 231 -3.24 -10.40 -9.92
C TYR C 231 -1.86 -9.88 -10.27
N TYR C 232 -0.87 -10.70 -9.99
CA TYR C 232 0.52 -10.30 -10.13
C TYR C 232 1.38 -11.53 -10.42
N PRO C 233 2.37 -11.42 -11.33
CA PRO C 233 2.76 -10.22 -12.07
C PRO C 233 2.03 -10.02 -13.38
N ASN C 234 1.17 -10.95 -13.76
CA ASN C 234 0.40 -10.78 -15.01
C ASN C 234 -0.77 -11.72 -15.08
N SER C 235 -1.61 -11.54 -16.09
CA SER C 235 -2.67 -12.48 -16.38
C SER C 235 -2.40 -13.31 -17.63
N ASP C 236 -1.13 -13.61 -17.90
CA ASP C 236 -0.79 -14.44 -19.06
C ASP C 236 -1.50 -15.79 -18.98
N THR C 237 -2.10 -16.19 -20.10
CA THR C 237 -2.78 -17.48 -20.19
C THR C 237 -1.83 -18.60 -19.82
N ASN C 238 -2.28 -19.45 -18.90
CA ASN C 238 -1.50 -20.59 -18.41
C ASN C 238 -0.18 -20.28 -17.70
N SER C 239 -0.06 -19.09 -17.14
CA SER C 239 1.18 -18.68 -16.47
C SER C 239 1.28 -19.19 -15.04
N ALA C 240 0.21 -19.78 -14.52
CA ALA C 240 0.13 -20.04 -13.08
C ALA C 240 1.19 -21.00 -12.54
N ASP C 241 1.81 -21.77 -13.45
CA ASP C 241 2.82 -22.77 -13.05
C ASP C 241 4.24 -22.37 -13.38
N ARG C 242 4.40 -21.28 -14.12
CA ARG C 242 5.73 -20.78 -14.46
C ARG C 242 6.59 -20.52 -13.24
N TRP C 243 7.76 -21.16 -13.19
CA TRP C 243 8.73 -20.95 -12.14
C TRP C 243 10.00 -20.43 -12.73
N PRO C 244 10.67 -19.50 -12.06
CA PRO C 244 10.42 -18.89 -10.76
C PRO C 244 9.56 -17.62 -10.84
N GLU C 245 8.65 -17.60 -11.79
CA GLU C 245 7.78 -16.44 -11.94
C GLU C 245 6.82 -16.36 -10.74
N ALA C 246 6.25 -17.51 -10.40
CA ALA C 246 5.29 -17.62 -9.31
C ALA C 246 5.80 -16.99 -8.02
N LEU C 247 7.11 -17.05 -7.81
CA LEU C 247 7.74 -16.40 -6.64
C LEU C 247 7.39 -14.92 -6.53
N ASP C 248 7.11 -14.28 -7.66
CA ASP C 248 6.68 -12.90 -7.65
C ASP C 248 5.44 -12.70 -6.78
N VAL C 249 4.55 -13.70 -6.76
CA VAL C 249 3.36 -13.63 -5.95
C VAL C 249 3.68 -13.46 -4.47
N SER C 250 4.54 -14.29 -3.93
CA SER C 250 4.84 -14.16 -2.52
C SER C 250 5.62 -12.89 -2.22
N GLN C 251 6.42 -12.43 -3.16
CA GLN C 251 7.15 -11.18 -2.96
C GLN C 251 6.18 -10.01 -2.92
N HIS C 252 5.12 -10.11 -3.71
CA HIS C 252 4.17 -9.03 -3.78
C HIS C 252 3.43 -8.93 -2.44
N ILE C 253 3.02 -10.09 -1.91
CA ILE C 253 2.38 -10.19 -0.62
C ILE C 253 3.32 -9.69 0.43
N HIS C 254 4.61 -10.02 0.29
CA HIS C 254 5.60 -9.55 1.22
C HIS C 254 5.61 -8.04 1.27
N ASN C 255 5.55 -7.39 0.10
CA ASN C 255 5.56 -5.92 0.08
C ASN C 255 4.25 -5.32 0.60
N ALA C 256 3.16 -6.03 0.37
CA ALA C 256 1.87 -5.58 0.85
C ALA C 256 1.84 -5.59 2.40
N MET C 257 2.37 -6.65 2.99
CA MET C 257 2.40 -6.78 4.45
C MET C 257 3.41 -5.84 5.03
N VAL C 258 4.57 -5.75 4.40
CA VAL C 258 5.71 -5.11 5.05
C VAL C 258 5.80 -3.64 4.73
N GLU C 259 5.41 -3.25 3.54
CA GLU C 259 5.52 -1.86 3.12
C GLU C 259 4.18 -1.13 3.17
N GLY C 260 3.12 -1.85 2.82
CA GLY C 260 1.81 -1.26 2.81
C GLY C 260 1.07 -1.44 4.11
N ASP C 261 1.59 -2.32 4.97
CA ASP C 261 0.93 -2.62 6.25
C ASP C 261 -0.52 -3.10 6.07
N PHE C 262 -0.82 -3.77 4.98
CA PHE C 262 -2.16 -4.25 4.68
C PHE C 262 -2.52 -5.38 5.57
N GLN C 263 -3.81 -5.55 5.81
CA GLN C 263 -4.32 -6.52 6.78
C GLN C 263 -5.09 -7.62 6.07
N ALA C 264 -5.32 -7.40 4.79
CA ALA C 264 -5.95 -8.38 3.95
C ALA C 264 -5.31 -8.28 2.56
N TYR C 265 -5.19 -9.44 1.90
CA TYR C 265 -4.66 -9.51 0.55
C TYR C 265 -5.55 -10.41 -0.26
N VAL C 266 -6.28 -9.82 -1.20
CA VAL C 266 -7.32 -10.54 -1.92
C VAL C 266 -7.03 -10.63 -3.43
N TRP C 267 -6.97 -11.86 -3.95
CA TRP C 267 -6.67 -12.08 -5.33
C TRP C 267 -7.92 -11.82 -6.17
N TRP C 268 -7.75 -11.77 -7.47
CA TRP C 268 -8.89 -11.79 -8.38
C TRP C 268 -9.39 -13.24 -8.43
N TYR C 269 -10.00 -13.65 -9.53
CA TYR C 269 -10.56 -14.99 -9.68
C TYR C 269 -9.71 -16.06 -9.02
N ILE C 270 -10.29 -16.73 -8.03
CA ILE C 270 -9.65 -17.89 -7.41
C ILE C 270 -9.20 -18.92 -8.48
N ARG C 271 -10.14 -19.30 -9.37
CA ARG C 271 -9.90 -20.37 -10.35
C ARG C 271 -9.69 -19.76 -11.72
N ARG C 272 -8.47 -19.93 -12.25
CA ARG C 272 -8.09 -19.36 -13.55
C ARG C 272 -6.69 -19.83 -13.96
N SER C 273 -6.39 -19.82 -15.25
CA SER C 273 -5.14 -20.35 -15.75
C SER C 273 -3.96 -19.53 -15.23
N TYR C 274 -4.25 -18.33 -14.71
CA TYR C 274 -3.22 -17.52 -14.06
C TYR C 274 -3.47 -17.31 -12.55
N GLY C 275 -4.42 -18.05 -12.00
CA GLY C 275 -4.80 -17.90 -10.58
C GLY C 275 -4.21 -18.90 -9.60
N PRO C 276 -4.59 -18.80 -8.33
CA PRO C 276 -4.09 -19.73 -7.33
C PRO C 276 -4.61 -21.14 -7.58
N MET C 277 -5.80 -21.24 -8.15
CA MET C 277 -6.34 -22.51 -8.52
C MET C 277 -6.45 -22.62 -10.04
N LYS C 278 -5.91 -23.72 -10.56
CA LYS C 278 -5.98 -24.06 -11.97
C LYS C 278 -7.36 -24.56 -12.33
N GLU C 279 -7.63 -24.59 -13.64
CA GLU C 279 -8.93 -25.00 -14.15
C GLU C 279 -9.25 -26.47 -13.88
N ASP C 280 -8.25 -27.32 -13.68
CA ASP C 280 -8.50 -28.72 -13.27
C ASP C 280 -8.78 -28.84 -11.77
N GLY C 281 -8.80 -27.70 -11.07
CA GLY C 281 -9.11 -27.67 -9.62
C GLY C 281 -7.94 -28.02 -8.71
N THR C 282 -6.73 -28.07 -9.27
CA THR C 282 -5.55 -28.26 -8.45
C THR C 282 -4.89 -26.93 -8.18
N ILE C 283 -3.95 -26.90 -7.24
CA ILE C 283 -3.30 -25.66 -6.85
C ILE C 283 -2.13 -25.40 -7.79
N SER C 284 -2.04 -24.16 -8.24
CA SER C 284 -0.95 -23.71 -9.11
C SER C 284 0.26 -23.31 -8.30
N LYS C 285 1.37 -23.01 -8.98
CA LYS C 285 2.56 -22.55 -8.29
C LYS C 285 2.31 -21.17 -7.67
N ARG C 286 1.51 -20.36 -8.35
CA ARG C 286 1.02 -19.11 -7.78
C ARG C 286 0.20 -19.35 -6.52
N GLY C 287 -0.61 -20.42 -6.53
CA GLY C 287 -1.42 -20.78 -5.39
C GLY C 287 -0.58 -21.10 -4.18
N TYR C 288 0.43 -21.95 -4.37
CA TYR C 288 1.30 -22.35 -3.29
C TYR C 288 2.00 -21.14 -2.71
N ASN C 289 2.33 -20.16 -3.55
CA ASN C 289 2.96 -18.95 -3.05
C ASN C 289 2.04 -18.23 -2.06
N MET C 290 0.76 -18.16 -2.41
CA MET C 290 -0.23 -17.58 -1.52
C MET C 290 -0.39 -18.40 -0.26
N ALA C 291 -0.37 -19.73 -0.43
CA ALA C 291 -0.55 -20.68 0.67
C ALA C 291 0.50 -20.51 1.75
N HIS C 292 1.70 -20.07 1.36
CA HIS C 292 2.78 -19.89 2.34
C HIS C 292 2.40 -18.82 3.34
N PHE C 293 1.39 -18.03 2.98
CA PHE C 293 0.86 -17.03 3.90
C PHE C 293 -0.47 -17.49 4.43
N SER C 294 -1.37 -17.86 3.55
CA SER C 294 -2.76 -18.05 3.94
C SER C 294 -2.96 -19.24 4.84
N LYS C 295 -2.14 -20.28 4.71
CA LYS C 295 -2.32 -21.50 5.49
C LYS C 295 -1.74 -21.37 6.90
N PHE C 296 -0.82 -20.42 7.09
CA PHE C 296 -0.09 -20.29 8.35
C PHE C 296 -0.37 -19.02 9.10
N VAL C 297 -0.58 -17.92 8.37
CA VAL C 297 -0.96 -16.66 8.96
C VAL C 297 -2.48 -16.61 9.03
N ARG C 298 -3.01 -17.11 10.13
CA ARG C 298 -4.45 -17.19 10.28
C ARG C 298 -5.03 -15.84 10.72
N PRO C 299 -6.35 -15.62 10.49
CA PRO C 299 -7.00 -14.42 11.01
C PRO C 299 -6.73 -14.29 12.49
N GLY C 300 -6.25 -13.14 12.91
CA GLY C 300 -6.04 -12.88 14.31
C GLY C 300 -4.59 -12.69 14.57
N TYR C 301 -3.76 -13.35 13.76
CA TYR C 301 -2.30 -13.19 13.86
C TYR C 301 -1.90 -11.75 13.67
N VAL C 302 -0.74 -11.38 14.19
CA VAL C 302 -0.28 -10.00 14.15
C VAL C 302 1.07 -10.01 13.51
N ARG C 303 1.31 -9.08 12.61
CA ARG C 303 2.63 -8.96 12.04
C ARG C 303 3.55 -8.41 13.11
N ILE C 304 4.80 -8.86 13.11
CA ILE C 304 5.82 -8.31 14.01
C ILE C 304 7.05 -7.92 13.23
N ASP C 305 7.86 -7.04 13.81
CA ASP C 305 9.03 -6.51 13.12
C ASP C 305 10.06 -7.60 12.87
N ALA C 306 10.66 -7.54 11.69
CA ALA C 306 11.60 -8.55 11.25
C ALA C 306 12.40 -7.93 10.14
N THR C 307 13.71 -8.13 10.15
CA THR C 307 14.60 -7.64 9.09
C THR C 307 14.04 -8.04 7.73
N LYS C 308 13.62 -7.07 6.93
CA LYS C 308 12.76 -7.37 5.77
C LYS C 308 13.54 -7.95 4.60
N ASN C 309 14.76 -7.50 4.45
CA ASN C 309 15.49 -7.81 3.22
C ASN C 309 16.99 -7.96 3.54
N PRO C 310 17.35 -9.02 4.26
CA PRO C 310 18.67 -9.15 4.87
C PRO C 310 19.80 -9.60 3.91
N ASN C 311 19.45 -10.10 2.72
CA ASN C 311 20.40 -10.38 1.65
C ASN C 311 19.74 -10.14 0.30
N ALA C 312 20.57 -9.93 -0.73
CA ALA C 312 20.08 -9.66 -2.08
C ALA C 312 19.06 -10.69 -2.47
N ASN C 313 17.84 -10.24 -2.78
CA ASN C 313 16.79 -11.13 -3.25
C ASN C 313 16.20 -12.07 -2.21
N VAL C 314 16.53 -11.82 -0.95
CA VAL C 314 15.97 -12.57 0.16
C VAL C 314 15.01 -11.64 0.91
N TYR C 315 13.77 -12.07 1.06
CA TYR C 315 12.73 -11.24 1.66
C TYR C 315 12.04 -11.92 2.84
N VAL C 316 11.95 -11.23 3.95
CA VAL C 316 11.48 -11.85 5.22
C VAL C 316 10.41 -11.03 5.91
N SER C 317 9.36 -11.72 6.34
CA SER C 317 8.33 -11.12 7.18
C SER C 317 7.92 -12.11 8.27
N ALA C 318 7.49 -11.58 9.41
CA ALA C 318 7.14 -12.40 10.56
C ALA C 318 5.82 -12.01 11.21
N TYR C 319 5.15 -13.00 11.82
CA TYR C 319 3.87 -12.81 12.44
C TYR C 319 3.82 -13.64 13.69
N LYS C 320 3.00 -13.24 14.65
CA LYS C 320 2.78 -14.05 15.84
C LYS C 320 1.31 -14.25 16.11
N GLY C 321 0.98 -15.43 16.61
CA GLY C 321 -0.38 -15.73 16.95
C GLY C 321 -0.48 -17.14 17.44
N ASP C 322 -1.46 -17.38 18.30
CA ASP C 322 -1.79 -18.72 18.78
C ASP C 322 -0.53 -19.44 19.31
N ASN C 323 0.33 -18.70 20.01
CA ASN C 323 1.61 -19.23 20.53
C ASN C 323 2.71 -19.60 19.55
N LYS C 324 2.55 -19.24 18.28
CA LYS C 324 3.60 -19.52 17.32
C LYS C 324 4.14 -18.23 16.79
N VAL C 325 5.36 -18.29 16.29
CA VAL C 325 5.87 -17.24 15.44
C VAL C 325 5.98 -17.85 14.05
N VAL C 326 5.47 -17.13 13.05
CA VAL C 326 5.49 -17.58 11.67
C VAL C 326 6.39 -16.66 10.87
N ILE C 327 7.32 -17.25 10.13
CA ILE C 327 8.29 -16.50 9.37
C ILE C 327 8.18 -16.97 7.94
N VAL C 328 8.00 -16.01 7.01
CA VAL C 328 8.01 -16.35 5.60
C VAL C 328 9.27 -15.81 4.93
N ALA C 329 10.12 -16.72 4.46
CA ALA C 329 11.40 -16.34 3.87
C ALA C 329 11.47 -16.69 2.38
N ILE C 330 11.59 -15.66 1.55
CA ILE C 330 11.57 -15.84 0.11
C ILE C 330 12.97 -15.62 -0.41
N ASN C 331 13.50 -16.65 -1.06
CA ASN C 331 14.78 -16.53 -1.74
C ASN C 331 14.65 -16.50 -3.26
N LYS C 332 14.78 -15.32 -3.83
CA LYS C 332 14.54 -15.11 -5.25
C LYS C 332 15.81 -15.17 -6.07
N SER C 333 16.94 -15.49 -5.44
CA SER C 333 18.17 -15.58 -6.17
C SER C 333 18.39 -16.99 -6.71
N ASN C 334 19.45 -17.12 -7.50
CA ASN C 334 19.83 -18.38 -8.12
C ASN C 334 20.83 -19.16 -7.26
N THR C 335 20.94 -18.77 -6.01
CA THR C 335 21.93 -19.31 -5.11
C THR C 335 21.29 -19.52 -3.72
N GLY C 336 21.51 -20.68 -3.12
CA GLY C 336 21.05 -20.95 -1.76
C GLY C 336 21.75 -20.03 -0.78
N VAL C 337 21.02 -19.50 0.19
CA VAL C 337 21.68 -18.73 1.23
C VAL C 337 21.41 -19.32 2.61
N ASN C 338 22.41 -19.21 3.47
CA ASN C 338 22.21 -19.58 4.86
C ASN C 338 21.80 -18.36 5.63
N GLN C 339 20.67 -18.46 6.31
CA GLN C 339 20.14 -17.32 7.03
C GLN C 339 20.04 -17.59 8.54
N ASN C 340 20.47 -16.62 9.32
CA ASN C 340 20.44 -16.72 10.78
C ASN C 340 19.29 -15.91 11.41
N PHE C 341 18.37 -16.60 12.07
CA PHE C 341 17.18 -15.95 12.58
C PHE C 341 17.25 -15.76 14.10
N VAL C 342 17.27 -14.50 14.54
CA VAL C 342 17.40 -14.17 15.94
C VAL C 342 16.08 -13.66 16.50
N LEU C 343 15.55 -14.37 17.49
CA LEU C 343 14.33 -13.95 18.20
C LEU C 343 14.64 -13.05 19.39
N GLN C 344 14.18 -11.81 19.34
CA GLN C 344 14.24 -10.89 20.48
C GLN C 344 12.93 -10.86 21.26
N ASN C 345 13.06 -10.55 22.55
CA ASN C 345 11.95 -10.51 23.52
C ASN C 345 11.04 -11.74 23.49
N GLY C 346 11.64 -12.90 23.25
CA GLY C 346 10.90 -14.15 23.16
C GLY C 346 11.83 -15.33 23.00
N SER C 347 11.44 -16.46 23.56
CA SER C 347 12.25 -17.67 23.49
C SER C 347 11.41 -18.82 22.93
N ALA C 348 12.07 -19.72 22.21
CA ALA C 348 11.40 -20.79 21.48
C ALA C 348 12.13 -22.12 21.60
N SER C 349 11.65 -23.14 20.89
CA SER C 349 12.21 -24.47 20.98
C SER C 349 12.38 -25.16 19.61
N ASN C 350 11.29 -25.72 19.09
CA ASN C 350 11.32 -26.45 17.84
C ASN C 350 10.85 -25.56 16.68
N VAL C 351 11.40 -25.76 15.49
CA VAL C 351 10.97 -25.05 14.29
C VAL C 351 10.61 -26.03 13.17
N SER C 352 9.37 -25.97 12.69
CA SER C 352 8.98 -26.72 11.50
C SER C 352 9.01 -25.80 10.29
N ARG C 353 9.03 -26.39 9.09
CA ARG C 353 9.09 -25.60 7.86
C ARG C 353 8.53 -26.33 6.67
N TRP C 354 7.97 -25.58 5.73
CA TRP C 354 7.57 -26.11 4.44
C TRP C 354 8.22 -25.28 3.35
N ILE C 355 8.57 -25.91 2.22
CA ILE C 355 9.27 -25.23 1.13
C ILE C 355 8.54 -25.40 -0.18
N THR C 356 8.57 -24.36 -1.00
CA THR C 356 8.11 -24.47 -2.37
C THR C 356 9.20 -24.02 -3.31
N SER C 357 9.45 -24.83 -4.33
CA SER C 357 10.52 -24.59 -5.30
C SER C 357 10.07 -25.01 -6.68
N SER C 358 11.03 -25.10 -7.60
CA SER C 358 10.75 -25.51 -8.98
C SER C 358 10.12 -26.88 -9.00
N SER C 359 10.52 -27.71 -8.04
CA SER C 359 10.27 -29.15 -8.05
C SER C 359 9.36 -29.68 -6.93
N SER C 360 9.01 -28.83 -5.98
CA SER C 360 8.25 -29.26 -4.80
C SER C 360 7.22 -28.24 -4.37
N ASN C 361 6.10 -28.71 -3.83
CA ASN C 361 5.05 -27.82 -3.34
C ASN C 361 4.79 -28.00 -1.85
N LEU C 362 4.92 -26.89 -1.10
CA LEU C 362 4.69 -26.88 0.34
C LEU C 362 5.17 -28.17 1.00
N GLN C 363 6.45 -28.43 0.84
CA GLN C 363 6.98 -29.71 1.21
C GLN C 363 7.77 -29.62 2.50
N PRO C 364 7.43 -30.46 3.48
CA PRO C 364 8.08 -30.40 4.80
C PRO C 364 9.59 -30.52 4.69
N GLY C 365 10.31 -29.61 5.32
CA GLY C 365 11.75 -29.69 5.42
C GLY C 365 12.07 -30.31 6.76
N THR C 366 13.35 -30.36 7.08
CA THR C 366 13.76 -31.01 8.31
C THR C 366 13.52 -30.03 9.44
N ASN C 367 13.11 -30.57 10.59
CA ASN C 367 12.90 -29.75 11.75
C ASN C 367 14.22 -29.11 12.17
N LEU C 368 14.14 -27.98 12.86
CA LEU C 368 15.33 -27.30 13.36
C LEU C 368 15.07 -26.90 14.80
N THR C 369 16.13 -26.70 15.56
CA THR C 369 15.98 -26.41 16.99
C THR C 369 16.67 -25.12 17.37
N VAL C 370 16.08 -24.40 18.32
CA VAL C 370 16.55 -23.09 18.69
C VAL C 370 17.72 -23.18 19.69
N SER C 371 18.82 -22.52 19.32
CA SER C 371 20.02 -22.44 20.17
C SER C 371 20.04 -21.09 20.86
N GLY C 372 19.52 -21.05 22.08
CA GLY C 372 19.39 -19.79 22.80
C GLY C 372 18.25 -18.98 22.19
N ASN C 373 18.61 -17.94 21.45
CA ASN C 373 17.60 -17.10 20.82
C ASN C 373 17.67 -17.10 19.30
N HIS C 374 18.25 -18.15 18.71
CA HIS C 374 18.41 -18.15 17.26
C HIS C 374 18.44 -19.54 16.64
N PHE C 375 18.41 -19.55 15.30
CA PHE C 375 18.55 -20.75 14.51
C PHE C 375 18.95 -20.42 13.10
N TRP C 376 19.80 -21.27 12.54
CA TRP C 376 20.21 -21.12 11.16
C TRP C 376 19.29 -21.96 10.29
N ALA C 377 19.00 -21.46 9.10
CA ALA C 377 18.31 -22.27 8.11
C ALA C 377 18.83 -21.94 6.76
N HIS C 378 18.84 -22.95 5.89
CA HIS C 378 19.30 -22.77 4.53
C HIS C 378 18.10 -22.40 3.67
N LEU C 379 18.21 -21.33 2.91
CA LEU C 379 17.14 -20.97 1.99
C LEU C 379 17.47 -21.37 0.56
N PRO C 380 16.91 -22.50 0.09
CA PRO C 380 17.19 -22.98 -1.25
C PRO C 380 17.03 -21.87 -2.28
N ALA C 381 17.71 -22.01 -3.41
CA ALA C 381 17.67 -21.04 -4.50
C ALA C 381 16.28 -21.09 -5.06
N GLN C 382 15.76 -19.95 -5.50
N GLN C 382 15.77 -19.94 -5.48
CA GLN C 382 14.41 -19.87 -6.07
CA GLN C 382 14.43 -19.81 -6.03
C GLN C 382 13.40 -20.58 -5.18
C GLN C 382 13.40 -20.56 -5.18
N SER C 383 13.33 -20.20 -3.91
CA SER C 383 12.41 -20.87 -3.00
C SER C 383 11.65 -19.94 -2.05
N VAL C 384 10.49 -20.41 -1.61
CA VAL C 384 9.80 -19.79 -0.50
C VAL C 384 9.65 -20.78 0.66
N THR C 385 10.04 -20.33 1.84
CA THR C 385 9.87 -21.15 3.02
C THR C 385 8.95 -20.47 4.04
N THR C 386 8.13 -21.27 4.70
CA THR C 386 7.42 -20.82 5.89
C THR C 386 7.91 -21.59 7.13
N PHE C 387 8.57 -20.89 8.04
CA PHE C 387 8.93 -21.45 9.34
C PHE C 387 7.80 -21.27 10.37
N VAL C 388 7.49 -22.34 11.09
CA VAL C 388 6.58 -22.24 12.23
C VAL C 388 7.38 -22.53 13.49
N VAL C 389 7.49 -21.50 14.33
CA VAL C 389 8.28 -21.57 15.56
C VAL C 389 7.37 -21.69 16.78
N ASN C 390 7.54 -22.75 17.56
CA ASN C 390 6.82 -22.91 18.83
C ASN C 390 7.57 -22.20 19.95
N ARG C 391 6.91 -21.23 20.60
CA ARG C 391 7.50 -20.52 21.75
C ARG C 391 7.39 -21.37 23.01
N SER D 3 -31.68 -2.89 -53.00
CA SER D 3 -32.29 -4.21 -52.63
C SER D 3 -32.01 -5.28 -53.68
N ASP D 4 -32.67 -6.44 -53.54
CA ASP D 4 -32.60 -7.59 -54.47
C ASP D 4 -31.30 -8.40 -54.32
N VAL D 5 -31.45 -9.68 -53.99
CA VAL D 5 -30.32 -10.59 -53.86
C VAL D 5 -30.43 -11.75 -54.84
N THR D 6 -29.33 -12.05 -55.53
CA THR D 6 -29.28 -13.13 -56.51
C THR D 6 -28.35 -14.25 -56.04
N VAL D 7 -28.92 -15.44 -55.81
CA VAL D 7 -28.14 -16.63 -55.52
C VAL D 7 -27.99 -17.50 -56.77
N ASN D 8 -26.78 -18.00 -56.99
CA ASN D 8 -26.46 -18.82 -58.16
C ASN D 8 -26.27 -20.30 -57.85
N VAL D 9 -27.36 -21.07 -57.92
CA VAL D 9 -27.35 -22.51 -57.67
C VAL D 9 -26.29 -23.22 -58.52
N SER D 10 -26.18 -22.81 -59.78
CA SER D 10 -25.20 -23.35 -60.73
C SER D 10 -23.74 -23.05 -60.35
N ALA D 11 -23.48 -21.83 -59.86
CA ALA D 11 -22.11 -21.38 -59.56
C ALA D 11 -21.61 -21.85 -58.18
N GLU D 12 -20.67 -22.80 -58.19
CA GLU D 12 -20.13 -23.35 -56.95
C GLU D 12 -18.79 -22.71 -56.57
N LYS D 13 -18.53 -22.61 -55.27
CA LYS D 13 -17.27 -22.07 -54.77
C LYS D 13 -16.56 -23.12 -53.90
N GLN D 14 -16.03 -22.71 -52.75
CA GLN D 14 -15.30 -23.63 -51.87
C GLN D 14 -16.23 -24.63 -51.16
N VAL D 15 -15.73 -25.84 -50.93
CA VAL D 15 -16.49 -26.87 -50.22
C VAL D 15 -16.21 -26.83 -48.71
N ILE D 16 -17.29 -26.70 -47.93
CA ILE D 16 -17.19 -26.53 -46.47
C ILE D 16 -16.86 -27.83 -45.72
N ARG D 17 -15.98 -27.72 -44.73
CA ARG D 17 -15.61 -28.86 -43.90
C ARG D 17 -16.20 -28.76 -42.47
N GLY D 18 -16.68 -27.56 -42.10
CA GLY D 18 -17.38 -27.38 -40.82
C GLY D 18 -17.12 -26.10 -40.02
N PHE D 19 -17.66 -26.06 -38.80
CA PHE D 19 -17.47 -24.95 -37.86
C PHE D 19 -17.28 -25.48 -36.44
N GLY D 20 -16.42 -24.85 -35.66
CA GLY D 20 -16.13 -25.31 -34.31
C GLY D 20 -15.41 -24.33 -33.41
N GLY D 21 -14.79 -24.86 -32.36
CA GLY D 21 -14.06 -24.05 -31.38
C GLY D 21 -12.91 -24.78 -30.72
N MET D 22 -12.26 -24.10 -29.78
CA MET D 22 -11.08 -24.64 -29.08
C MET D 22 -11.44 -25.19 -27.69
N ASN D 23 -11.20 -26.49 -27.48
CA ASN D 23 -11.35 -27.14 -26.16
C ASN D 23 -10.01 -27.38 -25.50
N HIS D 24 -9.84 -26.79 -24.33
CA HIS D 24 -8.58 -26.83 -23.62
C HIS D 24 -8.79 -27.11 -22.14
N PRO D 25 -8.18 -28.20 -21.62
CA PRO D 25 -8.36 -28.57 -20.22
C PRO D 25 -7.43 -27.78 -19.27
N ALA D 26 -6.18 -27.60 -19.68
CA ALA D 26 -5.20 -26.84 -18.89
C ALA D 26 -5.48 -25.34 -19.00
N TRP D 27 -5.71 -24.87 -20.23
CA TRP D 27 -5.91 -23.45 -20.51
C TRP D 27 -7.29 -22.92 -20.06
N ALA D 28 -8.33 -23.71 -20.29
CA ALA D 28 -9.71 -23.26 -20.12
C ALA D 28 -10.59 -24.18 -19.28
N GLY D 29 -10.11 -25.39 -19.00
CA GLY D 29 -10.91 -26.38 -18.28
C GLY D 29 -11.75 -27.22 -19.21
N ASP D 30 -11.76 -28.52 -18.94
CA ASP D 30 -12.55 -29.50 -19.70
C ASP D 30 -14.05 -29.22 -19.55
N LEU D 31 -14.79 -29.44 -20.63
CA LEU D 31 -16.25 -29.25 -20.66
C LEU D 31 -16.94 -30.28 -19.77
N THR D 32 -17.93 -29.84 -18.98
CA THR D 32 -18.62 -30.74 -18.03
C THR D 32 -19.25 -31.96 -18.71
N ALA D 33 -19.52 -33.01 -17.93
CA ALA D 33 -20.01 -34.30 -18.45
C ALA D 33 -21.03 -34.18 -19.59
N ALA D 34 -22.09 -33.40 -19.35
CA ALA D 34 -23.13 -33.16 -20.35
C ALA D 34 -23.05 -31.74 -20.90
N GLN D 35 -21.84 -31.33 -21.28
CA GLN D 35 -21.59 -30.01 -21.87
C GLN D 35 -20.91 -30.16 -23.23
N ARG D 36 -20.43 -31.37 -23.51
CA ARG D 36 -20.06 -31.76 -24.88
C ARG D 36 -21.36 -31.87 -25.68
N GLU D 37 -22.41 -32.36 -25.02
CA GLU D 37 -23.74 -32.52 -25.60
C GLU D 37 -24.31 -31.19 -26.12
N THR D 38 -24.11 -30.13 -25.34
CA THR D 38 -24.64 -28.80 -25.65
C THR D 38 -23.82 -28.10 -26.74
N ALA D 39 -22.62 -28.60 -27.00
CA ALA D 39 -21.71 -27.97 -27.97
C ALA D 39 -21.64 -28.68 -29.32
N PHE D 40 -21.78 -30.02 -29.30
CA PHE D 40 -21.60 -30.84 -30.50
C PHE D 40 -22.91 -31.46 -31.03
N GLY D 41 -23.99 -31.35 -30.27
CA GLY D 41 -25.30 -31.83 -30.69
C GLY D 41 -25.94 -30.87 -31.70
N ASN D 42 -26.78 -31.40 -32.58
CA ASN D 42 -27.32 -30.63 -33.70
C ASN D 42 -28.82 -30.28 -33.63
N GLY D 43 -29.44 -30.55 -32.49
CA GLY D 43 -30.85 -30.19 -32.27
C GLY D 43 -31.00 -28.86 -31.56
N GLN D 44 -32.24 -28.51 -31.21
CA GLN D 44 -32.52 -27.33 -30.39
C GLN D 44 -32.11 -27.57 -28.95
N ASN D 45 -31.49 -26.56 -28.33
CA ASN D 45 -30.85 -26.65 -27.01
C ASN D 45 -29.33 -26.81 -27.13
N GLN D 46 -28.86 -27.14 -28.34
CA GLN D 46 -27.43 -27.31 -28.62
C GLN D 46 -26.96 -26.44 -29.80
N LEU D 47 -25.70 -26.61 -30.22
CA LEU D 47 -25.05 -25.74 -31.22
C LEU D 47 -24.66 -26.40 -32.56
N GLY D 48 -24.38 -27.70 -32.52
CA GLY D 48 -24.04 -28.47 -33.73
C GLY D 48 -22.67 -28.18 -34.31
N PHE D 49 -21.65 -28.07 -33.45
CA PHE D 49 -20.28 -27.83 -33.90
C PHE D 49 -19.70 -29.08 -34.54
N SER D 50 -19.24 -28.93 -35.79
CA SER D 50 -18.73 -30.05 -36.58
C SER D 50 -17.20 -30.17 -36.53
N ILE D 51 -16.55 -29.30 -35.74
CA ILE D 51 -15.10 -29.34 -35.55
C ILE D 51 -14.71 -29.17 -34.08
N LEU D 52 -13.72 -29.96 -33.66
CA LEU D 52 -13.09 -29.78 -32.36
C LEU D 52 -11.59 -29.58 -32.54
N ARG D 53 -11.09 -28.45 -32.07
CA ARG D 53 -9.67 -28.20 -32.03
C ARG D 53 -9.15 -28.47 -30.62
N ILE D 54 -8.09 -29.28 -30.54
CA ILE D 54 -7.39 -29.49 -29.27
C ILE D 54 -5.93 -29.06 -29.40
N HIS D 55 -5.18 -29.14 -28.29
CA HIS D 55 -3.77 -28.77 -28.30
C HIS D 55 -2.86 -29.99 -28.10
N VAL D 56 -1.64 -29.89 -28.61
CA VAL D 56 -0.61 -30.88 -28.33
C VAL D 56 0.35 -30.27 -27.32
N ASP D 57 0.18 -30.69 -26.07
CA ASP D 57 0.92 -30.15 -24.93
C ASP D 57 2.42 -30.41 -25.06
N GLU D 58 3.21 -29.63 -24.33
CA GLU D 58 4.64 -29.89 -24.19
C GLU D 58 4.79 -31.33 -23.70
N ASN D 59 5.07 -32.23 -24.64
CA ASN D 59 5.15 -33.68 -24.39
C ASN D 59 4.25 -34.17 -23.24
N ARG D 60 4.88 -34.79 -22.23
CA ARG D 60 4.22 -35.20 -20.99
C ARG D 60 3.27 -36.40 -21.12
N ASN D 61 3.05 -37.07 -19.99
CA ASN D 61 2.11 -38.18 -19.88
C ASN D 61 0.68 -37.69 -20.11
N ASN D 62 0.45 -36.41 -19.75
CA ASN D 62 -0.86 -35.77 -19.79
C ASN D 62 -1.42 -35.46 -21.19
N TRP D 63 -1.69 -36.51 -21.96
CA TRP D 63 -2.38 -36.38 -23.24
C TRP D 63 -3.79 -36.96 -23.17
N TYR D 64 -4.04 -37.80 -22.16
CA TYR D 64 -5.32 -38.49 -21.99
C TYR D 64 -6.50 -37.58 -21.63
N LYS D 65 -6.20 -36.32 -21.31
CA LYS D 65 -7.23 -35.36 -20.88
C LYS D 65 -8.11 -34.88 -22.04
N GLU D 66 -7.50 -34.72 -23.22
CA GLU D 66 -8.23 -34.27 -24.40
C GLU D 66 -9.02 -35.40 -25.06
N VAL D 67 -8.64 -36.64 -24.74
CA VAL D 67 -9.28 -37.85 -25.28
C VAL D 67 -10.78 -37.94 -24.93
N GLU D 68 -11.11 -37.64 -23.68
CA GLU D 68 -12.47 -37.79 -23.16
C GLU D 68 -13.48 -36.87 -23.84
N THR D 69 -13.06 -35.65 -24.14
CA THR D 69 -13.90 -34.69 -24.85
C THR D 69 -13.98 -35.02 -26.34
N ALA D 70 -12.86 -35.48 -26.91
CA ALA D 70 -12.76 -35.77 -28.35
C ALA D 70 -13.31 -37.14 -28.77
N LYS D 71 -13.61 -38.01 -27.80
CA LYS D 71 -14.29 -39.28 -28.07
C LYS D 71 -15.78 -39.04 -28.31
N SER D 72 -16.30 -38.02 -27.64
CA SER D 72 -17.67 -37.54 -27.81
C SER D 72 -17.80 -36.60 -29.03
N ALA D 73 -16.67 -36.19 -29.59
CA ALA D 73 -16.64 -35.34 -30.78
C ALA D 73 -16.70 -36.15 -32.07
N VAL D 74 -16.11 -37.35 -32.07
CA VAL D 74 -16.09 -38.22 -33.24
C VAL D 74 -17.46 -38.84 -33.51
N LYS D 75 -18.04 -39.50 -32.49
CA LYS D 75 -19.30 -40.23 -32.65
C LYS D 75 -20.57 -39.36 -32.76
N HIS D 76 -20.44 -38.06 -32.51
CA HIS D 76 -21.59 -37.16 -32.62
C HIS D 76 -21.73 -36.54 -34.01
N GLY D 77 -20.76 -36.82 -34.89
CA GLY D 77 -20.80 -36.34 -36.28
C GLY D 77 -19.92 -35.13 -36.49
N ALA D 78 -18.64 -35.26 -36.13
CA ALA D 78 -17.67 -34.16 -36.19
C ALA D 78 -16.24 -34.65 -36.37
N ILE D 79 -15.39 -33.79 -36.94
CA ILE D 79 -13.98 -34.10 -37.15
C ILE D 79 -13.10 -33.40 -36.12
N VAL D 80 -11.99 -34.04 -35.75
CA VAL D 80 -11.09 -33.52 -34.72
C VAL D 80 -9.66 -33.34 -35.25
N PHE D 81 -9.01 -32.26 -34.83
CA PHE D 81 -7.60 -32.04 -35.15
C PHE D 81 -6.84 -31.42 -33.97
N ALA D 82 -5.52 -31.42 -34.02
CA ALA D 82 -4.70 -30.92 -32.92
C ALA D 82 -3.58 -30.00 -33.39
N SER D 83 -3.33 -28.96 -32.59
CA SER D 83 -2.34 -27.94 -32.90
C SER D 83 -1.34 -27.79 -31.74
N PRO D 84 -0.04 -28.03 -32.00
CA PRO D 84 0.98 -27.91 -30.94
C PRO D 84 1.38 -26.46 -30.66
N TRP D 85 1.58 -26.15 -29.39
CA TRP D 85 2.02 -24.83 -28.95
C TRP D 85 3.50 -24.88 -28.60
N ASN D 86 3.86 -25.87 -27.78
CA ASN D 86 5.19 -25.97 -27.24
C ASN D 86 5.79 -27.35 -27.45
N PRO D 87 6.62 -27.51 -28.50
CA PRO D 87 7.49 -28.67 -28.62
C PRO D 87 8.17 -28.98 -27.27
N PRO D 88 8.40 -30.28 -26.97
CA PRO D 88 8.99 -30.72 -25.70
C PRO D 88 10.31 -30.01 -25.35
N SER D 89 10.66 -30.03 -24.07
CA SER D 89 11.84 -29.33 -23.58
C SER D 89 13.14 -30.17 -23.62
N ASP D 90 13.36 -30.88 -24.73
CA ASP D 90 14.65 -31.49 -25.04
C ASP D 90 15.29 -30.68 -26.18
N MET D 91 14.43 -30.03 -26.96
CA MET D 91 14.77 -29.58 -28.31
C MET D 91 14.52 -28.09 -28.59
N VAL D 92 14.20 -27.32 -27.56
CA VAL D 92 13.99 -25.88 -27.72
C VAL D 92 15.21 -25.10 -27.20
N GLU D 93 15.49 -23.97 -27.83
CA GLU D 93 16.66 -23.15 -27.50
C GLU D 93 16.35 -21.66 -27.61
N THR D 94 17.00 -20.85 -26.78
CA THR D 94 16.78 -19.41 -26.78
C THR D 94 17.90 -18.66 -27.53
N PHE D 95 17.55 -18.04 -28.66
CA PHE D 95 18.50 -17.21 -29.41
C PHE D 95 18.43 -15.74 -28.96
N ASP D 100 19.24 -8.99 -26.83
CA ASP D 100 17.94 -9.61 -26.65
C ASP D 100 18.01 -11.12 -26.94
N THR D 101 18.92 -11.80 -26.26
CA THR D 101 19.07 -13.25 -26.39
C THR D 101 18.02 -13.99 -25.55
N SER D 102 16.75 -13.86 -25.95
CA SER D 102 15.63 -14.45 -25.21
C SER D 102 14.40 -14.65 -26.10
N ALA D 103 14.49 -15.63 -27.01
CA ALA D 103 13.39 -16.02 -27.88
C ALA D 103 13.52 -17.50 -28.25
N LYS D 104 12.50 -18.29 -27.90
CA LYS D 104 12.55 -19.74 -28.07
C LYS D 104 12.32 -20.19 -29.52
N ARG D 105 13.09 -21.19 -29.94
CA ARG D 105 13.15 -21.65 -31.34
C ARG D 105 13.59 -23.12 -31.39
N LEU D 106 13.15 -23.84 -32.41
CA LEU D 106 13.49 -25.27 -32.55
C LEU D 106 14.87 -25.48 -33.15
N LYS D 107 15.64 -26.36 -32.52
CA LYS D 107 17.01 -26.72 -32.95
C LYS D 107 17.03 -27.35 -34.33
N TYR D 108 18.13 -27.13 -35.06
CA TYR D 108 18.25 -27.59 -36.45
C TYR D 108 18.53 -29.08 -36.60
N ASN D 109 19.46 -29.60 -35.80
CA ASN D 109 19.74 -31.05 -35.80
C ASN D 109 18.73 -31.82 -34.93
N LYS D 110 17.60 -31.17 -34.65
CA LYS D 110 16.52 -31.76 -33.84
C LYS D 110 15.14 -31.48 -34.45
N TYR D 111 15.08 -31.35 -35.78
CA TYR D 111 13.82 -31.19 -36.50
C TYR D 111 13.02 -32.49 -36.52
N ALA D 112 13.72 -33.61 -36.73
CA ALA D 112 13.11 -34.94 -36.81
C ALA D 112 12.58 -35.45 -35.46
N ALA D 113 13.22 -35.03 -34.37
CA ALA D 113 12.82 -35.42 -33.02
C ALA D 113 11.48 -34.79 -32.61
N TYR D 114 11.03 -33.81 -33.38
CA TYR D 114 9.76 -33.11 -33.16
C TYR D 114 8.68 -33.60 -34.14
N ALA D 115 9.11 -34.00 -35.34
CA ALA D 115 8.23 -34.54 -36.37
C ALA D 115 7.63 -35.88 -35.92
N GLN D 116 8.39 -36.64 -35.13
CA GLN D 116 7.90 -37.86 -34.49
C GLN D 116 7.05 -37.57 -33.25
N HIS D 117 7.38 -36.48 -32.55
CA HIS D 117 6.58 -36.01 -31.40
C HIS D 117 5.14 -35.72 -31.82
N LEU D 118 4.97 -35.36 -33.09
CA LEU D 118 3.64 -35.20 -33.67
C LEU D 118 3.00 -36.54 -34.01
N ASN D 119 3.81 -37.49 -34.49
CA ASN D 119 3.37 -38.86 -34.82
C ASN D 119 2.99 -39.72 -33.62
N ASP D 120 3.53 -39.37 -32.44
CA ASP D 120 3.22 -40.07 -31.19
C ASP D 120 1.80 -39.77 -30.69
N PHE D 121 1.32 -38.57 -30.97
CA PHE D 121 0.00 -38.13 -30.53
C PHE D 121 -1.12 -38.85 -31.29
N VAL D 122 -0.94 -39.02 -32.61
CA VAL D 122 -1.95 -39.64 -33.48
C VAL D 122 -2.17 -41.12 -33.11
N THR D 123 -1.07 -41.88 -33.02
CA THR D 123 -1.11 -43.30 -32.67
C THR D 123 -1.52 -43.50 -31.20
N PHE D 124 -1.66 -42.40 -30.47
CA PHE D 124 -2.15 -42.39 -29.10
C PHE D 124 -3.66 -42.13 -29.10
N MET D 125 -4.09 -41.18 -29.93
CA MET D 125 -5.50 -40.84 -30.06
C MET D 125 -6.30 -41.95 -30.78
N LYS D 126 -5.60 -42.73 -31.59
CA LYS D 126 -6.18 -43.84 -32.34
C LYS D 126 -6.66 -44.98 -31.44
N ASN D 127 -5.77 -45.47 -30.57
CA ASN D 127 -6.05 -46.65 -29.74
C ASN D 127 -7.31 -46.53 -28.89
N ASN D 128 -7.58 -45.33 -28.38
CA ASN D 128 -8.75 -45.07 -27.53
C ASN D 128 -9.93 -44.36 -28.21
N GLY D 129 -10.24 -44.82 -29.43
CA GLY D 129 -11.50 -44.48 -30.11
C GLY D 129 -11.69 -43.06 -30.61
N VAL D 130 -10.63 -42.48 -31.18
CA VAL D 130 -10.72 -41.15 -31.80
C VAL D 130 -9.95 -41.12 -33.13
N ASN D 131 -10.68 -41.15 -34.24
CA ASN D 131 -10.08 -40.96 -35.56
C ASN D 131 -9.80 -39.47 -35.80
N LEU D 132 -8.51 -39.13 -35.83
CA LEU D 132 -8.06 -37.74 -35.93
C LEU D 132 -7.91 -37.30 -37.39
N TYR D 133 -8.41 -36.09 -37.69
CA TYR D 133 -8.46 -35.56 -39.06
C TYR D 133 -7.13 -34.94 -39.51
N ALA D 134 -6.63 -33.98 -38.74
CA ALA D 134 -5.45 -33.20 -39.13
C ALA D 134 -4.51 -32.86 -37.96
N ILE D 135 -3.33 -32.33 -38.29
CA ILE D 135 -2.33 -31.94 -37.30
C ILE D 135 -1.52 -30.73 -37.80
N SER D 136 -1.20 -29.80 -36.90
CA SER D 136 -0.52 -28.55 -37.28
C SER D 136 1.00 -28.60 -37.09
N VAL D 137 1.70 -27.69 -37.76
CA VAL D 137 3.17 -27.58 -37.64
C VAL D 137 3.56 -26.68 -36.46
N GLN D 138 2.78 -25.61 -36.25
CA GLN D 138 2.96 -24.67 -35.12
C GLN D 138 1.84 -23.63 -35.06
N ASN D 139 1.42 -23.30 -33.83
CA ASN D 139 0.51 -22.19 -33.56
C ASN D 139 1.26 -20.86 -33.58
N GLU D 140 0.70 -19.90 -34.33
CA GLU D 140 1.21 -18.52 -34.44
C GLU D 140 2.74 -18.35 -34.32
N PRO D 141 3.51 -18.86 -35.30
CA PRO D 141 4.97 -18.73 -35.24
C PRO D 141 5.47 -17.29 -35.45
N ASP D 142 4.66 -16.46 -36.11
CA ASP D 142 5.01 -15.06 -36.39
C ASP D 142 4.52 -14.08 -35.30
N TYR D 143 3.95 -14.62 -34.22
CA TYR D 143 3.49 -13.83 -33.08
C TYR D 143 3.63 -14.64 -31.78
N ALA D 144 4.87 -14.77 -31.29
CA ALA D 144 5.13 -15.59 -30.12
C ALA D 144 6.15 -14.97 -29.17
N HIS D 145 5.82 -13.76 -28.70
CA HIS D 145 6.58 -13.11 -27.63
C HIS D 145 6.56 -14.00 -26.38
N GLU D 146 5.87 -15.14 -26.49
CA GLU D 146 5.67 -16.08 -25.38
C GLU D 146 6.21 -17.48 -25.71
N TRP D 147 5.56 -18.20 -26.63
CA TRP D 147 5.98 -19.56 -27.03
C TRP D 147 7.07 -19.59 -28.12
N THR D 148 7.04 -20.60 -28.99
CA THR D 148 8.11 -20.85 -29.96
C THR D 148 8.02 -20.01 -31.26
N TRP D 149 9.18 -19.67 -31.84
CA TRP D 149 9.28 -18.87 -33.06
C TRP D 149 9.76 -19.66 -34.29
N TRP D 150 8.99 -19.58 -35.38
CA TRP D 150 9.36 -20.11 -36.69
C TRP D 150 9.37 -18.98 -37.71
N THR D 151 10.40 -18.95 -38.55
CA THR D 151 10.55 -17.92 -39.59
C THR D 151 10.03 -18.42 -40.95
N PRO D 152 9.95 -17.52 -41.97
CA PRO D 152 9.57 -17.95 -43.32
C PRO D 152 10.49 -19.02 -43.91
N GLN D 153 11.81 -18.87 -43.67
CA GLN D 153 12.81 -19.83 -44.17
C GLN D 153 12.84 -21.14 -43.40
N GLU D 154 12.55 -21.08 -42.10
CA GLU D 154 12.45 -22.28 -41.24
C GLU D 154 11.26 -23.14 -41.61
N ILE D 155 10.11 -22.50 -41.82
CA ILE D 155 8.88 -23.19 -42.17
C ILE D 155 8.95 -23.78 -43.59
N LEU D 156 9.78 -23.17 -44.43
CA LEU D 156 10.01 -23.66 -45.79
C LEU D 156 10.83 -24.96 -45.77
N ARG D 157 11.93 -24.96 -45.03
CA ARG D 157 12.81 -26.13 -45.02
C ARG D 157 12.31 -27.27 -44.11
N PHE D 158 11.44 -26.96 -43.14
CA PHE D 158 10.79 -28.01 -42.35
C PHE D 158 9.78 -28.80 -43.18
N MET D 159 8.97 -28.07 -43.97
CA MET D 159 7.96 -28.70 -44.82
C MET D 159 8.59 -29.55 -45.93
N ARG D 160 9.80 -29.18 -46.35
CA ARG D 160 10.52 -29.88 -47.42
C ARG D 160 11.02 -31.27 -47.04
N GLU D 161 11.40 -31.45 -45.77
CA GLU D 161 12.14 -32.64 -45.33
C GLU D 161 11.50 -33.47 -44.23
N ASN D 162 10.57 -32.87 -43.48
CA ASN D 162 10.07 -33.49 -42.25
C ASN D 162 8.55 -33.73 -42.17
N ALA D 163 7.76 -32.95 -42.91
CA ALA D 163 6.32 -33.19 -43.03
C ALA D 163 6.02 -34.32 -44.02
N GLY D 164 7.06 -35.03 -44.45
CA GLY D 164 6.94 -36.19 -45.31
C GLY D 164 6.51 -37.45 -44.58
N SER D 165 6.96 -37.59 -43.33
CA SER D 165 6.67 -38.81 -42.56
C SER D 165 5.64 -38.61 -41.43
N ILE D 166 4.61 -37.79 -41.69
CA ILE D 166 3.53 -37.56 -40.73
C ILE D 166 2.22 -38.17 -41.26
N ASN D 167 1.55 -38.98 -40.44
CA ASN D 167 0.31 -39.64 -40.84
C ASN D 167 -0.98 -38.91 -40.41
N ALA D 168 -1.25 -37.80 -41.08
CA ALA D 168 -2.45 -36.97 -40.89
C ALA D 168 -2.44 -35.88 -41.97
N ARG D 169 -3.42 -34.99 -41.95
CA ARG D 169 -3.39 -33.82 -42.84
C ARG D 169 -2.54 -32.70 -42.23
N VAL D 170 -1.47 -32.32 -42.92
CA VAL D 170 -0.52 -31.31 -42.41
C VAL D 170 -1.09 -29.87 -42.55
N ILE D 171 -1.20 -29.17 -41.42
CA ILE D 171 -1.65 -27.77 -41.37
C ILE D 171 -0.47 -26.79 -41.28
N ALA D 172 -0.39 -25.87 -42.23
CA ALA D 172 0.66 -24.86 -42.26
C ALA D 172 0.14 -23.49 -42.70
N PRO D 173 0.71 -22.39 -42.15
CA PRO D 173 1.64 -22.32 -41.03
C PRO D 173 0.99 -21.72 -39.78
N GLU D 174 -0.34 -21.61 -39.81
CA GLU D 174 -1.15 -20.92 -38.80
C GLU D 174 -0.64 -19.52 -38.43
N SER D 175 -0.68 -18.62 -39.41
CA SER D 175 -0.36 -17.21 -39.22
C SER D 175 -1.42 -16.51 -38.34
N PHE D 176 -1.00 -15.52 -37.54
CA PHE D 176 -1.91 -14.87 -36.60
C PHE D 176 -2.77 -13.77 -37.24
N GLN D 177 -2.30 -13.24 -38.35
CA GLN D 177 -2.95 -12.10 -39.03
C GLN D 177 -3.10 -12.32 -40.54
N TYR D 178 -2.91 -13.56 -40.98
CA TYR D 178 -2.92 -13.95 -42.41
C TYR D 178 -1.85 -13.17 -43.17
N LEU D 179 -0.70 -12.98 -42.53
CA LEU D 179 0.46 -12.37 -43.17
C LEU D 179 0.99 -13.36 -44.22
N LYS D 180 1.14 -12.88 -45.44
CA LYS D 180 1.38 -13.75 -46.59
C LYS D 180 2.79 -14.34 -46.65
N ASN D 181 3.74 -13.68 -45.99
CA ASN D 181 5.15 -14.08 -46.03
C ASN D 181 5.46 -15.47 -45.45
N LEU D 182 4.53 -15.98 -44.64
CA LEU D 182 4.62 -17.32 -44.04
C LEU D 182 4.03 -18.41 -44.94
N SER D 183 3.08 -18.01 -45.80
CA SER D 183 2.44 -18.91 -46.77
C SER D 183 3.07 -18.82 -48.16
N ASP D 184 3.98 -17.86 -48.33
CA ASP D 184 4.68 -17.69 -49.61
C ASP D 184 5.91 -18.60 -49.82
N PRO D 185 6.56 -19.06 -48.72
CA PRO D 185 7.64 -20.04 -48.88
C PRO D 185 7.12 -21.45 -49.19
N ILE D 186 5.81 -21.66 -49.00
CA ILE D 186 5.18 -22.97 -49.17
C ILE D 186 4.53 -23.15 -50.56
N LEU D 187 3.60 -22.25 -50.91
CA LEU D 187 2.83 -22.35 -52.15
C LEU D 187 3.68 -22.27 -53.43
N ASN D 188 4.85 -21.65 -53.30
CA ASN D 188 5.78 -21.50 -54.42
C ASN D 188 6.60 -22.76 -54.71
N ASP D 189 7.39 -23.18 -53.72
CA ASP D 189 8.26 -24.36 -53.84
C ASP D 189 7.43 -25.65 -53.87
N PRO D 190 7.32 -26.28 -55.07
CA PRO D 190 6.38 -27.37 -55.33
C PRO D 190 6.76 -28.71 -54.68
N GLN D 191 7.63 -28.66 -53.67
CA GLN D 191 8.01 -29.84 -52.89
C GLN D 191 7.58 -29.68 -51.42
N ALA D 192 7.30 -28.43 -51.03
CA ALA D 192 6.78 -28.12 -49.70
C ALA D 192 5.24 -28.04 -49.69
N LEU D 193 4.66 -27.91 -50.87
CA LEU D 193 3.21 -27.86 -51.05
C LEU D 193 2.62 -29.28 -51.10
N ALA D 194 3.42 -30.22 -51.61
CA ALA D 194 3.09 -31.64 -51.61
C ALA D 194 2.86 -32.17 -50.20
N ASN D 195 3.67 -31.70 -49.26
CA ASN D 195 3.58 -32.07 -47.85
C ASN D 195 2.56 -31.27 -47.05
N MET D 196 1.79 -30.42 -47.74
CA MET D 196 0.72 -29.65 -47.11
C MET D 196 -0.65 -30.10 -47.64
N ASP D 197 -1.58 -30.34 -46.72
CA ASP D 197 -2.96 -30.67 -47.08
C ASP D 197 -3.93 -29.55 -46.72
N ILE D 198 -3.51 -28.63 -45.84
CA ILE D 198 -4.38 -27.57 -45.30
C ILE D 198 -3.62 -26.26 -45.01
N LEU D 199 -4.00 -25.18 -45.70
CA LEU D 199 -3.46 -23.86 -45.40
C LEU D 199 -4.21 -23.27 -44.20
N GLY D 200 -3.50 -23.14 -43.09
CA GLY D 200 -4.09 -22.66 -41.84
C GLY D 200 -3.73 -21.24 -41.47
N THR D 201 -4.67 -20.56 -40.80
CA THR D 201 -4.49 -19.17 -40.37
C THR D 201 -5.53 -18.73 -39.34
N HIS D 202 -5.18 -17.68 -38.61
CA HIS D 202 -6.11 -16.95 -37.74
C HIS D 202 -6.36 -15.57 -38.36
N LEU D 203 -7.22 -14.77 -37.72
CA LEU D 203 -7.63 -13.47 -38.27
C LEU D 203 -7.63 -12.34 -37.24
N TYR D 204 -6.59 -12.30 -36.40
CA TYR D 204 -6.40 -11.22 -35.43
C TYR D 204 -5.68 -10.02 -36.05
N GLY D 205 -6.41 -8.93 -36.26
CA GLY D 205 -5.85 -7.72 -36.90
C GLY D 205 -6.05 -7.66 -38.40
N THR D 206 -6.37 -8.80 -39.00
CA THR D 206 -6.59 -8.93 -40.44
C THR D 206 -7.81 -8.17 -40.92
N GLN D 207 -7.61 -7.31 -41.91
CA GLN D 207 -8.71 -6.56 -42.52
C GLN D 207 -9.36 -7.36 -43.64
N VAL D 208 -10.67 -7.16 -43.80
CA VAL D 208 -11.44 -7.80 -44.88
C VAL D 208 -10.71 -7.72 -46.23
N SER D 209 -9.99 -6.62 -46.45
CA SER D 209 -9.22 -6.38 -47.68
C SER D 209 -7.99 -7.28 -47.81
N GLN D 210 -7.75 -8.10 -46.80
CA GLN D 210 -6.62 -9.04 -46.80
C GLN D 210 -7.12 -10.48 -46.71
N PHE D 211 -8.45 -10.63 -46.64
CA PHE D 211 -9.09 -11.94 -46.45
C PHE D 211 -8.88 -12.92 -47.59
N PRO D 212 -8.98 -12.44 -48.87
CA PRO D 212 -8.66 -13.32 -50.02
C PRO D 212 -7.16 -13.56 -50.18
N TYR D 213 -6.81 -14.34 -51.21
CA TYR D 213 -5.42 -14.70 -51.49
C TYR D 213 -5.25 -14.95 -52.99
N PRO D 214 -4.36 -14.19 -53.66
CA PRO D 214 -4.12 -14.45 -55.09
C PRO D 214 -3.15 -15.63 -55.33
N LEU D 215 -2.35 -15.98 -54.33
CA LEU D 215 -1.38 -17.07 -54.44
C LEU D 215 -2.01 -18.45 -54.18
N PHE D 216 -2.94 -18.50 -53.22
CA PHE D 216 -3.73 -19.71 -52.98
C PHE D 216 -4.64 -20.06 -54.17
N LYS D 217 -5.22 -19.04 -54.80
CA LYS D 217 -6.08 -19.24 -55.96
C LYS D 217 -5.30 -19.58 -57.24
N GLN D 218 -3.97 -19.44 -57.18
CA GLN D 218 -3.10 -19.78 -58.31
C GLN D 218 -2.39 -21.12 -58.10
N LYS D 219 -1.79 -21.29 -56.92
CA LYS D 219 -0.98 -22.45 -56.62
C LYS D 219 -1.56 -23.35 -55.52
N GLY D 220 -2.64 -22.90 -54.89
CA GLY D 220 -3.26 -23.66 -53.80
C GLY D 220 -4.49 -24.44 -54.20
N ALA D 221 -4.55 -24.84 -55.46
CA ALA D 221 -5.66 -25.62 -56.00
C ALA D 221 -5.53 -27.10 -55.63
N GLY D 222 -6.57 -27.63 -54.99
CA GLY D 222 -6.59 -29.03 -54.56
C GLY D 222 -6.25 -29.17 -53.08
N LYS D 223 -5.97 -28.03 -52.44
CA LYS D 223 -5.62 -28.00 -51.02
C LYS D 223 -6.77 -27.39 -50.23
N ASP D 224 -6.70 -27.56 -48.90
CA ASP D 224 -7.68 -26.96 -47.99
C ASP D 224 -7.22 -25.56 -47.57
N LEU D 225 -8.19 -24.78 -47.08
CA LEU D 225 -7.93 -23.46 -46.55
C LEU D 225 -8.77 -23.27 -45.28
N TRP D 226 -8.11 -23.26 -44.13
CA TRP D 226 -8.82 -23.28 -42.85
C TRP D 226 -8.63 -22.01 -42.00
N MET D 227 -9.64 -21.72 -41.19
CA MET D 227 -9.56 -20.63 -40.21
C MET D 227 -9.57 -21.28 -38.81
N THR D 228 -8.40 -21.36 -38.20
CA THR D 228 -8.14 -22.31 -37.10
C THR D 228 -8.26 -21.77 -35.66
N GLU D 229 -8.23 -20.43 -35.51
CA GLU D 229 -8.43 -19.77 -34.22
C GLU D 229 -8.83 -18.32 -34.43
N VAL D 230 -9.88 -17.87 -33.72
CA VAL D 230 -10.20 -16.44 -33.60
C VAL D 230 -11.29 -16.14 -32.54
N TYR D 231 -11.27 -14.91 -32.02
CA TYR D 231 -12.39 -14.36 -31.27
C TYR D 231 -12.69 -12.98 -31.82
N TYR D 232 -13.96 -12.58 -31.78
CA TYR D 232 -14.42 -11.37 -32.46
C TYR D 232 -15.75 -10.91 -31.85
N PRO D 233 -15.92 -9.59 -31.64
CA PRO D 233 -15.00 -8.49 -31.91
C PRO D 233 -13.94 -8.33 -30.84
N ASN D 234 -14.18 -8.90 -29.67
CA ASN D 234 -13.25 -8.77 -28.57
C ASN D 234 -13.40 -9.89 -27.57
N SER D 235 -12.54 -9.85 -26.55
CA SER D 235 -12.61 -10.73 -25.41
C SER D 235 -12.84 -9.92 -24.13
N ASP D 236 -13.84 -9.04 -24.16
CA ASP D 236 -14.26 -8.29 -22.97
C ASP D 236 -14.96 -9.26 -22.02
N THR D 237 -14.55 -9.23 -20.74
CA THR D 237 -15.18 -10.04 -19.70
C THR D 237 -16.70 -9.94 -19.85
N ASN D 238 -17.36 -11.08 -20.06
CA ASN D 238 -18.84 -11.17 -20.16
C ASN D 238 -19.46 -10.36 -21.32
N SER D 239 -18.77 -10.32 -22.46
CA SER D 239 -19.31 -9.63 -23.63
C SER D 239 -20.20 -10.50 -24.52
N ALA D 240 -20.29 -11.79 -24.20
CA ALA D 240 -20.87 -12.79 -25.09
C ALA D 240 -22.37 -12.63 -25.39
N ASP D 241 -23.14 -12.23 -24.37
CA ASP D 241 -24.59 -12.00 -24.49
C ASP D 241 -24.94 -10.53 -24.70
N ARG D 242 -24.28 -9.90 -25.66
CA ARG D 242 -24.58 -8.51 -26.03
C ARG D 242 -25.24 -8.37 -27.40
N TRP D 243 -25.78 -7.19 -27.66
CA TRP D 243 -26.56 -6.89 -28.86
C TRP D 243 -26.67 -5.36 -28.92
N PRO D 244 -26.31 -4.74 -30.06
CA PRO D 244 -26.00 -5.32 -31.38
C PRO D 244 -24.56 -5.81 -31.55
N GLU D 245 -23.79 -5.83 -30.47
CA GLU D 245 -22.37 -6.17 -30.52
C GLU D 245 -22.08 -7.58 -31.08
N ALA D 246 -23.03 -8.51 -30.91
CA ALA D 246 -22.80 -9.91 -31.31
C ALA D 246 -23.01 -10.20 -32.80
N LEU D 247 -23.56 -9.25 -33.55
CA LEU D 247 -23.75 -9.43 -35.00
C LEU D 247 -22.46 -9.22 -35.75
N ASP D 248 -21.45 -8.66 -35.06
CA ASP D 248 -20.07 -8.60 -35.54
C ASP D 248 -19.50 -10.00 -35.78
N VAL D 249 -19.86 -10.94 -34.90
CA VAL D 249 -19.45 -12.34 -35.01
C VAL D 249 -19.86 -12.97 -36.35
N SER D 250 -21.15 -12.92 -36.67
CA SER D 250 -21.67 -13.50 -37.93
C SER D 250 -21.31 -12.65 -39.16
N GLN D 251 -20.97 -11.38 -38.95
CA GLN D 251 -20.40 -10.52 -39.99
C GLN D 251 -19.01 -11.02 -40.35
N HIS D 252 -18.29 -11.51 -39.34
CA HIS D 252 -16.94 -12.03 -39.53
C HIS D 252 -16.91 -13.40 -40.23
N ILE D 253 -17.93 -14.21 -39.99
CA ILE D 253 -18.04 -15.54 -40.60
C ILE D 253 -18.39 -15.39 -42.09
N HIS D 254 -19.36 -14.52 -42.38
CA HIS D 254 -19.67 -14.11 -43.74
C HIS D 254 -18.38 -13.63 -44.41
N ASN D 255 -17.63 -12.79 -43.71
CA ASN D 255 -16.38 -12.26 -44.23
C ASN D 255 -15.36 -13.34 -44.51
N ALA D 256 -15.26 -14.33 -43.63
CA ALA D 256 -14.37 -15.46 -43.84
C ALA D 256 -14.89 -16.34 -44.99
N MET D 257 -16.18 -16.66 -44.97
CA MET D 257 -16.80 -17.51 -45.99
C MET D 257 -16.83 -16.93 -47.41
N VAL D 258 -17.17 -15.65 -47.53
CA VAL D 258 -17.38 -15.02 -48.85
C VAL D 258 -16.09 -14.39 -49.40
N GLU D 259 -15.45 -13.54 -48.59
CA GLU D 259 -14.27 -12.80 -49.03
C GLU D 259 -13.01 -13.67 -48.99
N GLY D 260 -12.89 -14.49 -47.96
CA GLY D 260 -11.69 -15.29 -47.73
C GLY D 260 -11.81 -16.77 -48.09
N ASP D 261 -12.90 -17.12 -48.79
CA ASP D 261 -13.16 -18.50 -49.25
C ASP D 261 -12.67 -19.60 -48.30
N PHE D 262 -12.91 -19.43 -47.01
CA PHE D 262 -12.50 -20.41 -46.01
C PHE D 262 -13.44 -21.59 -45.99
N GLN D 263 -12.86 -22.77 -45.76
CA GLN D 263 -13.62 -24.02 -45.74
C GLN D 263 -13.97 -24.45 -44.32
N ALA D 264 -13.30 -23.85 -43.34
CA ALA D 264 -13.55 -24.14 -41.93
C ALA D 264 -13.30 -22.89 -41.09
N TYR D 265 -14.11 -22.70 -40.04
CA TYR D 265 -14.03 -21.52 -39.17
C TYR D 265 -14.08 -21.94 -37.69
N VAL D 266 -12.91 -21.93 -37.04
CA VAL D 266 -12.75 -22.39 -35.66
C VAL D 266 -12.54 -21.22 -34.70
N TRP D 267 -13.46 -21.09 -33.73
CA TRP D 267 -13.39 -20.09 -32.68
C TRP D 267 -12.31 -20.48 -31.65
N TRP D 268 -11.87 -19.51 -30.86
CA TRP D 268 -11.06 -19.77 -29.65
C TRP D 268 -11.86 -20.59 -28.61
N TYR D 269 -11.64 -20.33 -27.31
CA TYR D 269 -12.34 -21.03 -26.23
C TYR D 269 -13.86 -21.15 -26.46
N ILE D 270 -14.37 -22.38 -26.47
CA ILE D 270 -15.82 -22.60 -26.62
C ILE D 270 -16.60 -22.09 -25.41
N ARG D 271 -16.16 -22.47 -24.20
CA ARG D 271 -16.81 -22.03 -22.98
C ARG D 271 -15.97 -20.99 -22.24
N ARG D 272 -16.53 -19.78 -22.12
CA ARG D 272 -15.85 -18.59 -21.61
C ARG D 272 -16.80 -17.41 -21.65
N SER D 273 -16.54 -16.41 -20.79
CA SER D 273 -17.33 -15.17 -20.70
C SER D 273 -17.49 -14.40 -22.04
N TYR D 274 -16.61 -14.69 -22.99
CA TYR D 274 -16.64 -14.04 -24.30
C TYR D 274 -16.85 -15.01 -25.48
N GLY D 275 -17.16 -16.27 -25.17
CA GLY D 275 -17.29 -17.31 -26.20
C GLY D 275 -18.71 -17.71 -26.60
N PRO D 276 -18.85 -18.75 -27.44
CA PRO D 276 -20.19 -19.22 -27.85
C PRO D 276 -21.02 -19.77 -26.69
N MET D 277 -20.33 -20.28 -25.67
CA MET D 277 -20.97 -20.86 -24.49
C MET D 277 -20.66 -20.00 -23.26
N LYS D 278 -21.71 -19.60 -22.55
CA LYS D 278 -21.54 -18.91 -21.27
C LYS D 278 -20.92 -19.86 -20.24
N GLU D 279 -20.32 -19.30 -19.20
CA GLU D 279 -19.60 -20.09 -18.19
C GLU D 279 -20.50 -21.00 -17.35
N ASP D 280 -21.80 -20.70 -17.29
CA ASP D 280 -22.77 -21.60 -16.65
C ASP D 280 -23.28 -22.72 -17.58
N GLY D 281 -23.03 -22.59 -18.88
CA GLY D 281 -23.31 -23.67 -19.84
C GLY D 281 -24.35 -23.37 -20.90
N THR D 282 -25.11 -22.29 -20.73
CA THR D 282 -26.13 -21.90 -21.70
C THR D 282 -25.52 -21.28 -22.96
N ILE D 283 -26.24 -21.37 -24.08
CA ILE D 283 -25.76 -20.82 -25.36
C ILE D 283 -25.85 -19.28 -25.36
N SER D 284 -24.70 -18.65 -25.58
CA SER D 284 -24.59 -17.19 -25.59
C SER D 284 -25.08 -16.63 -26.92
N LYS D 285 -25.27 -15.30 -26.95
CA LYS D 285 -25.75 -14.57 -28.13
C LYS D 285 -24.80 -14.79 -29.30
N ARG D 286 -23.51 -14.64 -29.04
CA ARG D 286 -22.47 -14.89 -30.05
C ARG D 286 -22.50 -16.35 -30.50
N GLY D 287 -22.92 -17.23 -29.59
CA GLY D 287 -23.15 -18.65 -29.90
C GLY D 287 -24.19 -18.89 -30.97
N TYR D 288 -25.36 -18.24 -30.86
CA TYR D 288 -26.41 -18.37 -31.88
C TYR D 288 -25.97 -17.80 -33.21
N ASN D 289 -25.19 -16.71 -33.15
CA ASN D 289 -24.58 -16.11 -34.34
C ASN D 289 -23.70 -17.12 -35.11
N MET D 290 -22.92 -17.91 -34.35
CA MET D 290 -22.14 -19.03 -34.89
C MET D 290 -23.07 -20.15 -35.34
N ALA D 291 -24.10 -20.42 -34.53
CA ALA D 291 -25.07 -21.48 -34.80
C ALA D 291 -25.85 -21.27 -36.10
N HIS D 292 -26.06 -20.00 -36.47
CA HIS D 292 -26.77 -19.66 -37.71
C HIS D 292 -26.03 -20.15 -38.94
N PHE D 293 -24.77 -20.52 -38.76
CA PHE D 293 -23.99 -21.23 -39.77
C PHE D 293 -23.84 -22.69 -39.36
N SER D 294 -23.32 -22.88 -38.15
CA SER D 294 -23.00 -24.19 -37.58
C SER D 294 -24.11 -25.23 -37.73
N LYS D 295 -25.33 -24.84 -37.41
CA LYS D 295 -26.48 -25.76 -37.45
C LYS D 295 -27.04 -25.99 -38.87
N PHE D 296 -26.57 -25.23 -39.85
CA PHE D 296 -27.20 -25.24 -41.17
C PHE D 296 -26.28 -25.62 -42.33
N VAL D 297 -24.98 -25.37 -42.16
CA VAL D 297 -23.98 -25.74 -43.16
C VAL D 297 -23.10 -26.85 -42.57
N ARG D 298 -23.12 -28.01 -43.24
CA ARG D 298 -22.55 -29.26 -42.73
C ARG D 298 -21.29 -29.67 -43.52
N PRO D 299 -20.47 -30.59 -42.97
CA PRO D 299 -19.36 -31.18 -43.73
C PRO D 299 -19.85 -31.94 -44.98
N GLY D 300 -19.83 -31.25 -46.12
CA GLY D 300 -20.36 -31.77 -47.38
C GLY D 300 -21.07 -30.71 -48.20
N TYR D 301 -21.24 -29.54 -47.58
CA TYR D 301 -21.96 -28.42 -48.19
C TYR D 301 -21.08 -27.51 -49.02
N VAL D 302 -21.45 -27.33 -50.28
CA VAL D 302 -20.76 -26.42 -51.19
C VAL D 302 -21.27 -24.99 -50.95
N ARG D 303 -20.39 -24.00 -51.09
CA ARG D 303 -20.82 -22.60 -51.13
C ARG D 303 -21.22 -22.17 -52.55
N ILE D 304 -22.41 -21.60 -52.68
CA ILE D 304 -22.84 -21.03 -53.96
C ILE D 304 -22.81 -19.50 -53.91
N ASP D 305 -22.52 -18.90 -55.05
CA ASP D 305 -22.42 -17.44 -55.19
C ASP D 305 -23.74 -16.72 -54.85
N ALA D 306 -23.63 -15.64 -54.08
CA ALA D 306 -24.78 -14.79 -53.73
C ALA D 306 -24.31 -13.35 -53.50
N THR D 307 -25.13 -12.39 -53.92
CA THR D 307 -24.79 -10.96 -53.80
C THR D 307 -24.45 -10.57 -52.36
N LYS D 308 -23.21 -10.12 -52.16
CA LYS D 308 -22.61 -10.00 -50.82
C LYS D 308 -23.03 -8.77 -50.01
N ASN D 309 -23.45 -7.72 -50.70
CA ASN D 309 -23.80 -6.46 -50.05
C ASN D 309 -24.91 -5.77 -50.82
N PRO D 310 -26.18 -6.11 -50.52
CA PRO D 310 -27.33 -5.60 -51.28
C PRO D 310 -27.72 -4.16 -50.86
N ASN D 311 -28.07 -3.98 -49.60
CA ASN D 311 -28.27 -2.66 -49.02
C ASN D 311 -27.26 -2.38 -47.89
N ALA D 312 -27.14 -1.12 -47.51
CA ALA D 312 -26.17 -0.70 -46.51
C ALA D 312 -26.30 -1.50 -45.21
N ASN D 313 -25.17 -2.06 -44.77
CA ASN D 313 -25.08 -2.84 -43.52
C ASN D 313 -25.81 -4.19 -43.57
N VAL D 314 -26.08 -4.67 -44.79
CA VAL D 314 -26.69 -5.98 -45.01
C VAL D 314 -25.68 -6.93 -45.66
N TYR D 315 -25.64 -8.17 -45.18
CA TYR D 315 -24.63 -9.14 -45.59
C TYR D 315 -25.23 -10.53 -45.80
N VAL D 316 -25.29 -10.97 -47.05
CA VAL D 316 -25.96 -12.22 -47.42
C VAL D 316 -24.96 -13.28 -47.90
N SER D 317 -25.22 -14.54 -47.54
CA SER D 317 -24.41 -15.68 -47.97
C SER D 317 -25.32 -16.85 -48.33
N ALA D 318 -24.88 -17.70 -49.24
CA ALA D 318 -25.67 -18.84 -49.69
C ALA D 318 -24.84 -20.13 -49.70
N TYR D 319 -25.52 -21.26 -49.58
CA TYR D 319 -24.87 -22.58 -49.48
C TYR D 319 -25.74 -23.69 -50.07
N LYS D 320 -25.13 -24.56 -50.87
CA LYS D 320 -25.82 -25.75 -51.40
C LYS D 320 -25.41 -27.01 -50.62
N GLY D 321 -26.24 -28.04 -50.71
CA GLY D 321 -25.98 -29.30 -50.04
C GLY D 321 -27.27 -30.00 -49.63
N ASP D 322 -27.30 -31.32 -49.86
CA ASP D 322 -28.44 -32.18 -49.49
C ASP D 322 -29.68 -31.82 -50.31
N ASN D 323 -29.47 -31.52 -51.60
CA ASN D 323 -30.54 -31.11 -52.52
C ASN D 323 -31.34 -29.88 -52.01
N LYS D 324 -30.68 -29.05 -51.20
CA LYS D 324 -31.31 -27.89 -50.56
C LYS D 324 -30.36 -26.69 -50.51
N VAL D 325 -30.93 -25.50 -50.27
CA VAL D 325 -30.16 -24.25 -50.18
C VAL D 325 -30.36 -23.58 -48.82
N VAL D 326 -29.26 -23.15 -48.21
CA VAL D 326 -29.26 -22.40 -46.95
C VAL D 326 -28.88 -20.94 -47.24
N ILE D 327 -29.67 -20.00 -46.75
CA ILE D 327 -29.34 -18.57 -46.89
C ILE D 327 -29.19 -17.89 -45.54
N VAL D 328 -27.99 -17.38 -45.26
CA VAL D 328 -27.76 -16.58 -44.06
C VAL D 328 -27.72 -15.11 -44.45
N ALA D 329 -28.65 -14.33 -43.90
CA ALA D 329 -28.74 -12.89 -44.19
C ALA D 329 -28.72 -12.05 -42.91
N ILE D 330 -27.68 -11.21 -42.79
CA ILE D 330 -27.38 -10.44 -41.58
C ILE D 330 -27.67 -8.94 -41.70
N ASN D 331 -28.72 -8.47 -41.03
CA ASN D 331 -29.02 -7.04 -40.96
C ASN D 331 -28.45 -6.38 -39.71
N LYS D 332 -27.89 -5.18 -39.87
CA LYS D 332 -27.31 -4.42 -38.75
C LYS D 332 -27.88 -2.98 -38.68
N GLY D 336 -34.25 -1.51 -40.92
CA GLY D 336 -34.79 -2.83 -41.26
C GLY D 336 -35.56 -2.85 -42.57
N VAL D 337 -34.87 -3.18 -43.65
CA VAL D 337 -35.47 -3.19 -45.00
C VAL D 337 -35.81 -4.59 -45.53
N ASN D 338 -36.88 -4.65 -46.33
CA ASN D 338 -37.34 -5.88 -46.96
C ASN D 338 -36.47 -6.27 -48.15
N GLN D 339 -36.41 -7.57 -48.44
CA GLN D 339 -35.44 -8.11 -49.41
C GLN D 339 -36.07 -9.11 -50.37
N ASN D 340 -35.62 -9.09 -51.63
CA ASN D 340 -36.07 -10.05 -52.65
C ASN D 340 -34.97 -11.09 -52.95
N PHE D 341 -35.30 -12.36 -52.78
CA PHE D 341 -34.37 -13.47 -52.95
C PHE D 341 -34.65 -14.23 -54.25
N VAL D 342 -33.65 -14.37 -55.11
CA VAL D 342 -33.85 -15.03 -56.42
C VAL D 342 -32.97 -16.27 -56.65
N LEU D 343 -33.62 -17.36 -57.09
CA LEU D 343 -32.96 -18.63 -57.38
C LEU D 343 -32.86 -18.85 -58.89
N GLN D 344 -31.70 -19.32 -59.36
CA GLN D 344 -31.45 -19.54 -60.79
C GLN D 344 -32.29 -20.68 -61.36
N TRP D 354 -36.04 -18.82 -38.65
CA TRP D 354 -35.29 -18.74 -37.39
C TRP D 354 -34.45 -17.46 -37.36
N ILE D 355 -34.86 -16.51 -36.53
CA ILE D 355 -34.23 -15.19 -36.49
C ILE D 355 -33.75 -14.85 -35.08
N THR D 356 -32.44 -14.80 -34.90
CA THR D 356 -31.87 -14.30 -33.65
C THR D 356 -31.82 -12.77 -33.69
N SER D 357 -32.49 -12.14 -32.73
CA SER D 357 -32.52 -10.68 -32.61
C SER D 357 -32.27 -10.25 -31.17
N SER D 358 -32.87 -9.12 -30.76
CA SER D 358 -32.68 -8.59 -29.41
C SER D 358 -33.34 -9.44 -28.32
N SER D 359 -34.61 -9.81 -28.54
CA SER D 359 -35.34 -10.66 -27.60
C SER D 359 -35.79 -11.99 -28.24
N SER D 360 -34.94 -12.51 -29.13
CA SER D 360 -35.17 -13.81 -29.77
C SER D 360 -33.84 -14.54 -29.99
N ASN D 361 -33.83 -15.85 -29.71
CA ASN D 361 -32.65 -16.68 -29.95
C ASN D 361 -32.99 -17.87 -30.84
N LEU D 362 -32.74 -17.73 -32.14
CA LEU D 362 -32.97 -18.79 -33.12
C LEU D 362 -34.45 -19.22 -33.23
N GLN D 363 -35.35 -18.38 -32.70
CA GLN D 363 -36.79 -18.68 -32.63
C GLN D 363 -37.41 -18.71 -34.04
N PRO D 364 -38.13 -19.80 -34.36
CA PRO D 364 -38.67 -20.06 -35.71
C PRO D 364 -39.58 -18.95 -36.26
N GLY D 365 -39.20 -18.38 -37.40
CA GLY D 365 -39.89 -17.21 -37.95
C GLY D 365 -41.02 -17.50 -38.92
N THR D 366 -41.72 -16.45 -39.33
CA THR D 366 -42.84 -16.55 -40.28
C THR D 366 -42.37 -17.04 -41.65
N ASN D 367 -43.18 -17.90 -42.27
CA ASN D 367 -42.84 -18.53 -43.55
C ASN D 367 -42.91 -17.58 -44.75
N HIS D 374 -38.64 -17.16 -56.82
CA HIS D 374 -38.07 -16.00 -56.15
C HIS D 374 -39.05 -15.38 -55.15
N PHE D 375 -38.54 -15.00 -53.99
CA PHE D 375 -39.38 -14.57 -52.87
C PHE D 375 -38.91 -13.33 -52.08
N TRP D 376 -39.86 -12.68 -51.41
CA TRP D 376 -39.61 -11.55 -50.50
C TRP D 376 -39.53 -12.03 -49.05
N ALA D 377 -38.78 -11.31 -48.22
CA ALA D 377 -38.73 -11.57 -46.78
C ALA D 377 -38.25 -10.35 -46.00
N HIS D 378 -39.02 -9.97 -44.99
CA HIS D 378 -38.70 -8.82 -44.12
C HIS D 378 -37.47 -9.12 -43.27
N LEU D 379 -36.48 -8.22 -43.33
CA LEU D 379 -35.26 -8.33 -42.51
C LEU D 379 -35.22 -7.27 -41.40
N PRO D 380 -35.53 -7.66 -40.15
CA PRO D 380 -35.63 -6.76 -38.98
C PRO D 380 -34.35 -6.01 -38.62
N ALA D 381 -34.50 -4.86 -37.95
CA ALA D 381 -33.38 -4.01 -37.56
C ALA D 381 -32.59 -4.63 -36.42
N GLN D 382 -31.28 -4.74 -36.62
CA GLN D 382 -30.37 -5.44 -35.70
C GLN D 382 -30.78 -6.90 -35.52
N SER D 383 -30.72 -7.68 -36.61
CA SER D 383 -31.19 -9.06 -36.64
C SER D 383 -30.32 -9.97 -37.51
N VAL D 384 -30.43 -11.28 -37.29
CA VAL D 384 -29.79 -12.28 -38.16
C VAL D 384 -30.73 -13.44 -38.46
N THR D 385 -30.91 -13.73 -39.75
CA THR D 385 -31.89 -14.70 -40.22
C THR D 385 -31.25 -15.80 -41.08
N THR D 386 -31.61 -17.06 -40.79
CA THR D 386 -31.19 -18.19 -41.61
C THR D 386 -32.40 -18.88 -42.26
N PHE D 387 -32.24 -19.25 -43.53
CA PHE D 387 -33.31 -19.80 -44.36
C PHE D 387 -33.10 -21.26 -44.76
N VAL D 388 -34.19 -21.93 -45.15
CA VAL D 388 -34.13 -23.25 -45.83
C VAL D 388 -35.08 -23.27 -47.05
N VAL D 389 -34.58 -23.73 -48.18
CA VAL D 389 -35.31 -23.68 -49.46
C VAL D 389 -35.40 -25.07 -50.12
N ASN D 390 -36.61 -25.43 -50.56
CA ASN D 390 -36.83 -26.67 -51.33
C ASN D 390 -36.92 -26.43 -52.84
N ARG D 391 -35.93 -26.95 -53.56
CA ARG D 391 -35.83 -26.81 -55.02
C ARG D 391 -36.94 -27.57 -55.73
O1 XYP E . 34.20 17.04 -3.54
C1 XYP E . 34.92 17.09 -2.31
C2 XYP E . 35.10 15.65 -1.78
C3 XYP E . 36.14 15.61 -0.66
C4 XYP E . 37.43 16.41 -1.01
C5 XYP E . 37.00 17.79 -1.43
O2 XYP E . 33.85 15.11 -1.32
O3 XYP E . 36.46 14.24 -0.33
O4 XYP E . 38.21 16.59 0.15
O5 XYP E . 36.17 17.74 -2.59
C1 XYP E . 39.62 16.32 0.07
C2 XYP E . 40.08 17.49 0.98
C3 XYP E . 41.32 17.19 1.87
C4 XYP E . 41.35 15.72 2.37
C5 XYP E . 41.17 14.74 1.20
O2 XYP E . 40.17 18.66 0.09
O3 XYP E . 41.29 18.06 3.01
O4 XYP E . 42.56 15.40 3.05
O5 XYP E . 39.84 14.97 0.61
C7 GCV E . 42.42 24.16 0.17
C1 GCV E . 39.28 19.73 0.51
C2 GCV E . 39.13 20.79 -0.59
C3 GCV E . 40.45 21.59 -0.79
C4 GCV E . 41.00 22.20 0.52
C5 GCV E . 40.98 21.13 1.65
C6 GCV E . 41.34 21.65 3.06
O2 GCV E . 38.71 20.16 -1.80
O3 GCV E . 40.25 22.62 -1.78
O4 GCV E . 42.36 22.73 0.44
O5 GCV E . 39.70 20.40 1.74
O6A GCV E . 40.90 22.75 3.42
O6B GCV E . 42.04 20.90 3.76
O1 XYP F . -2.03 20.99 26.60
C1 XYP F . -3.10 21.92 26.75
C2 XYP F . -2.42 23.12 27.33
C3 XYP F . -3.53 24.09 27.72
C4 XYP F . -4.38 24.43 26.46
C5 XYP F . -4.89 23.15 25.79
O2 XYP F . -1.60 22.72 28.43
O3 XYP F . -2.95 25.26 28.29
O4 XYP F . -5.58 25.10 26.75
O5 XYP F . -3.79 22.28 25.52
C1 XYP F . -5.69 26.51 26.59
C2 XYP F . -7.18 26.56 26.92
C3 XYP F . -7.71 27.92 27.36
C4 XYP F . -6.75 28.58 28.34
C5 XYP F . -5.32 28.58 27.80
O2 XYP F . -7.89 26.12 25.75
O3 XYP F . -9.00 27.78 27.97
O4 XYP F . -7.20 29.92 28.56
O5 XYP F . -4.85 27.23 27.53
C7 GCV F . -12.86 25.36 22.83
C1 GCV F . -8.55 24.86 25.97
C2 GCV F . -8.59 24.19 24.61
C3 GCV F . -9.42 25.03 23.63
C4 GCV F . -10.85 25.18 24.11
C5 GCV F . -10.68 25.84 25.49
C6 GCV F . -12.03 26.07 26.13
O2 GCV F . -7.25 24.09 24.15
O3 GCV F . -9.40 24.42 22.35
O4 GCV F . -11.63 26.01 23.24
O5 GCV F . -9.89 25.05 26.42
O6A GCV F . -12.46 27.24 26.15
O6B GCV F . -12.63 25.07 26.60
C1 XYP G . -21.70 -19.37 17.83
C2 XYP G . -22.18 -18.64 16.57
C3 XYP G . -22.45 -17.16 16.87
C4 XYP G . -23.58 -17.00 17.91
C5 XYP G . -23.04 -17.75 19.14
O2 XYP G . -21.21 -18.77 15.53
O3 XYP G . -22.78 -16.45 15.67
O4 XYP G . -23.91 -15.60 18.20
O5 XYP G . -22.62 -19.15 18.94
C1 XYP G . -25.34 -15.24 18.07
C2 XYP G . -25.68 -14.11 19.13
C3 XYP G . -26.96 -13.31 18.83
C4 XYP G . -27.00 -12.89 17.35
C5 XYP G . -26.99 -14.16 16.47
O2 XYP G . -25.83 -14.64 20.47
O3 XYP G . -27.03 -12.18 19.72
O4 XYP G . -28.15 -12.08 17.07
O5 XYP G . -25.75 -14.92 16.67
C7 GCV G . -27.68 -13.23 25.58
C1 GCV G . -24.66 -14.38 21.30
C2 GCV G . -24.52 -15.47 22.38
C3 GCV G . -25.70 -15.44 23.40
C4 GCV G . -26.00 -14.02 23.95
C5 GCV G . -25.87 -12.90 22.84
C6 GCV G . -25.76 -11.46 23.36
O2 GCV G . -24.40 -16.77 21.76
O3 GCV G . -25.42 -16.34 24.50
O4 GCV G . -27.31 -14.18 24.55
O5 GCV G . -24.72 -13.07 21.92
O6A GCV G . -24.66 -11.12 23.87
O6B GCV G . -26.74 -10.69 23.23
O1 XYP H . -4.03 -1.96 -15.50
C1 XYP H . -4.92 -3.07 -15.34
C2 XYP H . -6.29 -2.64 -14.79
C3 XYP H . -7.11 -3.88 -14.39
C4 XYP H . -7.39 -4.76 -15.66
C5 XYP H . -6.09 -4.90 -16.55
O2 XYP H . -6.19 -1.75 -13.68
O3 XYP H . -8.31 -3.44 -13.74
O4 XYP H . -7.98 -6.12 -15.43
O5 XYP H . -5.16 -3.76 -16.63
C1 XYP H . -9.43 -6.09 -15.06
C2 XYP H . -10.36 -7.27 -15.53
C3 XYP H . -11.75 -6.62 -15.42
C4 XYP H . -12.08 -6.38 -13.94
C5 XYP H . -10.98 -5.56 -13.22
O2 XYP H . -10.11 -7.94 -16.83
O3 XYP H . -12.76 -7.43 -16.05
O4 XYP H . -13.34 -5.71 -13.81
O5 XYP H . -9.61 -5.93 -13.60
C7 GCV H . -7.17 -13.24 -19.31
C1 GCV H . -9.30 -9.15 -16.60
C2 GCV H . -7.96 -8.98 -17.37
C3 GCV H . -7.80 -9.92 -18.59
C4 GCV H . -8.29 -11.34 -18.31
C5 GCV H . -9.77 -11.32 -17.87
C6 GCV H . -10.20 -12.76 -17.52
O2 GCV H . -7.81 -7.61 -17.79
O3 GCV H . -6.41 -9.95 -18.95
O4 GCV H . -8.13 -12.19 -19.50
O5 GCV H . -10.10 -10.40 -16.77
O6A GCV H . -11.01 -13.33 -18.28
O6B GCV H . -9.68 -13.32 -16.53
#